data_2LEC
#
_entry.id   2LEC
#
loop_
_entity.id
_entity.type
_entity.pdbx_description
1 polymer 'Serine/arginine-rich splicing factor 2'
2 polymer "RNA (5'-R(*UP*GP*GP*AP*GP*U)-3')"
#
loop_
_entity_poly.entity_id
_entity_poly.type
_entity_poly.pdbx_seq_one_letter_code
_entity_poly.pdbx_strand_id
1 'polypeptide(L)'
;MGSSHHHHHHSSGLVPRGSHMASMTGGQQMGRGSMSYGRPPPDVEGMTSLKVDNLTYRTSPDTLRRVFEKYGRVGDVYIP
RDRYTKESRGFAFVRFHDKRDAEDAMDAMDGAVLDGRELRVQMARYGRPPDSHHS
;
A
2 'polyribonucleotide' UGGAGU B
#
# COMPACT_ATOMS: atom_id res chain seq x y z
N MET A 35 0.53 -20.61 3.03
CA MET A 35 -0.42 -19.60 3.52
C MET A 35 -0.29 -18.31 2.72
N SER A 36 -1.42 -17.76 2.28
CA SER A 36 -1.45 -16.54 1.48
C SER A 36 -2.71 -15.73 1.79
N TYR A 37 -2.77 -14.50 1.27
CA TYR A 37 -3.90 -13.61 1.50
C TYR A 37 -5.20 -14.21 0.96
N GLY A 38 -5.13 -14.79 -0.23
CA GLY A 38 -6.27 -15.31 -0.98
C GLY A 38 -7.22 -14.17 -1.31
N ARG A 39 -8.05 -13.83 -0.33
CA ARG A 39 -9.17 -12.89 -0.46
C ARG A 39 -9.47 -12.25 0.91
N PRO A 40 -8.58 -11.39 1.43
CA PRO A 40 -8.78 -10.74 2.72
C PRO A 40 -9.89 -9.69 2.61
N PRO A 41 -10.99 -9.85 3.36
CA PRO A 41 -12.12 -8.91 3.35
C PRO A 41 -11.81 -7.70 4.25
N PRO A 42 -11.69 -6.51 3.66
CA PRO A 42 -11.49 -5.26 4.38
C PRO A 42 -12.84 -4.66 4.76
N ASP A 43 -12.83 -3.41 5.21
CA ASP A 43 -14.02 -2.64 5.55
C ASP A 43 -13.89 -1.21 5.02
N VAL A 44 -13.37 -1.12 3.78
CA VAL A 44 -13.08 0.13 3.08
C VAL A 44 -14.26 1.09 3.00
N GLU A 45 -15.47 0.61 3.31
CA GLU A 45 -16.68 1.40 3.24
C GLU A 45 -16.95 2.14 4.55
N GLY A 46 -16.02 2.06 5.51
CA GLY A 46 -16.16 2.69 6.80
C GLY A 46 -14.80 2.99 7.43
N MET A 47 -13.73 3.04 6.62
CA MET A 47 -12.39 3.30 7.12
C MET A 47 -11.60 4.24 6.21
N THR A 48 -10.49 4.76 6.72
CA THR A 48 -9.69 5.79 6.06
C THR A 48 -9.08 5.36 4.72
N SER A 49 -8.85 4.05 4.53
CA SER A 49 -8.29 3.51 3.30
C SER A 49 -7.10 4.33 2.78
N LEU A 50 -6.05 4.48 3.58
CA LEU A 50 -4.84 5.15 3.11
C LEU A 50 -4.23 4.33 1.98
N LYS A 51 -3.32 4.92 1.22
CA LYS A 51 -2.58 4.27 0.15
C LYS A 51 -1.12 4.67 0.20
N VAL A 52 -0.20 3.74 -0.08
CA VAL A 52 1.22 4.07 -0.16
C VAL A 52 1.85 3.41 -1.39
N ASP A 53 2.91 4.06 -1.90
CA ASP A 53 3.61 3.67 -3.13
C ASP A 53 5.07 4.13 -3.09
N ASN A 54 5.75 4.07 -4.25
CA ASN A 54 7.10 4.57 -4.46
C ASN A 54 8.20 3.60 -4.01
N LEU A 55 7.90 2.30 -4.05
CA LEU A 55 8.83 1.25 -3.64
C LEU A 55 10.13 1.39 -4.42
N THR A 56 11.25 1.46 -3.71
CA THR A 56 12.55 1.60 -4.32
C THR A 56 12.91 0.30 -5.05
N TYR A 57 13.97 0.33 -5.86
CA TYR A 57 14.45 -0.82 -6.63
C TYR A 57 14.91 -1.99 -5.76
N ARG A 58 14.78 -1.88 -4.42
CA ARG A 58 15.28 -2.86 -3.48
C ARG A 58 14.29 -3.12 -2.33
N THR A 59 13.02 -2.75 -2.53
CA THR A 59 12.00 -2.87 -1.51
C THR A 59 10.96 -3.92 -1.92
N SER A 60 10.13 -4.36 -0.96
CA SER A 60 9.14 -5.40 -1.16
C SER A 60 7.95 -5.15 -0.23
N PRO A 61 6.80 -5.83 -0.43
CA PRO A 61 5.61 -5.60 0.38
C PRO A 61 5.81 -6.07 1.81
N ASP A 62 6.68 -7.05 2.04
CA ASP A 62 6.94 -7.51 3.41
C ASP A 62 7.66 -6.43 4.20
N THR A 63 8.52 -5.67 3.52
CA THR A 63 9.19 -4.55 4.18
C THR A 63 8.19 -3.41 4.34
N LEU A 64 7.41 -3.12 3.30
CA LEU A 64 6.43 -2.06 3.38
C LEU A 64 5.44 -2.30 4.51
N ARG A 65 5.30 -3.55 4.96
CA ARG A 65 4.39 -3.89 6.03
C ARG A 65 5.03 -3.59 7.38
N ARG A 66 6.20 -4.17 7.65
CA ARG A 66 6.87 -4.00 8.93
C ARG A 66 7.24 -2.53 9.13
N VAL A 67 7.40 -1.78 8.02
CA VAL A 67 7.85 -0.41 8.08
C VAL A 67 6.66 0.53 8.36
N PHE A 68 5.48 0.21 7.85
CA PHE A 68 4.29 1.03 8.04
C PHE A 68 3.39 0.50 9.16
N GLU A 69 3.64 -0.72 9.65
CA GLU A 69 2.86 -1.29 10.74
C GLU A 69 3.18 -0.63 12.07
N LYS A 70 4.39 -0.08 12.22
CA LYS A 70 4.81 0.51 13.48
C LYS A 70 4.04 1.80 13.81
N TYR A 71 3.49 2.46 12.78
CA TYR A 71 2.69 3.65 12.95
C TYR A 71 1.32 3.33 13.54
N GLY A 72 0.87 2.08 13.40
CA GLY A 72 -0.40 1.68 13.99
C GLY A 72 -0.84 0.32 13.49
N ARG A 73 -1.58 0.30 12.37
CA ARG A 73 -2.03 -0.93 11.75
C ARG A 73 -2.27 -0.76 10.26
N VAL A 74 -2.34 -1.89 9.56
CA VAL A 74 -2.47 -1.96 8.11
C VAL A 74 -3.55 -2.98 7.80
N GLY A 75 -4.46 -2.63 6.88
CA GLY A 75 -5.57 -3.52 6.53
C GLY A 75 -5.20 -4.39 5.35
N ASP A 76 -4.25 -3.92 4.54
CA ASP A 76 -3.73 -4.69 3.42
C ASP A 76 -2.39 -4.13 2.98
N VAL A 77 -1.56 -4.98 2.39
CA VAL A 77 -0.26 -4.63 1.83
C VAL A 77 -0.04 -5.62 0.69
N TYR A 78 -0.24 -5.13 -0.53
CA TYR A 78 -0.33 -5.99 -1.69
C TYR A 78 0.19 -5.27 -2.93
N ILE A 79 0.51 -6.05 -3.96
CA ILE A 79 1.13 -5.56 -5.18
C ILE A 79 0.42 -6.18 -6.39
N PRO A 80 0.06 -5.35 -7.38
CA PRO A 80 -0.65 -5.82 -8.56
C PRO A 80 0.22 -6.71 -9.43
N ARG A 81 1.54 -6.48 -9.40
CA ARG A 81 2.56 -7.23 -10.11
C ARG A 81 2.15 -7.72 -11.51
N ASP A 82 1.29 -6.97 -12.19
CA ASP A 82 0.73 -7.35 -13.48
C ASP A 82 0.13 -8.74 -13.48
N ARG A 83 -0.04 -9.32 -12.28
CA ARG A 83 -0.55 -10.65 -11.99
C ARG A 83 0.13 -11.81 -12.73
N TYR A 84 0.92 -11.56 -13.77
CA TYR A 84 1.62 -12.62 -14.49
C TYR A 84 2.88 -12.14 -15.21
N THR A 85 3.27 -10.86 -15.06
CA THR A 85 4.47 -10.34 -15.71
C THR A 85 5.44 -9.72 -14.72
N LYS A 86 4.94 -9.25 -13.58
CA LYS A 86 5.67 -8.60 -12.49
C LYS A 86 6.77 -7.63 -12.93
N GLU A 87 6.69 -7.12 -14.16
CA GLU A 87 7.74 -6.24 -14.67
C GLU A 87 7.62 -4.81 -14.11
N SER A 88 6.49 -4.48 -13.46
CA SER A 88 6.30 -3.16 -12.89
C SER A 88 6.95 -3.08 -11.50
N ARG A 89 6.28 -3.64 -10.50
CA ARG A 89 6.63 -3.64 -9.07
C ARG A 89 7.22 -2.33 -8.53
N GLY A 90 7.05 -1.22 -9.26
CA GLY A 90 7.58 0.08 -8.84
C GLY A 90 6.87 0.63 -7.61
N PHE A 91 5.85 -0.07 -7.12
CA PHE A 91 5.07 0.33 -5.97
C PHE A 91 4.43 -0.87 -5.30
N ALA A 92 3.86 -0.64 -4.12
CA ALA A 92 3.14 -1.65 -3.36
C ALA A 92 2.00 -0.96 -2.63
N PHE A 93 0.78 -1.13 -3.15
CA PHE A 93 -0.40 -0.46 -2.66
C PHE A 93 -0.71 -0.98 -1.25
N VAL A 94 -0.18 -0.28 -0.23
CA VAL A 94 -0.51 -0.59 1.16
C VAL A 94 -1.77 0.19 1.52
N ARG A 95 -2.52 -0.31 2.51
CA ARG A 95 -3.82 0.24 2.84
C ARG A 95 -4.02 0.33 4.36
N PHE A 96 -4.47 1.48 4.86
CA PHE A 96 -4.70 1.67 6.30
C PHE A 96 -6.18 1.89 6.59
N HIS A 97 -6.53 1.87 7.88
CA HIS A 97 -7.91 2.06 8.32
C HIS A 97 -8.05 3.12 9.40
N ASP A 98 -7.06 3.27 10.27
CA ASP A 98 -7.07 4.30 11.28
C ASP A 98 -6.67 5.64 10.66
N LYS A 99 -7.55 6.65 10.77
CA LYS A 99 -7.25 7.97 10.25
C LYS A 99 -6.00 8.53 10.91
N ARG A 100 -5.97 8.56 12.25
CA ARG A 100 -4.85 9.15 12.97
C ARG A 100 -3.51 8.48 12.66
N ASP A 101 -3.52 7.18 12.38
CA ASP A 101 -2.29 6.46 12.10
C ASP A 101 -1.93 6.59 10.61
N ALA A 102 -2.92 6.89 9.77
CA ALA A 102 -2.72 7.04 8.35
C ALA A 102 -2.15 8.41 8.03
N GLU A 103 -2.67 9.46 8.69
CA GLU A 103 -2.16 10.81 8.46
C GLU A 103 -0.81 10.98 9.14
N ASP A 104 -0.52 10.21 10.19
CA ASP A 104 0.77 10.30 10.86
C ASP A 104 1.85 9.65 10.01
N ALA A 105 1.62 8.44 9.49
CA ALA A 105 2.60 7.76 8.66
C ALA A 105 2.88 8.57 7.40
N MET A 106 1.88 9.29 6.92
CA MET A 106 2.00 10.17 5.77
C MET A 106 2.78 11.42 6.14
N ASP A 107 2.49 12.00 7.30
CA ASP A 107 3.14 13.22 7.75
C ASP A 107 4.52 12.92 8.35
N ALA A 108 4.95 11.65 8.34
CA ALA A 108 6.19 11.24 8.97
C ALA A 108 7.07 10.40 8.06
N MET A 109 6.60 10.03 6.86
CA MET A 109 7.43 9.27 5.94
C MET A 109 7.35 9.72 4.48
N ASP A 110 6.21 10.27 4.03
CA ASP A 110 6.17 10.69 2.64
C ASP A 110 7.17 11.82 2.41
N GLY A 111 7.84 11.76 1.25
CA GLY A 111 8.79 12.77 0.83
C GLY A 111 10.13 12.66 1.56
N ALA A 112 10.32 11.62 2.37
CA ALA A 112 11.56 11.42 3.12
C ALA A 112 12.64 10.80 2.23
N VAL A 113 12.60 11.16 0.94
CA VAL A 113 13.45 10.55 -0.08
C VAL A 113 14.89 11.05 0.03
N LEU A 114 15.80 10.35 -0.64
CA LEU A 114 17.21 10.75 -0.67
C LEU A 114 17.93 10.27 -1.94
N ASP A 115 17.22 9.66 -2.89
CA ASP A 115 17.83 9.13 -4.10
C ASP A 115 16.96 9.36 -5.33
N GLY A 116 15.83 10.06 -5.17
CA GLY A 116 14.92 10.37 -6.26
C GLY A 116 13.55 9.73 -6.08
N ARG A 117 13.43 8.78 -5.14
CA ARG A 117 12.20 8.06 -4.86
C ARG A 117 12.40 7.21 -3.61
N GLU A 118 11.66 7.51 -2.54
CA GLU A 118 11.66 6.63 -1.37
C GLU A 118 10.23 6.33 -0.93
N LEU A 119 9.39 7.37 -0.77
CA LEU A 119 8.01 7.20 -0.36
C LEU A 119 7.07 8.14 -1.09
N ARG A 120 5.82 7.69 -1.19
CA ARG A 120 4.66 8.48 -1.60
C ARG A 120 3.45 7.85 -0.93
N VAL A 121 2.81 8.58 0.00
CA VAL A 121 1.65 8.08 0.71
C VAL A 121 0.61 9.19 0.87
N GLN A 122 -0.65 8.81 0.61
CA GLN A 122 -1.81 9.68 0.63
C GLN A 122 -3.06 8.82 0.61
N MET A 123 -4.23 9.45 0.77
CA MET A 123 -5.50 8.76 0.86
C MET A 123 -5.89 8.15 -0.49
N ALA A 124 -6.59 7.01 -0.45
CA ALA A 124 -7.11 6.38 -1.64
C ALA A 124 -8.40 7.08 -2.06
N ARG A 125 -8.69 7.09 -3.37
CA ARG A 125 -9.92 7.67 -3.92
C ARG A 125 -10.39 6.79 -5.07
N TYR A 126 -9.92 5.54 -5.06
CA TYR A 126 -10.15 4.56 -6.10
C TYR A 126 -10.27 3.19 -5.42
N GLY A 127 -11.15 2.32 -5.93
CA GLY A 127 -11.50 1.08 -5.25
C GLY A 127 -10.93 -0.16 -5.94
N ARG A 128 -11.21 -1.33 -5.36
CA ARG A 128 -10.74 -2.60 -5.90
C ARG A 128 -11.21 -2.81 -7.33
N PRO A 129 -10.41 -3.52 -8.14
CA PRO A 129 -10.71 -3.80 -9.52
C PRO A 129 -11.80 -4.87 -9.64
N PRO A 130 -12.79 -4.67 -10.52
CA PRO A 130 -13.78 -5.69 -10.83
C PRO A 130 -13.15 -6.74 -11.75
N ASP A 131 -12.33 -6.27 -12.71
CA ASP A 131 -11.58 -7.11 -13.63
C ASP A 131 -10.59 -6.25 -14.40
N SER A 132 -9.36 -6.75 -14.54
CA SER A 132 -8.28 -6.10 -15.27
C SER A 132 -7.28 -7.14 -15.77
N HIS A 133 -7.62 -8.42 -15.69
CA HIS A 133 -6.67 -9.50 -15.90
C HIS A 133 -7.25 -10.62 -16.77
N HIS A 134 -8.46 -10.43 -17.30
CA HIS A 134 -9.14 -11.42 -18.14
C HIS A 134 -9.98 -10.73 -19.20
N SER A 135 -10.52 -11.51 -20.14
CA SER A 135 -11.34 -11.00 -21.23
C SER A 135 -12.28 -12.09 -21.73
N MET A 35 2.97 -18.42 2.58
CA MET A 35 1.53 -18.10 2.74
C MET A 35 1.19 -16.79 2.03
N SER A 36 -0.11 -16.54 1.83
CA SER A 36 -0.59 -15.33 1.18
C SER A 36 -1.97 -14.96 1.71
N TYR A 37 -2.47 -13.79 1.28
CA TYR A 37 -3.78 -13.28 1.67
C TYR A 37 -4.89 -14.24 1.23
N GLY A 38 -4.81 -14.69 -0.02
CA GLY A 38 -5.79 -15.57 -0.62
C GLY A 38 -6.98 -14.76 -1.11
N ARG A 39 -7.82 -14.29 -0.20
CA ARG A 39 -9.08 -13.61 -0.53
C ARG A 39 -9.84 -13.14 0.72
N PRO A 40 -9.20 -12.38 1.62
CA PRO A 40 -9.83 -11.94 2.85
C PRO A 40 -10.80 -10.79 2.57
N PRO A 41 -11.97 -10.78 3.23
CA PRO A 41 -12.92 -9.69 3.17
C PRO A 41 -12.49 -8.56 4.12
N PRO A 42 -12.15 -7.38 3.58
CA PRO A 42 -11.75 -6.22 4.35
C PRO A 42 -12.97 -5.45 4.84
N ASP A 43 -12.75 -4.23 5.33
CA ASP A 43 -13.78 -3.35 5.87
C ASP A 43 -13.65 -1.94 5.28
N VAL A 44 -13.10 -1.85 4.07
CA VAL A 44 -12.83 -0.61 3.36
C VAL A 44 -14.04 0.31 3.26
N GLU A 45 -15.24 -0.23 3.44
CA GLU A 45 -16.49 0.50 3.31
C GLU A 45 -16.75 1.37 4.53
N GLY A 46 -15.81 1.42 5.48
CA GLY A 46 -15.97 2.19 6.70
C GLY A 46 -14.64 2.62 7.29
N MET A 47 -13.55 2.58 6.52
CA MET A 47 -12.25 3.02 7.03
C MET A 47 -11.44 3.80 5.99
N THR A 48 -10.37 4.46 6.49
CA THR A 48 -9.60 5.48 5.78
C THR A 48 -8.89 5.02 4.50
N SER A 49 -8.54 3.73 4.38
CA SER A 49 -7.85 3.17 3.21
C SER A 49 -6.69 4.03 2.69
N LEU A 50 -5.91 4.65 3.58
CA LEU A 50 -4.81 5.53 3.18
C LEU A 50 -3.77 4.73 2.39
N LYS A 51 -3.32 5.27 1.25
CA LYS A 51 -2.49 4.55 0.29
C LYS A 51 -1.01 4.88 0.45
N VAL A 52 -0.16 3.90 0.14
CA VAL A 52 1.28 4.09 -0.01
C VAL A 52 1.71 3.52 -1.37
N ASP A 53 2.73 4.13 -1.99
CA ASP A 53 3.33 3.69 -3.24
C ASP A 53 4.78 4.19 -3.35
N ASN A 54 5.45 3.90 -4.48
CA ASN A 54 6.76 4.44 -4.84
C ASN A 54 7.93 3.64 -4.26
N LEU A 55 7.79 2.31 -4.24
CA LEU A 55 8.81 1.41 -3.74
C LEU A 55 10.08 1.60 -4.55
N THR A 56 11.22 1.61 -3.86
CA THR A 56 12.51 1.69 -4.51
C THR A 56 12.92 0.32 -5.04
N TYR A 57 13.94 0.29 -5.90
CA TYR A 57 14.47 -0.95 -6.51
C TYR A 57 15.06 -1.91 -5.48
N ARG A 58 14.92 -1.61 -4.19
CA ARG A 58 15.51 -2.37 -3.08
C ARG A 58 14.50 -2.59 -1.95
N THR A 59 13.20 -2.48 -2.28
CA THR A 59 12.14 -2.64 -1.29
C THR A 59 11.15 -3.73 -1.74
N SER A 60 10.31 -4.19 -0.81
CA SER A 60 9.38 -5.30 -1.03
C SER A 60 8.14 -5.09 -0.16
N PRO A 61 7.04 -5.81 -0.42
CA PRO A 61 5.80 -5.62 0.33
C PRO A 61 5.92 -6.15 1.75
N ASP A 62 6.82 -7.10 1.99
CA ASP A 62 7.01 -7.60 3.35
C ASP A 62 7.66 -6.51 4.19
N THR A 63 8.52 -5.70 3.58
CA THR A 63 9.13 -4.59 4.28
C THR A 63 8.11 -3.48 4.43
N LEU A 64 7.34 -3.18 3.38
CA LEU A 64 6.33 -2.14 3.45
C LEU A 64 5.35 -2.39 4.59
N ARG A 65 5.23 -3.65 5.02
CA ARG A 65 4.33 -4.01 6.10
C ARG A 65 4.97 -3.69 7.44
N ARG A 66 6.17 -4.25 7.69
CA ARG A 66 6.84 -4.01 8.98
C ARG A 66 7.13 -2.53 9.17
N VAL A 67 7.32 -1.80 8.06
CA VAL A 67 7.74 -0.41 8.08
C VAL A 67 6.57 0.52 8.37
N PHE A 68 5.37 0.18 7.91
CA PHE A 68 4.18 1.00 8.11
C PHE A 68 3.27 0.44 9.21
N GLU A 69 3.55 -0.78 9.69
CA GLU A 69 2.79 -1.37 10.78
C GLU A 69 3.16 -0.73 12.12
N LYS A 70 4.37 -0.17 12.24
CA LYS A 70 4.83 0.42 13.49
C LYS A 70 4.07 1.71 13.83
N TYR A 71 3.49 2.36 12.82
CA TYR A 71 2.68 3.55 13.02
C TYR A 71 1.33 3.20 13.66
N GLY A 72 0.95 1.92 13.61
CA GLY A 72 -0.26 1.46 14.29
C GLY A 72 -0.70 0.11 13.76
N ARG A 73 -1.33 0.11 12.58
CA ARG A 73 -1.75 -1.10 11.89
C ARG A 73 -2.06 -0.80 10.43
N VAL A 74 -2.11 -1.86 9.61
CA VAL A 74 -2.36 -1.77 8.19
C VAL A 74 -3.34 -2.87 7.82
N GLY A 75 -4.24 -2.61 6.87
CA GLY A 75 -5.28 -3.57 6.50
C GLY A 75 -4.84 -4.41 5.31
N ASP A 76 -3.92 -3.89 4.50
CA ASP A 76 -3.39 -4.62 3.37
C ASP A 76 -2.09 -4.01 2.88
N VAL A 77 -1.21 -4.86 2.34
CA VAL A 77 0.02 -4.47 1.66
C VAL A 77 0.13 -5.39 0.45
N TYR A 78 0.02 -4.82 -0.74
CA TYR A 78 -0.15 -5.60 -1.95
C TYR A 78 0.55 -4.93 -3.13
N ILE A 79 0.82 -5.71 -4.18
CA ILE A 79 1.60 -5.25 -5.32
C ILE A 79 0.87 -5.53 -6.63
N PRO A 80 0.08 -4.57 -7.11
CA PRO A 80 -0.58 -4.62 -8.39
C PRO A 80 0.40 -4.99 -9.50
N ARG A 81 -0.01 -5.90 -10.37
CA ARG A 81 0.83 -6.43 -11.43
C ARG A 81 -0.06 -7.14 -12.45
N ASP A 82 0.49 -7.41 -13.64
CA ASP A 82 -0.25 -8.21 -14.61
C ASP A 82 -0.31 -9.63 -14.07
N ARG A 83 -1.53 -10.10 -13.82
CA ARG A 83 -1.83 -11.33 -13.09
C ARG A 83 -1.42 -12.62 -13.81
N TYR A 84 -0.56 -12.52 -14.82
CA TYR A 84 -0.07 -13.64 -15.63
C TYR A 84 1.38 -13.43 -16.09
N THR A 85 1.99 -12.28 -15.78
CA THR A 85 3.42 -12.07 -16.03
C THR A 85 4.14 -11.69 -14.73
N LYS A 86 3.38 -11.14 -13.78
CA LYS A 86 3.82 -10.77 -12.45
C LYS A 86 5.11 -9.94 -12.44
N GLU A 87 5.39 -9.21 -13.52
CA GLU A 87 6.59 -8.41 -13.66
C GLU A 87 6.62 -7.18 -12.76
N SER A 88 5.62 -7.03 -11.88
CA SER A 88 5.50 -5.91 -10.96
C SER A 88 5.43 -4.55 -11.67
N ARG A 89 5.35 -3.47 -10.89
CA ARG A 89 5.18 -2.11 -11.44
C ARG A 89 5.98 -1.05 -10.70
N GLY A 90 6.74 -1.43 -9.66
CA GLY A 90 7.62 -0.48 -8.97
C GLY A 90 6.97 0.18 -7.75
N PHE A 91 5.87 -0.38 -7.24
CA PHE A 91 5.19 0.13 -6.06
C PHE A 91 4.44 -0.99 -5.36
N ALA A 92 3.95 -0.72 -4.15
CA ALA A 92 3.19 -1.66 -3.37
C ALA A 92 2.04 -0.88 -2.72
N PHE A 93 0.86 -0.94 -3.34
CA PHE A 93 -0.32 -0.26 -2.85
C PHE A 93 -0.66 -0.88 -1.49
N VAL A 94 -0.58 -0.08 -0.42
CA VAL A 94 -1.00 -0.55 0.89
C VAL A 94 -2.17 0.31 1.35
N ARG A 95 -2.91 -0.16 2.36
CA ARG A 95 -4.09 0.53 2.82
C ARG A 95 -4.16 0.49 4.35
N PHE A 96 -4.27 1.67 4.99
CA PHE A 96 -4.45 1.80 6.43
C PHE A 96 -5.93 1.95 6.76
N HIS A 97 -6.29 1.63 8.01
CA HIS A 97 -7.66 1.75 8.48
C HIS A 97 -7.82 2.80 9.56
N ASP A 98 -6.77 3.01 10.36
CA ASP A 98 -6.80 4.06 11.38
C ASP A 98 -6.55 5.41 10.73
N LYS A 99 -7.51 6.33 10.85
CA LYS A 99 -7.40 7.66 10.28
C LYS A 99 -6.21 8.41 10.88
N ARG A 100 -6.05 8.35 12.20
CA ARG A 100 -4.99 9.07 12.87
C ARG A 100 -3.60 8.51 12.52
N ASP A 101 -3.51 7.23 12.21
CA ASP A 101 -2.23 6.62 11.89
C ASP A 101 -1.96 6.69 10.39
N ALA A 102 -2.99 7.03 9.61
CA ALA A 102 -2.88 7.18 8.17
C ALA A 102 -2.26 8.54 7.86
N GLU A 103 -2.71 9.58 8.58
CA GLU A 103 -2.16 10.91 8.40
C GLU A 103 -0.81 11.02 9.10
N ASP A 104 -0.55 10.21 10.14
CA ASP A 104 0.74 10.28 10.81
C ASP A 104 1.83 9.63 9.95
N ALA A 105 1.57 8.44 9.41
CA ALA A 105 2.55 7.76 8.58
C ALA A 105 2.85 8.58 7.31
N MET A 106 1.85 9.32 6.83
CA MET A 106 2.01 10.19 5.68
C MET A 106 2.80 11.44 6.07
N ASP A 107 2.52 12.01 7.24
CA ASP A 107 3.18 13.21 7.69
C ASP A 107 4.55 12.90 8.32
N ALA A 108 4.96 11.63 8.33
CA ALA A 108 6.19 11.21 8.98
C ALA A 108 7.09 10.37 8.08
N MET A 109 6.63 10.01 6.88
CA MET A 109 7.47 9.24 5.97
C MET A 109 7.37 9.65 4.51
N ASP A 110 6.25 10.24 4.06
CA ASP A 110 6.16 10.64 2.67
C ASP A 110 7.22 11.69 2.35
N GLY A 111 7.90 11.50 1.20
CA GLY A 111 8.88 12.46 0.71
C GLY A 111 10.20 12.39 1.45
N ALA A 112 10.39 11.39 2.32
CA ALA A 112 11.62 11.25 3.11
C ALA A 112 12.72 10.58 2.28
N VAL A 113 12.73 10.85 0.98
CA VAL A 113 13.61 10.20 0.02
C VAL A 113 15.06 10.61 0.21
N LEU A 114 15.96 9.83 -0.40
CA LEU A 114 17.40 10.06 -0.31
C LEU A 114 18.18 9.42 -1.46
N ASP A 115 17.51 8.93 -2.51
CA ASP A 115 18.21 8.32 -3.63
C ASP A 115 17.45 8.48 -4.96
N GLY A 116 16.34 9.21 -4.98
CA GLY A 116 15.58 9.46 -6.20
C GLY A 116 14.09 9.17 -6.02
N ARG A 117 13.76 8.37 -5.00
CA ARG A 117 12.42 8.02 -4.58
C ARG A 117 12.55 7.18 -3.32
N GLU A 118 11.63 7.33 -2.38
CA GLU A 118 11.57 6.41 -1.26
C GLU A 118 10.11 6.13 -0.90
N LEU A 119 9.30 7.20 -0.79
CA LEU A 119 7.89 7.07 -0.43
C LEU A 119 7.01 8.00 -1.22
N ARG A 120 5.74 7.63 -1.25
CA ARG A 120 4.61 8.41 -1.72
C ARG A 120 3.41 7.89 -0.94
N VAL A 121 2.83 8.74 -0.10
CA VAL A 121 1.72 8.34 0.75
C VAL A 121 0.67 9.43 0.75
N GLN A 122 -0.58 9.06 0.45
CA GLN A 122 -1.70 9.97 0.42
C GLN A 122 -2.99 9.17 0.35
N MET A 123 -4.09 9.85 0.64
CA MET A 123 -5.40 9.21 0.76
C MET A 123 -5.84 8.62 -0.59
N ALA A 124 -6.48 7.46 -0.54
CA ALA A 124 -6.94 6.75 -1.72
C ALA A 124 -8.01 7.55 -2.47
N ARG A 125 -8.31 7.11 -3.70
CA ARG A 125 -9.31 7.75 -4.55
C ARG A 125 -10.15 6.69 -5.29
N TYR A 126 -9.76 5.42 -5.19
CA TYR A 126 -10.49 4.33 -5.83
C TYR A 126 -10.53 3.12 -4.91
N GLY A 127 -11.27 2.08 -5.28
CA GLY A 127 -11.49 0.92 -4.42
C GLY A 127 -10.92 -0.37 -5.00
N ARG A 128 -11.00 -1.45 -4.23
CA ARG A 128 -10.50 -2.77 -4.61
C ARG A 128 -11.20 -3.26 -5.88
N PRO A 129 -10.48 -3.93 -6.79
CA PRO A 129 -11.02 -4.41 -8.04
C PRO A 129 -12.32 -5.23 -7.87
N PRO A 130 -13.38 -4.91 -8.63
CA PRO A 130 -14.56 -5.74 -8.72
C PRO A 130 -14.28 -6.95 -9.60
N ASP A 131 -13.30 -6.78 -10.52
CA ASP A 131 -12.82 -7.82 -11.41
C ASP A 131 -11.43 -7.41 -11.88
N SER A 132 -10.64 -8.35 -12.41
CA SER A 132 -9.29 -8.07 -12.83
C SER A 132 -9.24 -7.20 -14.09
N HIS A 133 -9.23 -5.88 -13.92
CA HIS A 133 -9.14 -4.91 -14.99
C HIS A 133 -10.17 -5.16 -16.10
N HIS A 134 -11.27 -5.83 -15.76
CA HIS A 134 -12.33 -6.18 -16.71
C HIS A 134 -11.78 -6.88 -17.95
N SER A 135 -10.66 -7.59 -17.81
CA SER A 135 -10.00 -8.30 -18.91
C SER A 135 -10.97 -9.23 -19.64
N MET A 35 -0.20 -20.15 -1.42
CA MET A 35 -0.36 -19.47 -0.13
C MET A 35 -0.28 -17.95 -0.31
N SER A 36 -1.39 -17.26 -0.06
CA SER A 36 -1.48 -15.82 -0.20
C SER A 36 -2.56 -15.26 0.72
N TYR A 37 -2.84 -13.96 0.61
CA TYR A 37 -3.88 -13.30 1.40
C TYR A 37 -5.24 -13.97 1.17
N GLY A 38 -5.45 -14.52 -0.02
CA GLY A 38 -6.67 -15.22 -0.36
C GLY A 38 -7.85 -14.28 -0.57
N ARG A 39 -7.64 -13.19 -1.31
CA ARG A 39 -8.65 -12.21 -1.71
C ARG A 39 -9.68 -11.90 -0.61
N PRO A 40 -9.22 -11.57 0.62
CA PRO A 40 -10.09 -11.40 1.77
C PRO A 40 -10.90 -10.10 1.65
N PRO A 41 -12.11 -10.08 2.20
CA PRO A 41 -12.97 -8.91 2.20
C PRO A 41 -12.46 -7.87 3.20
N PRO A 42 -12.19 -6.63 2.75
CA PRO A 42 -11.77 -5.53 3.60
C PRO A 42 -12.98 -4.88 4.27
N ASP A 43 -12.78 -3.70 4.84
CA ASP A 43 -13.82 -2.94 5.55
C ASP A 43 -13.82 -1.49 5.08
N VAL A 44 -13.42 -1.27 3.82
CA VAL A 44 -13.32 0.04 3.20
C VAL A 44 -14.64 0.81 3.24
N GLU A 45 -15.74 0.13 3.58
CA GLU A 45 -17.07 0.72 3.68
C GLU A 45 -17.20 1.66 4.89
N GLY A 46 -16.14 1.82 5.69
CA GLY A 46 -16.20 2.65 6.88
C GLY A 46 -14.83 2.94 7.51
N MET A 47 -13.77 3.03 6.69
CA MET A 47 -12.43 3.31 7.22
C MET A 47 -11.65 4.23 6.29
N THR A 48 -10.54 4.79 6.80
CA THR A 48 -9.77 5.83 6.14
C THR A 48 -9.19 5.43 4.77
N SER A 49 -8.90 4.15 4.56
CA SER A 49 -8.32 3.65 3.32
C SER A 49 -7.18 4.53 2.78
N LEU A 50 -6.12 4.71 3.57
CA LEU A 50 -4.92 5.38 3.05
C LEU A 50 -4.31 4.47 1.99
N LYS A 51 -3.33 4.95 1.22
CA LYS A 51 -2.56 4.11 0.32
C LYS A 51 -1.08 4.48 0.36
N VAL A 52 -0.21 3.52 0.00
CA VAL A 52 1.22 3.78 -0.09
C VAL A 52 1.79 3.20 -1.37
N ASP A 53 2.79 3.90 -1.92
CA ASP A 53 3.49 3.52 -3.14
C ASP A 53 4.93 4.02 -3.11
N ASN A 54 5.66 3.84 -4.22
CA ASN A 54 6.97 4.43 -4.47
C ASN A 54 8.14 3.52 -4.04
N LEU A 55 7.92 2.20 -4.09
CA LEU A 55 8.88 1.20 -3.66
C LEU A 55 10.22 1.43 -4.36
N THR A 56 11.25 1.71 -3.56
CA THR A 56 12.58 1.97 -4.09
C THR A 56 13.16 0.71 -4.73
N TYR A 57 14.30 0.84 -5.42
CA TYR A 57 14.98 -0.26 -6.09
C TYR A 57 15.45 -1.36 -5.13
N ARG A 58 15.16 -1.24 -3.83
CA ARG A 58 15.63 -2.17 -2.81
C ARG A 58 14.52 -2.57 -1.85
N THR A 59 13.25 -2.30 -2.21
CA THR A 59 12.13 -2.51 -1.32
C THR A 59 11.21 -3.62 -1.83
N SER A 60 10.32 -4.10 -0.95
CA SER A 60 9.42 -5.22 -1.21
C SER A 60 8.15 -5.03 -0.39
N PRO A 61 7.08 -5.81 -0.66
CA PRO A 61 5.82 -5.66 0.06
C PRO A 61 5.97 -6.12 1.51
N ASP A 62 6.78 -7.14 1.75
CA ASP A 62 7.00 -7.63 3.10
C ASP A 62 7.63 -6.54 3.96
N THR A 63 8.49 -5.72 3.35
CA THR A 63 9.10 -4.61 4.05
C THR A 63 8.05 -3.53 4.27
N LEU A 64 7.26 -3.23 3.25
CA LEU A 64 6.23 -2.20 3.33
C LEU A 64 5.28 -2.46 4.51
N ARG A 65 5.19 -3.72 4.94
CA ARG A 65 4.32 -4.07 6.06
C ARG A 65 4.98 -3.70 7.37
N ARG A 66 6.19 -4.22 7.63
CA ARG A 66 6.86 -3.91 8.89
C ARG A 66 7.21 -2.43 9.01
N VAL A 67 7.28 -1.72 7.88
CA VAL A 67 7.66 -0.32 7.85
C VAL A 67 6.48 0.60 8.15
N PHE A 68 5.28 0.22 7.74
CA PHE A 68 4.08 1.02 7.95
C PHE A 68 3.18 0.45 9.05
N GLU A 69 3.49 -0.75 9.56
CA GLU A 69 2.73 -1.34 10.65
C GLU A 69 3.11 -0.69 11.99
N LYS A 70 4.33 -0.15 12.11
CA LYS A 70 4.78 0.45 13.35
C LYS A 70 4.02 1.72 13.70
N TYR A 71 3.43 2.37 12.70
CA TYR A 71 2.62 3.57 12.90
C TYR A 71 1.26 3.23 13.51
N GLY A 72 0.84 1.96 13.43
CA GLY A 72 -0.39 1.52 14.06
C GLY A 72 -0.83 0.16 13.53
N ARG A 73 -1.50 0.16 12.37
CA ARG A 73 -1.93 -1.06 11.70
C ARG A 73 -2.17 -0.81 10.23
N VAL A 74 -2.22 -1.91 9.46
CA VAL A 74 -2.37 -1.88 8.01
C VAL A 74 -3.41 -2.93 7.63
N GLY A 75 -4.26 -2.60 6.65
CA GLY A 75 -5.31 -3.51 6.22
C GLY A 75 -4.88 -4.29 5.00
N ASP A 76 -3.89 -3.78 4.25
CA ASP A 76 -3.38 -4.50 3.10
C ASP A 76 -2.01 -3.98 2.67
N VAL A 77 -1.25 -4.85 1.99
CA VAL A 77 0.02 -4.56 1.33
C VAL A 77 0.05 -5.48 0.11
N TYR A 78 0.24 -4.94 -1.09
CA TYR A 78 -0.03 -5.72 -2.29
C TYR A 78 0.71 -5.22 -3.52
N ILE A 79 1.00 -6.12 -4.47
CA ILE A 79 1.72 -5.83 -5.71
C ILE A 79 1.04 -6.54 -6.88
N PRO A 80 -0.16 -6.06 -7.25
CA PRO A 80 -1.11 -6.70 -8.14
C PRO A 80 -1.06 -6.33 -9.63
N ARG A 81 -0.24 -5.37 -10.06
CA ARG A 81 -0.29 -4.88 -11.45
C ARG A 81 -0.29 -6.03 -12.46
N ASP A 82 0.45 -7.10 -12.17
CA ASP A 82 0.36 -8.34 -12.91
C ASP A 82 0.58 -9.46 -11.91
N ARG A 83 -0.54 -10.07 -11.51
CA ARG A 83 -0.64 -11.01 -10.40
C ARG A 83 0.20 -12.29 -10.56
N TYR A 84 1.05 -12.35 -11.58
CA TYR A 84 1.91 -13.51 -11.86
C TYR A 84 3.22 -13.10 -12.55
N THR A 85 3.49 -11.80 -12.71
CA THR A 85 4.76 -11.33 -13.29
C THR A 85 5.41 -10.26 -12.43
N LYS A 86 4.59 -9.48 -11.70
CA LYS A 86 5.02 -8.40 -10.82
C LYS A 86 6.05 -7.47 -11.46
N GLU A 87 6.10 -7.41 -12.79
CA GLU A 87 7.08 -6.61 -13.53
C GLU A 87 6.88 -5.10 -13.37
N SER A 88 6.03 -4.68 -12.43
CA SER A 88 5.75 -3.27 -12.17
C SER A 88 5.83 -2.99 -10.67
N ARG A 89 6.61 -3.81 -9.95
CA ARG A 89 6.84 -3.72 -8.51
C ARG A 89 7.43 -2.38 -8.04
N GLY A 90 7.51 -1.37 -8.91
CA GLY A 90 7.97 -0.04 -8.56
C GLY A 90 7.09 0.60 -7.48
N PHE A 91 6.01 -0.09 -7.10
CA PHE A 91 5.12 0.31 -6.03
C PHE A 91 4.48 -0.92 -5.42
N ALA A 92 3.83 -0.75 -4.27
CA ALA A 92 3.10 -1.80 -3.59
C ALA A 92 1.94 -1.14 -2.85
N PHE A 93 0.76 -1.16 -3.46
CA PHE A 93 -0.43 -0.52 -2.91
C PHE A 93 -0.74 -1.15 -1.56
N VAL A 94 -0.52 -0.40 -0.49
CA VAL A 94 -0.94 -0.83 0.84
C VAL A 94 -2.13 0.02 1.25
N ARG A 95 -2.82 -0.33 2.34
CA ARG A 95 -3.93 0.49 2.79
C ARG A 95 -4.02 0.53 4.33
N PHE A 96 -4.45 1.67 4.87
CA PHE A 96 -4.65 1.85 6.31
C PHE A 96 -6.12 2.02 6.61
N HIS A 97 -6.48 1.91 7.89
CA HIS A 97 -7.86 2.03 8.34
C HIS A 97 -8.02 3.07 9.43
N ASP A 98 -7.00 3.27 10.26
CA ASP A 98 -7.04 4.30 11.28
C ASP A 98 -6.67 5.65 10.67
N LYS A 99 -7.53 6.67 10.84
CA LYS A 99 -7.25 8.00 10.34
C LYS A 99 -5.98 8.54 10.98
N ARG A 100 -5.94 8.56 12.32
CA ARG A 100 -4.81 9.16 13.03
C ARG A 100 -3.47 8.50 12.67
N ASP A 101 -3.48 7.19 12.37
CA ASP A 101 -2.24 6.49 12.05
C ASP A 101 -1.92 6.62 10.57
N ALA A 102 -2.92 6.99 9.75
CA ALA A 102 -2.73 7.16 8.33
C ALA A 102 -2.14 8.53 8.04
N GLU A 103 -2.67 9.58 8.69
CA GLU A 103 -2.16 10.92 8.48
C GLU A 103 -0.78 11.08 9.15
N ASP A 104 -0.50 10.30 10.21
CA ASP A 104 0.79 10.38 10.86
C ASP A 104 1.88 9.73 10.01
N ALA A 105 1.61 8.53 9.48
CA ALA A 105 2.60 7.83 8.65
C ALA A 105 2.88 8.64 7.38
N MET A 106 1.88 9.37 6.90
CA MET A 106 2.02 10.23 5.74
C MET A 106 2.79 11.49 6.11
N ASP A 107 2.53 12.06 7.29
CA ASP A 107 3.19 13.27 7.71
C ASP A 107 4.56 12.98 8.33
N ALA A 108 4.97 11.70 8.34
CA ALA A 108 6.22 11.29 8.98
C ALA A 108 7.09 10.44 8.06
N MET A 109 6.61 10.07 6.87
CA MET A 109 7.44 9.30 5.95
C MET A 109 7.36 9.74 4.50
N ASP A 110 6.24 10.31 4.03
CA ASP A 110 6.21 10.73 2.64
C ASP A 110 7.22 11.86 2.42
N GLY A 111 7.93 11.76 1.29
CA GLY A 111 8.92 12.76 0.89
C GLY A 111 10.21 12.67 1.72
N ALA A 112 10.43 11.56 2.43
CA ALA A 112 11.60 11.39 3.28
C ALA A 112 12.75 10.80 2.49
N VAL A 113 12.76 11.10 1.19
CA VAL A 113 13.64 10.50 0.19
C VAL A 113 15.08 10.96 0.31
N LEU A 114 15.99 10.32 -0.43
CA LEU A 114 17.38 10.78 -0.46
C LEU A 114 18.13 10.40 -1.74
N ASP A 115 17.46 9.78 -2.73
CA ASP A 115 18.14 9.35 -3.94
C ASP A 115 17.31 9.59 -5.21
N GLY A 116 16.14 10.19 -5.08
CA GLY A 116 15.28 10.53 -6.22
C GLY A 116 13.83 10.11 -5.99
N ARG A 117 13.61 9.18 -5.06
CA ARG A 117 12.28 8.67 -4.68
C ARG A 117 12.48 7.68 -3.54
N GLU A 118 11.64 7.75 -2.51
CA GLU A 118 11.65 6.72 -1.48
C GLU A 118 10.23 6.40 -1.01
N LEU A 119 9.38 7.42 -0.92
CA LEU A 119 8.00 7.27 -0.44
C LEU A 119 7.05 8.20 -1.18
N ARG A 120 5.80 7.74 -1.30
CA ARG A 120 4.63 8.52 -1.70
C ARG A 120 3.41 7.88 -1.05
N VAL A 121 2.87 8.54 -0.03
CA VAL A 121 1.73 8.03 0.72
C VAL A 121 0.70 9.13 0.93
N GLN A 122 -0.54 8.82 0.53
CA GLN A 122 -1.70 9.72 0.56
C GLN A 122 -2.97 8.89 0.61
N MET A 123 -4.11 9.57 0.73
CA MET A 123 -5.42 8.97 0.79
C MET A 123 -5.79 8.33 -0.54
N ALA A 124 -6.52 7.22 -0.50
CA ALA A 124 -6.96 6.50 -1.70
C ALA A 124 -8.11 7.23 -2.39
N ARG A 125 -8.46 6.77 -3.60
CA ARG A 125 -9.58 7.30 -4.37
C ARG A 125 -10.24 6.20 -5.21
N TYR A 126 -9.77 4.96 -5.09
CA TYR A 126 -10.29 3.83 -5.84
C TYR A 126 -10.56 2.66 -4.89
N GLY A 127 -11.14 1.56 -5.40
CA GLY A 127 -11.60 0.46 -4.57
C GLY A 127 -10.96 -0.89 -4.89
N ARG A 128 -11.34 -1.89 -4.10
CA ARG A 128 -10.84 -3.26 -4.17
C ARG A 128 -11.17 -3.94 -5.51
N PRO A 129 -10.43 -5.01 -5.86
CA PRO A 129 -10.60 -5.82 -7.05
C PRO A 129 -12.04 -6.00 -7.57
N PRO A 130 -12.43 -5.29 -8.64
CA PRO A 130 -13.67 -5.53 -9.33
C PRO A 130 -13.49 -6.71 -10.30
N ASP A 131 -12.58 -6.56 -11.26
CA ASP A 131 -12.20 -7.59 -12.23
C ASP A 131 -11.12 -7.06 -13.15
N SER A 132 -10.05 -7.85 -13.31
CA SER A 132 -8.93 -7.57 -14.21
C SER A 132 -8.20 -8.87 -14.54
N HIS A 133 -8.81 -10.01 -14.22
CA HIS A 133 -8.13 -11.29 -14.22
C HIS A 133 -9.02 -12.43 -14.69
N HIS A 134 -10.21 -12.11 -15.23
CA HIS A 134 -11.15 -13.11 -15.71
C HIS A 134 -11.95 -12.56 -16.90
N SER A 135 -12.73 -13.43 -17.55
CA SER A 135 -13.53 -13.08 -18.71
C SER A 135 -14.81 -13.91 -18.74
N MET A 35 -0.26 -20.15 0.57
CA MET A 35 0.11 -19.54 -0.73
C MET A 35 -0.60 -18.21 -0.90
N SER A 36 0.15 -17.16 -1.26
CA SER A 36 -0.33 -15.80 -1.43
C SER A 36 -1.12 -15.29 -0.21
N TYR A 37 -1.64 -14.05 -0.33
CA TYR A 37 -2.44 -13.45 0.73
C TYR A 37 -3.79 -14.15 0.83
N GLY A 38 -4.31 -14.65 -0.30
CA GLY A 38 -5.54 -15.42 -0.35
C GLY A 38 -6.79 -14.54 -0.35
N ARG A 39 -6.72 -13.38 -1.02
CA ARG A 39 -7.80 -12.39 -1.13
C ARG A 39 -8.70 -12.36 0.11
N PRO A 40 -8.13 -12.13 1.29
CA PRO A 40 -8.86 -12.13 2.55
C PRO A 40 -9.83 -10.95 2.60
N PRO A 41 -10.99 -11.12 3.25
CA PRO A 41 -12.01 -10.10 3.33
C PRO A 41 -11.58 -8.96 4.27
N PRO A 42 -11.39 -7.75 3.74
CA PRO A 42 -11.03 -6.58 4.51
C PRO A 42 -12.29 -5.88 5.03
N ASP A 43 -12.17 -4.61 5.43
CA ASP A 43 -13.29 -3.82 5.91
C ASP A 43 -13.28 -2.41 5.29
N VAL A 44 -12.81 -2.33 4.04
CA VAL A 44 -12.68 -1.10 3.26
C VAL A 44 -14.03 -0.45 2.95
N GLU A 45 -15.13 -0.96 3.50
CA GLU A 45 -16.48 -0.51 3.22
C GLU A 45 -16.75 0.92 3.67
N GLY A 46 -15.75 1.61 4.22
CA GLY A 46 -15.89 2.99 4.67
C GLY A 46 -14.68 3.50 5.46
N MET A 47 -13.73 2.63 5.82
CA MET A 47 -12.55 3.05 6.59
C MET A 47 -11.66 4.00 5.79
N THR A 48 -10.67 4.60 6.46
CA THR A 48 -9.85 5.67 5.89
C THR A 48 -9.10 5.24 4.62
N SER A 49 -8.82 3.95 4.46
CA SER A 49 -8.15 3.39 3.28
C SER A 49 -6.94 4.21 2.79
N LEU A 50 -6.16 4.79 3.71
CA LEU A 50 -4.97 5.54 3.32
C LEU A 50 -4.00 4.58 2.66
N LYS A 51 -3.38 4.97 1.54
CA LYS A 51 -2.58 4.04 0.75
C LYS A 51 -1.21 4.62 0.41
N VAL A 52 -0.24 3.74 0.15
CA VAL A 52 1.13 4.18 -0.09
C VAL A 52 1.74 3.46 -1.29
N ASP A 53 2.77 4.08 -1.88
CA ASP A 53 3.44 3.58 -3.08
C ASP A 53 4.89 4.08 -3.15
N ASN A 54 5.57 3.80 -4.26
CA ASN A 54 6.86 4.37 -4.66
C ASN A 54 8.05 3.48 -4.28
N LEU A 55 7.83 2.17 -4.22
CA LEU A 55 8.80 1.18 -3.80
C LEU A 55 10.05 1.27 -4.68
N THR A 56 11.19 1.60 -4.08
CA THR A 56 12.45 1.65 -4.78
C THR A 56 12.90 0.22 -5.12
N TYR A 57 13.90 0.09 -6.00
CA TYR A 57 14.42 -1.18 -6.48
C TYR A 57 15.05 -2.05 -5.39
N ARG A 58 14.87 -1.69 -4.11
CA ARG A 58 15.48 -2.37 -2.97
C ARG A 58 14.44 -2.70 -1.90
N THR A 59 13.16 -2.69 -2.27
CA THR A 59 12.07 -2.84 -1.31
C THR A 59 11.11 -3.96 -1.73
N SER A 60 10.19 -4.34 -0.83
CA SER A 60 9.23 -5.41 -1.06
C SER A 60 7.97 -5.14 -0.22
N PRO A 61 6.84 -5.80 -0.51
CA PRO A 61 5.60 -5.56 0.21
C PRO A 61 5.67 -6.09 1.65
N ASP A 62 6.48 -7.12 1.90
CA ASP A 62 6.63 -7.62 3.27
C ASP A 62 7.34 -6.58 4.13
N THR A 63 8.24 -5.81 3.52
CA THR A 63 8.94 -4.76 4.24
C THR A 63 7.99 -3.59 4.43
N LEU A 64 7.29 -3.19 3.37
CA LEU A 64 6.33 -2.10 3.44
C LEU A 64 5.26 -2.36 4.50
N ARG A 65 5.09 -3.62 4.90
CA ARG A 65 4.13 -3.98 5.93
C ARG A 65 4.75 -3.64 7.28
N ARG A 66 5.94 -4.19 7.53
CA ARG A 66 6.66 -4.01 8.78
C ARG A 66 7.02 -2.55 9.01
N VAL A 67 7.25 -1.81 7.92
CA VAL A 67 7.74 -0.43 8.00
C VAL A 67 6.60 0.54 8.25
N PHE A 68 5.40 0.26 7.75
CA PHE A 68 4.24 1.12 7.95
C PHE A 68 3.34 0.61 9.08
N GLU A 69 3.57 -0.62 9.57
CA GLU A 69 2.79 -1.18 10.67
C GLU A 69 3.16 -0.53 12.00
N LYS A 70 4.39 -0.04 12.14
CA LYS A 70 4.84 0.56 13.39
C LYS A 70 4.11 1.86 13.70
N TYR A 71 3.56 2.51 12.68
CA TYR A 71 2.77 3.73 12.85
C TYR A 71 1.40 3.41 13.45
N GLY A 72 0.96 2.15 13.37
CA GLY A 72 -0.29 1.74 13.99
C GLY A 72 -0.71 0.35 13.53
N ARG A 73 -1.30 0.26 12.34
CA ARG A 73 -1.78 -1.00 11.78
C ARG A 73 -1.91 -0.90 10.26
N VAL A 74 -2.03 -2.06 9.60
CA VAL A 74 -2.16 -2.15 8.16
C VAL A 74 -3.29 -3.13 7.84
N GLY A 75 -4.12 -2.80 6.86
CA GLY A 75 -5.25 -3.62 6.47
C GLY A 75 -4.92 -4.41 5.22
N ASP A 76 -4.01 -3.89 4.40
CA ASP A 76 -3.50 -4.62 3.25
C ASP A 76 -2.21 -3.99 2.74
N VAL A 77 -1.45 -4.76 1.97
CA VAL A 77 -0.22 -4.33 1.33
C VAL A 77 0.19 -5.39 0.31
N TYR A 78 0.10 -5.08 -0.98
CA TYR A 78 0.58 -6.04 -1.97
C TYR A 78 0.94 -5.40 -3.31
N ILE A 79 1.46 -6.22 -4.22
CA ILE A 79 2.01 -5.79 -5.50
C ILE A 79 1.30 -6.56 -6.62
N PRO A 80 0.15 -6.05 -7.05
CA PRO A 80 -0.75 -6.72 -7.97
C PRO A 80 -0.23 -6.75 -9.41
N ARG A 81 0.66 -5.83 -9.78
CA ARG A 81 1.15 -5.77 -11.14
C ARG A 81 1.93 -7.05 -11.43
N ASP A 82 1.42 -7.85 -12.37
CA ASP A 82 1.89 -9.21 -12.62
C ASP A 82 2.14 -9.94 -11.30
N ARG A 83 1.04 -10.22 -10.59
CA ARG A 83 0.98 -10.73 -9.22
C ARG A 83 1.77 -12.02 -8.94
N TYR A 84 2.54 -12.52 -9.91
CA TYR A 84 3.33 -13.74 -9.78
C TYR A 84 4.65 -13.61 -10.54
N THR A 85 4.97 -12.40 -11.03
CA THR A 85 6.26 -12.10 -11.65
C THR A 85 6.87 -10.90 -10.93
N LYS A 86 6.01 -9.94 -10.58
CA LYS A 86 6.28 -8.73 -9.82
C LYS A 86 7.55 -8.01 -10.30
N GLU A 87 7.95 -8.22 -11.56
CA GLU A 87 9.20 -7.69 -12.10
C GLU A 87 9.22 -6.16 -12.14
N SER A 88 8.04 -5.54 -12.13
CA SER A 88 7.92 -4.09 -12.18
C SER A 88 8.23 -3.47 -10.81
N ARG A 89 7.60 -4.01 -9.76
CA ARG A 89 7.75 -3.61 -8.36
C ARG A 89 7.93 -2.11 -8.14
N GLY A 90 7.33 -1.27 -8.98
CA GLY A 90 7.47 0.18 -8.84
C GLY A 90 6.67 0.72 -7.66
N PHE A 91 5.82 -0.12 -7.04
CA PHE A 91 4.96 0.29 -5.95
C PHE A 91 4.42 -0.92 -5.20
N ALA A 92 3.81 -0.65 -4.04
CA ALA A 92 3.12 -1.64 -3.23
C ALA A 92 1.99 -0.92 -2.49
N PHE A 93 0.77 -1.09 -2.98
CA PHE A 93 -0.42 -0.44 -2.47
C PHE A 93 -0.72 -0.97 -1.06
N VAL A 94 -0.22 -0.24 -0.06
CA VAL A 94 -0.57 -0.48 1.33
C VAL A 94 -1.91 0.18 1.58
N ARG A 95 -2.60 -0.23 2.65
CA ARG A 95 -3.89 0.33 3.02
C ARG A 95 -4.01 0.39 4.54
N PHE A 96 -4.50 1.52 5.07
CA PHE A 96 -4.69 1.75 6.49
C PHE A 96 -6.17 1.97 6.79
N HIS A 97 -6.60 1.55 7.98
CA HIS A 97 -8.00 1.56 8.36
C HIS A 97 -8.37 2.76 9.22
N ASP A 98 -7.42 3.30 9.97
CA ASP A 98 -7.69 4.34 10.95
C ASP A 98 -7.02 5.64 10.54
N LYS A 99 -7.78 6.73 10.64
CA LYS A 99 -7.35 8.04 10.19
C LYS A 99 -6.11 8.52 10.93
N ARG A 100 -6.06 8.38 12.26
CA ARG A 100 -4.95 8.91 13.04
C ARG A 100 -3.62 8.22 12.69
N ASP A 101 -3.68 6.93 12.36
CA ASP A 101 -2.47 6.19 12.01
C ASP A 101 -2.11 6.44 10.55
N ALA A 102 -3.11 6.81 9.74
CA ALA A 102 -2.96 7.07 8.33
C ALA A 102 -2.33 8.43 8.09
N GLU A 103 -2.83 9.46 8.76
CA GLU A 103 -2.32 10.80 8.55
C GLU A 103 -0.95 10.97 9.19
N ASP A 104 -0.65 10.21 10.25
CA ASP A 104 0.67 10.30 10.85
C ASP A 104 1.71 9.67 9.93
N ALA A 105 1.38 8.54 9.30
CA ALA A 105 2.33 7.86 8.43
C ALA A 105 2.67 8.70 7.21
N MET A 106 1.73 9.49 6.70
CA MET A 106 2.03 10.32 5.53
C MET A 106 2.83 11.55 5.96
N ASP A 107 2.47 12.09 7.13
CA ASP A 107 3.14 13.25 7.70
C ASP A 107 4.49 12.88 8.33
N ALA A 108 4.88 11.60 8.30
CA ALA A 108 6.10 11.15 8.94
C ALA A 108 7.00 10.31 8.04
N MET A 109 6.56 9.98 6.82
CA MET A 109 7.42 9.23 5.92
C MET A 109 7.39 9.68 4.46
N ASP A 110 6.32 10.31 3.98
CA ASP A 110 6.32 10.71 2.58
C ASP A 110 7.43 11.74 2.34
N GLY A 111 8.12 11.58 1.21
CA GLY A 111 9.19 12.48 0.80
C GLY A 111 10.46 12.33 1.63
N ALA A 112 10.58 11.24 2.39
CA ALA A 112 11.75 10.98 3.24
C ALA A 112 12.88 10.37 2.42
N VAL A 113 12.99 10.82 1.17
CA VAL A 113 13.83 10.23 0.15
C VAL A 113 15.32 10.43 0.35
N LEU A 114 16.09 9.81 -0.55
CA LEU A 114 17.54 9.96 -0.56
C LEU A 114 18.16 9.78 -1.95
N ASP A 115 17.37 9.51 -2.97
CA ASP A 115 17.89 9.27 -4.31
C ASP A 115 16.99 9.82 -5.41
N GLY A 116 15.84 10.40 -5.06
CA GLY A 116 14.93 10.99 -6.03
C GLY A 116 13.51 10.45 -5.87
N ARG A 117 13.37 9.31 -5.20
CA ARG A 117 12.09 8.74 -4.84
C ARG A 117 12.32 7.66 -3.79
N GLU A 118 11.49 7.64 -2.75
CA GLU A 118 11.55 6.61 -1.74
C GLU A 118 10.14 6.30 -1.26
N LEU A 119 9.34 7.37 -1.08
CA LEU A 119 7.97 7.28 -0.59
C LEU A 119 7.05 8.24 -1.34
N ARG A 120 5.77 7.84 -1.43
CA ARG A 120 4.64 8.65 -1.86
C ARG A 120 3.41 8.08 -1.18
N VAL A 121 2.87 8.78 -0.19
CA VAL A 121 1.68 8.35 0.53
C VAL A 121 0.67 9.48 0.70
N GLN A 122 -0.59 9.17 0.43
CA GLN A 122 -1.73 10.06 0.57
C GLN A 122 -3.00 9.21 0.49
N MET A 123 -4.12 9.83 0.84
CA MET A 123 -5.42 9.19 0.93
C MET A 123 -5.85 8.63 -0.43
N ALA A 124 -6.48 7.45 -0.42
CA ALA A 124 -6.95 6.80 -1.63
C ALA A 124 -8.07 7.60 -2.28
N ARG A 125 -8.23 7.41 -3.60
CA ARG A 125 -9.32 8.01 -4.36
C ARG A 125 -9.85 7.01 -5.37
N TYR A 126 -9.41 5.74 -5.27
CA TYR A 126 -9.80 4.66 -6.14
C TYR A 126 -10.20 3.45 -5.31
N GLY A 127 -10.81 2.43 -5.94
CA GLY A 127 -11.33 1.28 -5.22
C GLY A 127 -10.82 -0.03 -5.80
N ARG A 128 -11.29 -1.15 -5.24
CA ARG A 128 -10.91 -2.49 -5.69
C ARG A 128 -11.21 -2.67 -7.17
N PRO A 129 -10.36 -3.42 -7.89
CA PRO A 129 -10.51 -3.63 -9.32
C PRO A 129 -11.73 -4.49 -9.68
N PRO A 130 -12.38 -4.20 -10.81
CA PRO A 130 -13.53 -4.96 -11.31
C PRO A 130 -13.13 -6.23 -12.04
N ASP A 131 -11.89 -6.27 -12.56
CA ASP A 131 -11.35 -7.39 -13.31
C ASP A 131 -9.84 -7.44 -13.10
N SER A 132 -9.19 -8.57 -13.43
CA SER A 132 -7.78 -8.73 -13.12
C SER A 132 -6.84 -7.96 -14.03
N HIS A 133 -7.16 -7.82 -15.32
CA HIS A 133 -6.22 -7.21 -16.25
C HIS A 133 -6.86 -6.84 -17.60
N HIS A 134 -8.18 -6.90 -17.70
CA HIS A 134 -8.89 -6.63 -18.95
C HIS A 134 -10.19 -5.88 -18.70
N SER A 135 -10.85 -5.44 -19.78
CA SER A 135 -12.08 -4.67 -19.71
C SER A 135 -12.99 -5.01 -20.88
N MET A 35 -2.40 -20.43 0.42
CA MET A 35 -2.13 -19.33 -0.52
C MET A 35 -2.16 -17.99 0.22
N SER A 36 -0.98 -17.37 0.38
CA SER A 36 -0.86 -16.10 1.08
C SER A 36 -1.70 -15.02 0.39
N TYR A 37 -2.30 -14.14 1.21
CA TYR A 37 -3.19 -13.07 0.76
C TYR A 37 -4.25 -13.53 -0.24
N GLY A 38 -4.53 -14.84 -0.33
CA GLY A 38 -5.44 -15.35 -1.33
C GLY A 38 -6.81 -14.70 -1.21
N ARG A 39 -7.36 -14.59 0.01
CA ARG A 39 -8.69 -14.00 0.20
C ARG A 39 -9.01 -13.72 1.67
N PRO A 40 -8.08 -13.18 2.48
CA PRO A 40 -8.37 -12.85 3.86
C PRO A 40 -9.35 -11.68 3.91
N PRO A 41 -10.37 -11.74 4.77
CA PRO A 41 -11.41 -10.73 4.85
C PRO A 41 -10.89 -9.45 5.51
N PRO A 42 -10.86 -8.33 4.77
CA PRO A 42 -10.46 -7.03 5.27
C PRO A 42 -11.66 -6.32 5.90
N ASP A 43 -11.55 -5.00 6.06
CA ASP A 43 -12.61 -4.17 6.61
C ASP A 43 -12.74 -2.87 5.79
N VAL A 44 -12.42 -2.97 4.49
CA VAL A 44 -12.43 -1.84 3.57
C VAL A 44 -13.82 -1.24 3.38
N GLU A 45 -14.85 -1.90 3.95
CA GLU A 45 -16.23 -1.47 3.84
C GLU A 45 -16.56 -0.25 4.71
N GLY A 46 -15.56 0.27 5.44
CA GLY A 46 -15.80 1.40 6.34
C GLY A 46 -14.51 1.91 6.98
N MET A 47 -13.48 2.19 6.18
CA MET A 47 -12.21 2.65 6.70
C MET A 47 -11.65 3.88 5.96
N THR A 48 -10.55 4.43 6.47
CA THR A 48 -9.88 5.59 5.90
C THR A 48 -9.18 5.26 4.57
N SER A 49 -8.87 3.98 4.35
CA SER A 49 -8.18 3.50 3.15
C SER A 49 -7.04 4.40 2.69
N LEU A 50 -6.02 4.59 3.55
CA LEU A 50 -4.81 5.25 3.10
C LEU A 50 -4.20 4.40 1.99
N LYS A 51 -3.30 4.96 1.18
CA LYS A 51 -2.54 4.20 0.20
C LYS A 51 -1.06 4.54 0.28
N VAL A 52 -0.20 3.59 -0.08
CA VAL A 52 1.24 3.84 -0.15
C VAL A 52 1.78 3.30 -1.47
N ASP A 53 2.75 4.03 -2.04
CA ASP A 53 3.37 3.69 -3.30
C ASP A 53 4.83 4.18 -3.33
N ASN A 54 5.51 3.97 -4.47
CA ASN A 54 6.83 4.54 -4.77
C ASN A 54 8.00 3.64 -4.34
N LEU A 55 7.76 2.33 -4.27
CA LEU A 55 8.73 1.35 -3.83
C LEU A 55 10.00 1.48 -4.67
N THR A 56 11.12 1.72 -4.02
CA THR A 56 12.41 1.80 -4.69
C THR A 56 12.80 0.41 -5.22
N TYR A 57 13.83 0.35 -6.07
CA TYR A 57 14.33 -0.87 -6.68
C TYR A 57 14.91 -1.86 -5.66
N ARG A 58 14.73 -1.61 -4.37
CA ARG A 58 15.30 -2.41 -3.29
C ARG A 58 14.29 -2.74 -2.21
N THR A 59 12.99 -2.58 -2.51
CA THR A 59 11.93 -2.74 -1.52
C THR A 59 10.90 -3.78 -1.99
N SER A 60 10.05 -4.23 -1.05
CA SER A 60 9.08 -5.30 -1.28
C SER A 60 7.87 -5.07 -0.34
N PRO A 61 6.76 -5.80 -0.53
CA PRO A 61 5.56 -5.60 0.28
C PRO A 61 5.77 -6.06 1.72
N ASP A 62 6.66 -7.03 1.94
CA ASP A 62 6.94 -7.47 3.31
C ASP A 62 7.68 -6.37 4.06
N THR A 63 8.48 -5.57 3.34
CA THR A 63 9.17 -4.47 3.99
C THR A 63 8.18 -3.36 4.26
N LEU A 64 7.34 -3.04 3.28
CA LEU A 64 6.32 -2.02 3.44
C LEU A 64 5.38 -2.37 4.60
N ARG A 65 5.33 -3.64 5.01
CA ARG A 65 4.46 -4.03 6.11
C ARG A 65 5.12 -3.72 7.45
N ARG A 66 6.32 -4.25 7.70
CA ARG A 66 6.95 -4.04 9.01
C ARG A 66 7.38 -2.59 9.20
N VAL A 67 7.42 -1.82 8.11
CA VAL A 67 7.86 -0.43 8.13
C VAL A 67 6.68 0.52 8.33
N PHE A 68 5.48 0.15 7.87
CA PHE A 68 4.30 0.98 8.06
C PHE A 68 3.38 0.44 9.17
N GLU A 69 3.64 -0.77 9.66
CA GLU A 69 2.87 -1.34 10.76
C GLU A 69 3.20 -0.64 12.07
N LYS A 70 4.40 -0.06 12.20
CA LYS A 70 4.83 0.56 13.44
C LYS A 70 4.06 1.84 13.74
N TYR A 71 3.51 2.48 12.70
CA TYR A 71 2.71 3.69 12.86
C TYR A 71 1.34 3.38 13.47
N GLY A 72 0.93 2.11 13.44
CA GLY A 72 -0.31 1.70 14.09
C GLY A 72 -0.74 0.31 13.63
N ARG A 73 -1.37 0.25 12.44
CA ARG A 73 -1.79 -0.99 11.83
C ARG A 73 -2.08 -0.80 10.35
N VAL A 74 -2.21 -1.93 9.65
CA VAL A 74 -2.40 -1.97 8.20
C VAL A 74 -3.54 -2.93 7.91
N GLY A 75 -4.41 -2.57 6.96
CA GLY A 75 -5.56 -3.38 6.60
C GLY A 75 -5.23 -4.27 5.41
N ASP A 76 -4.27 -3.84 4.59
CA ASP A 76 -3.76 -4.62 3.48
C ASP A 76 -2.42 -4.07 3.02
N VAL A 77 -1.60 -4.94 2.41
CA VAL A 77 -0.33 -4.59 1.80
C VAL A 77 -0.13 -5.59 0.68
N TYR A 78 -0.28 -5.09 -0.56
CA TYR A 78 -0.41 -5.95 -1.71
C TYR A 78 0.12 -5.24 -2.96
N ILE A 79 0.41 -6.02 -4.00
CA ILE A 79 1.04 -5.52 -5.22
C ILE A 79 0.35 -6.12 -6.44
N PRO A 80 -0.11 -5.27 -7.37
CA PRO A 80 -0.73 -5.68 -8.62
C PRO A 80 0.34 -6.14 -9.62
N ARG A 81 1.30 -6.92 -9.11
CA ARG A 81 2.45 -7.41 -9.87
C ARG A 81 2.04 -7.93 -11.24
N ASP A 82 0.95 -8.71 -11.28
CA ASP A 82 0.37 -9.29 -12.48
C ASP A 82 -0.88 -10.07 -12.09
N ARG A 83 -1.69 -10.39 -13.09
CA ARG A 83 -2.80 -11.32 -12.96
C ARG A 83 -2.80 -12.29 -14.15
N TYR A 84 -1.91 -12.08 -15.12
CA TYR A 84 -1.79 -12.85 -16.34
C TYR A 84 -0.50 -12.53 -17.11
N THR A 85 0.47 -11.88 -16.46
CA THR A 85 1.62 -11.32 -17.15
C THR A 85 2.97 -11.70 -16.52
N LYS A 86 2.96 -12.21 -15.30
CA LYS A 86 4.13 -12.49 -14.47
C LYS A 86 5.18 -11.36 -14.50
N GLU A 87 4.75 -10.13 -14.82
CA GLU A 87 5.59 -8.95 -14.78
C GLU A 87 5.78 -8.47 -13.34
N SER A 88 6.09 -7.18 -13.19
CA SER A 88 6.22 -6.50 -11.91
C SER A 88 5.98 -5.02 -12.10
N ARG A 89 5.85 -4.29 -10.98
CA ARG A 89 5.65 -2.85 -10.97
C ARG A 89 6.66 -2.22 -10.01
N GLY A 90 6.51 -0.92 -9.76
CA GLY A 90 7.43 -0.13 -8.95
C GLY A 90 6.75 0.50 -7.74
N PHE A 91 5.71 -0.16 -7.21
CA PHE A 91 4.98 0.32 -6.05
C PHE A 91 4.34 -0.88 -5.34
N ALA A 92 3.79 -0.63 -4.14
CA ALA A 92 3.10 -1.63 -3.36
C ALA A 92 1.96 -0.95 -2.62
N PHE A 93 0.74 -1.12 -3.13
CA PHE A 93 -0.44 -0.44 -2.62
C PHE A 93 -0.76 -0.96 -1.22
N VAL A 94 -0.21 -0.28 -0.21
CA VAL A 94 -0.57 -0.58 1.18
C VAL A 94 -1.89 0.14 1.47
N ARG A 95 -2.62 -0.31 2.49
CA ARG A 95 -3.91 0.26 2.84
C ARG A 95 -4.06 0.35 4.35
N PHE A 96 -4.49 1.52 4.88
CA PHE A 96 -4.67 1.68 6.32
C PHE A 96 -6.12 1.89 6.68
N HIS A 97 -6.45 1.60 7.95
CA HIS A 97 -7.81 1.70 8.46
C HIS A 97 -7.99 2.80 9.49
N ASP A 98 -6.99 3.04 10.33
CA ASP A 98 -7.06 4.11 11.30
C ASP A 98 -6.80 5.44 10.63
N LYS A 99 -7.71 6.40 10.84
CA LYS A 99 -7.58 7.73 10.26
C LYS A 99 -6.37 8.44 10.83
N ARG A 100 -6.23 8.46 12.17
CA ARG A 100 -5.17 9.20 12.84
C ARG A 100 -3.79 8.61 12.55
N ASP A 101 -3.71 7.30 12.33
CA ASP A 101 -2.43 6.67 12.05
C ASP A 101 -2.09 6.78 10.57
N ALA A 102 -3.10 7.01 9.73
CA ALA A 102 -2.87 7.17 8.30
C ALA A 102 -2.29 8.55 8.02
N GLU A 103 -2.79 9.59 8.69
CA GLU A 103 -2.29 10.93 8.50
C GLU A 103 -0.96 11.14 9.23
N ASP A 104 -0.64 10.31 10.21
CA ASP A 104 0.67 10.38 10.84
C ASP A 104 1.72 9.74 9.93
N ALA A 105 1.40 8.61 9.31
CA ALA A 105 2.35 7.91 8.45
C ALA A 105 2.73 8.75 7.24
N MET A 106 1.81 9.57 6.72
CA MET A 106 2.14 10.43 5.59
C MET A 106 2.98 11.60 6.06
N ASP A 107 2.60 12.16 7.21
CA ASP A 107 3.28 13.30 7.81
C ASP A 107 4.61 12.88 8.46
N ALA A 108 4.98 11.60 8.39
CA ALA A 108 6.18 11.12 9.05
C ALA A 108 7.09 10.29 8.16
N MET A 109 6.68 9.98 6.93
CA MET A 109 7.56 9.23 6.04
C MET A 109 7.52 9.66 4.57
N ASP A 110 6.43 10.24 4.07
CA ASP A 110 6.39 10.60 2.66
C ASP A 110 7.46 11.63 2.32
N GLY A 111 8.12 11.42 1.17
CA GLY A 111 9.12 12.32 0.64
C GLY A 111 10.45 12.26 1.42
N ALA A 112 10.61 11.29 2.32
CA ALA A 112 11.81 11.19 3.15
C ALA A 112 12.95 10.46 2.41
N VAL A 113 12.94 10.57 1.09
CA VAL A 113 13.80 9.87 0.17
C VAL A 113 15.27 10.24 0.29
N LEU A 114 16.14 9.55 -0.46
CA LEU A 114 17.58 9.85 -0.40
C LEU A 114 18.31 9.72 -1.74
N ASP A 115 17.61 9.35 -2.82
CA ASP A 115 18.27 9.16 -4.11
C ASP A 115 17.37 9.61 -5.27
N GLY A 116 16.20 10.16 -4.95
CA GLY A 116 15.24 10.64 -5.93
C GLY A 116 13.84 10.17 -5.56
N ARG A 117 13.75 9.03 -4.85
CA ARG A 117 12.49 8.52 -4.36
C ARG A 117 12.73 7.60 -3.18
N GLU A 118 11.67 7.39 -2.39
CA GLU A 118 11.58 6.34 -1.40
C GLU A 118 10.11 6.11 -1.04
N LEU A 119 9.33 7.19 -0.84
CA LEU A 119 7.93 7.09 -0.44
C LEU A 119 7.05 8.10 -1.17
N ARG A 120 5.77 7.71 -1.28
CA ARG A 120 4.65 8.57 -1.66
C ARG A 120 3.41 7.95 -1.04
N VAL A 121 2.88 8.59 0.00
CA VAL A 121 1.74 8.08 0.77
C VAL A 121 0.73 9.19 1.00
N GLN A 122 -0.52 8.90 0.63
CA GLN A 122 -1.66 9.81 0.67
C GLN A 122 -2.93 8.96 0.73
N MET A 123 -4.08 9.62 0.66
CA MET A 123 -5.38 8.97 0.78
C MET A 123 -5.78 8.40 -0.57
N ALA A 124 -6.43 7.23 -0.56
CA ALA A 124 -6.87 6.57 -1.78
C ALA A 124 -8.01 7.33 -2.44
N ARG A 125 -8.18 7.15 -3.75
CA ARG A 125 -9.26 7.74 -4.53
C ARG A 125 -9.82 6.71 -5.52
N TYR A 126 -9.40 5.45 -5.39
CA TYR A 126 -9.85 4.37 -6.26
C TYR A 126 -10.30 3.19 -5.40
N GLY A 127 -10.83 2.13 -6.03
CA GLY A 127 -11.41 1.01 -5.30
C GLY A 127 -10.83 -0.34 -5.72
N ARG A 128 -11.26 -1.41 -5.03
CA ARG A 128 -10.80 -2.76 -5.26
C ARG A 128 -11.15 -3.24 -6.68
N PRO A 129 -10.40 -4.23 -7.21
CA PRO A 129 -10.54 -4.78 -8.56
C PRO A 129 -11.91 -4.69 -9.22
N PRO A 130 -12.16 -3.65 -10.04
CA PRO A 130 -13.34 -3.56 -10.88
C PRO A 130 -13.11 -4.31 -12.19
N ASP A 131 -11.83 -4.42 -12.59
CA ASP A 131 -11.37 -5.09 -13.79
C ASP A 131 -9.89 -5.46 -13.57
N SER A 132 -9.23 -6.04 -14.56
CA SER A 132 -7.84 -6.46 -14.37
C SER A 132 -6.88 -5.29 -14.19
N HIS A 133 -7.14 -4.13 -14.80
CA HIS A 133 -6.16 -3.05 -14.72
C HIS A 133 -6.71 -1.72 -15.25
N HIS A 134 -8.03 -1.60 -15.38
CA HIS A 134 -8.67 -0.41 -15.94
C HIS A 134 -9.99 -0.11 -15.23
N SER A 135 -10.57 1.05 -15.52
CA SER A 135 -11.81 1.51 -14.91
C SER A 135 -12.64 2.29 -15.91
N MET A 35 -3.25 -16.39 -4.58
CA MET A 35 -1.92 -15.81 -4.85
C MET A 35 -1.46 -14.95 -3.68
N SER A 36 -2.28 -14.00 -3.23
CA SER A 36 -1.96 -13.14 -2.11
C SER A 36 -3.23 -12.82 -1.31
N TYR A 37 -3.19 -13.06 0.00
CA TYR A 37 -4.28 -12.86 0.97
C TYR A 37 -5.55 -13.65 0.69
N GLY A 38 -5.83 -13.99 -0.56
CA GLY A 38 -7.03 -14.68 -0.96
C GLY A 38 -8.14 -13.66 -1.11
N ARG A 39 -8.74 -13.25 0.01
CA ARG A 39 -9.86 -12.31 0.05
C ARG A 39 -10.45 -12.22 1.46
N PRO A 40 -9.70 -11.64 2.42
CA PRO A 40 -10.18 -11.39 3.77
C PRO A 40 -11.48 -10.56 3.75
N PRO A 41 -12.18 -10.46 4.89
CA PRO A 41 -13.34 -9.60 5.11
C PRO A 41 -12.97 -8.29 5.82
N PRO A 42 -12.28 -7.35 5.15
CA PRO A 42 -11.95 -6.04 5.69
C PRO A 42 -13.18 -5.13 5.68
N ASP A 43 -12.96 -3.83 5.88
CA ASP A 43 -14.02 -2.83 5.90
C ASP A 43 -13.63 -1.65 5.01
N VAL A 44 -12.92 -1.95 3.92
CA VAL A 44 -12.45 -0.94 2.96
C VAL A 44 -13.61 -0.12 2.39
N GLU A 45 -14.85 -0.55 2.63
CA GLU A 45 -16.05 0.17 2.21
C GLU A 45 -16.30 1.41 3.06
N GLY A 46 -15.52 1.62 4.12
CA GLY A 46 -15.66 2.77 5.01
C GLY A 46 -14.38 3.14 5.76
N MET A 47 -13.34 2.30 5.69
CA MET A 47 -12.04 2.59 6.28
C MET A 47 -11.43 3.85 5.68
N THR A 48 -10.43 4.42 6.37
CA THR A 48 -9.70 5.58 5.88
C THR A 48 -9.01 5.26 4.55
N SER A 49 -8.75 3.97 4.32
CA SER A 49 -8.14 3.47 3.10
C SER A 49 -6.96 4.34 2.63
N LEU A 50 -5.97 4.55 3.50
CA LEU A 50 -4.76 5.24 3.07
C LEU A 50 -4.12 4.40 1.96
N LYS A 51 -3.27 4.98 1.12
CA LYS A 51 -2.56 4.22 0.12
C LYS A 51 -1.14 4.77 -0.08
N VAL A 52 -0.17 3.88 -0.24
CA VAL A 52 1.23 4.25 -0.44
C VAL A 52 1.84 3.45 -1.58
N ASP A 53 2.81 4.08 -2.26
CA ASP A 53 3.48 3.55 -3.43
C ASP A 53 4.90 4.11 -3.52
N ASN A 54 5.58 3.88 -4.65
CA ASN A 54 6.87 4.45 -4.99
C ASN A 54 8.04 3.59 -4.47
N LEU A 55 7.80 2.29 -4.30
CA LEU A 55 8.77 1.34 -3.77
C LEU A 55 10.07 1.46 -4.55
N THR A 56 11.17 1.63 -3.83
CA THR A 56 12.49 1.73 -4.43
C THR A 56 12.98 0.36 -4.86
N TYR A 57 14.08 0.33 -5.63
CA TYR A 57 14.66 -0.88 -6.21
C TYR A 57 15.16 -1.88 -5.17
N ARG A 58 14.92 -1.65 -3.87
CA ARG A 58 15.41 -2.52 -2.81
C ARG A 58 14.32 -2.85 -1.78
N THR A 59 13.06 -2.55 -2.12
CA THR A 59 11.95 -2.69 -1.17
C THR A 59 10.98 -3.77 -1.61
N SER A 60 10.09 -4.19 -0.70
CA SER A 60 9.18 -5.31 -0.89
C SER A 60 7.90 -5.07 -0.08
N PRO A 61 6.82 -5.84 -0.32
CA PRO A 61 5.56 -5.66 0.39
C PRO A 61 5.71 -6.09 1.84
N ASP A 62 6.54 -7.11 2.09
CA ASP A 62 6.77 -7.60 3.44
C ASP A 62 7.48 -6.52 4.27
N THR A 63 8.37 -5.76 3.63
CA THR A 63 9.01 -4.66 4.33
C THR A 63 8.02 -3.52 4.51
N LEU A 64 7.23 -3.22 3.47
CA LEU A 64 6.26 -2.14 3.53
C LEU A 64 5.28 -2.36 4.68
N ARG A 65 5.13 -3.60 5.15
CA ARG A 65 4.24 -3.92 6.25
C ARG A 65 4.91 -3.58 7.58
N ARG A 66 6.08 -4.15 7.85
CA ARG A 66 6.77 -3.92 9.12
C ARG A 66 7.30 -2.49 9.24
N VAL A 67 7.22 -1.72 8.15
CA VAL A 67 7.67 -0.34 8.13
C VAL A 67 6.52 0.63 8.34
N PHE A 68 5.31 0.31 7.89
CA PHE A 68 4.15 1.15 8.09
C PHE A 68 3.26 0.65 9.24
N GLU A 69 3.50 -0.57 9.73
CA GLU A 69 2.75 -1.11 10.86
C GLU A 69 3.17 -0.46 12.17
N LYS A 70 4.39 0.09 12.25
CA LYS A 70 4.89 0.70 13.48
C LYS A 70 4.14 1.98 13.82
N TYR A 71 3.55 2.63 12.82
CA TYR A 71 2.78 3.86 13.02
C TYR A 71 1.41 3.55 13.62
N GLY A 72 0.97 2.29 13.56
CA GLY A 72 -0.28 1.88 14.18
C GLY A 72 -0.71 0.49 13.73
N ARG A 73 -1.41 0.42 12.60
CA ARG A 73 -1.82 -0.84 11.98
C ARG A 73 -2.09 -0.64 10.51
N VAL A 74 -2.11 -1.75 9.76
CA VAL A 74 -2.25 -1.75 8.32
C VAL A 74 -3.26 -2.81 7.93
N GLY A 75 -4.09 -2.52 6.91
CA GLY A 75 -5.12 -3.43 6.46
C GLY A 75 -4.49 -4.55 5.66
N ASP A 76 -3.60 -4.18 4.72
CA ASP A 76 -2.85 -5.14 3.93
C ASP A 76 -1.81 -4.44 3.08
N VAL A 77 -0.96 -5.25 2.45
CA VAL A 77 0.00 -4.80 1.47
C VAL A 77 -0.24 -5.60 0.20
N TYR A 78 -0.07 -4.97 -0.97
CA TYR A 78 -0.42 -5.64 -2.21
C TYR A 78 0.41 -5.12 -3.38
N ILE A 79 0.65 -5.98 -4.38
CA ILE A 79 1.49 -5.65 -5.53
C ILE A 79 0.87 -6.22 -6.81
N PRO A 80 -0.18 -5.56 -7.30
CA PRO A 80 -0.91 -5.93 -8.50
C PRO A 80 -0.14 -5.52 -9.76
N ARG A 81 -0.74 -5.87 -10.92
CA ARG A 81 -0.30 -5.60 -12.29
C ARG A 81 -0.33 -6.93 -13.07
N ASP A 82 -0.09 -8.02 -12.34
CA ASP A 82 -0.17 -9.38 -12.84
C ASP A 82 -0.64 -10.24 -11.67
N ARG A 83 -1.96 -10.34 -11.50
CA ARG A 83 -2.62 -10.95 -10.36
C ARG A 83 -2.37 -12.45 -10.17
N TYR A 84 -1.36 -12.98 -10.86
CA TYR A 84 -0.99 -14.38 -10.87
C TYR A 84 0.53 -14.55 -10.99
N THR A 85 1.28 -13.45 -10.97
CA THR A 85 2.74 -13.49 -10.93
C THR A 85 3.29 -12.54 -9.88
N LYS A 86 2.61 -11.40 -9.70
CA LYS A 86 2.99 -10.28 -8.84
C LYS A 86 4.50 -10.04 -8.78
N GLU A 87 5.20 -10.29 -9.90
CA GLU A 87 6.66 -10.17 -9.98
C GLU A 87 7.11 -8.70 -10.00
N SER A 88 6.18 -7.75 -10.07
CA SER A 88 6.53 -6.33 -10.06
C SER A 88 7.09 -5.92 -8.70
N ARG A 89 7.76 -4.77 -8.65
CA ARG A 89 8.33 -4.22 -7.41
C ARG A 89 8.49 -2.70 -7.47
N GLY A 90 8.00 -2.05 -8.52
CA GLY A 90 8.13 -0.60 -8.66
C GLY A 90 7.18 0.14 -7.72
N PHE A 91 6.23 -0.58 -7.13
CA PHE A 91 5.28 -0.04 -6.18
C PHE A 91 4.67 -1.18 -5.35
N ALA A 92 3.95 -0.82 -4.29
CA ALA A 92 3.22 -1.77 -3.48
C ALA A 92 2.08 -1.04 -2.81
N PHE A 93 0.89 -1.11 -3.41
CA PHE A 93 -0.30 -0.46 -2.90
C PHE A 93 -0.63 -1.07 -1.53
N VAL A 94 -0.20 -0.39 -0.46
CA VAL A 94 -0.50 -0.79 0.91
C VAL A 94 -1.66 0.07 1.40
N ARG A 95 -2.49 -0.42 2.33
CA ARG A 95 -3.66 0.32 2.75
C ARG A 95 -3.87 0.30 4.27
N PHE A 96 -4.35 1.43 4.82
CA PHE A 96 -4.60 1.58 6.25
C PHE A 96 -6.09 1.73 6.55
N HIS A 97 -6.46 1.46 7.82
CA HIS A 97 -7.82 1.57 8.29
C HIS A 97 -8.03 2.72 9.27
N ASP A 98 -7.05 3.01 10.12
CA ASP A 98 -7.13 4.08 11.10
C ASP A 98 -6.77 5.41 10.46
N LYS A 99 -7.57 6.44 10.70
CA LYS A 99 -7.28 7.78 10.21
C LYS A 99 -6.03 8.34 10.89
N ARG A 100 -6.00 8.35 12.22
CA ARG A 100 -4.89 8.95 12.96
C ARG A 100 -3.55 8.28 12.63
N ASP A 101 -3.55 6.97 12.37
CA ASP A 101 -2.31 6.26 12.08
C ASP A 101 -1.93 6.40 10.62
N ALA A 102 -2.91 6.75 9.77
CA ALA A 102 -2.69 6.92 8.34
C ALA A 102 -2.10 8.29 8.06
N GLU A 103 -2.67 9.33 8.68
CA GLU A 103 -2.17 10.67 8.47
C GLU A 103 -0.79 10.83 9.13
N ASP A 104 -0.51 10.04 10.18
CA ASP A 104 0.80 10.10 10.82
C ASP A 104 1.88 9.47 9.96
N ALA A 105 1.63 8.28 9.41
CA ALA A 105 2.61 7.59 8.57
C ALA A 105 2.89 8.40 7.31
N MET A 106 1.88 9.13 6.83
CA MET A 106 2.01 10.00 5.68
C MET A 106 2.78 11.26 6.04
N ASP A 107 2.47 11.85 7.20
CA ASP A 107 3.11 13.08 7.63
C ASP A 107 4.50 12.81 8.23
N ALA A 108 4.93 11.53 8.25
CA ALA A 108 6.18 11.15 8.87
C ALA A 108 7.06 10.31 7.96
N MET A 109 6.57 9.95 6.77
CA MET A 109 7.40 9.19 5.84
C MET A 109 7.31 9.66 4.39
N ASP A 110 6.19 10.24 3.94
CA ASP A 110 6.15 10.69 2.55
C ASP A 110 7.18 11.80 2.34
N GLY A 111 7.91 11.71 1.23
CA GLY A 111 8.91 12.70 0.84
C GLY A 111 10.19 12.61 1.67
N ALA A 112 10.35 11.54 2.47
CA ALA A 112 11.53 11.35 3.30
C ALA A 112 12.66 10.73 2.48
N VAL A 113 12.71 11.12 1.21
CA VAL A 113 13.55 10.51 0.20
C VAL A 113 15.02 10.86 0.34
N LEU A 114 15.83 10.21 -0.52
CA LEU A 114 17.27 10.45 -0.56
C LEU A 114 17.87 10.19 -1.95
N ASP A 115 17.03 9.86 -2.94
CA ASP A 115 17.48 9.50 -4.27
C ASP A 115 16.56 10.04 -5.36
N GLY A 116 15.45 10.69 -4.98
CA GLY A 116 14.49 11.20 -5.95
C GLY A 116 13.20 10.40 -5.86
N ARG A 117 13.24 9.29 -5.13
CA ARG A 117 12.07 8.47 -4.83
C ARG A 117 12.40 7.58 -3.64
N GLU A 118 11.52 7.60 -2.63
CA GLU A 118 11.55 6.67 -1.51
C GLU A 118 10.13 6.35 -1.10
N LEU A 119 9.31 7.38 -0.90
CA LEU A 119 7.90 7.23 -0.54
C LEU A 119 7.02 8.21 -1.29
N ARG A 120 5.75 7.80 -1.47
CA ARG A 120 4.64 8.63 -1.91
C ARG A 120 3.39 8.02 -1.29
N VAL A 121 2.87 8.65 -0.22
CA VAL A 121 1.70 8.14 0.49
C VAL A 121 0.69 9.25 0.72
N GLN A 122 -0.57 8.95 0.41
CA GLN A 122 -1.70 9.87 0.50
C GLN A 122 -2.98 9.07 0.72
N MET A 123 -4.09 9.79 0.91
CA MET A 123 -5.41 9.22 1.08
C MET A 123 -5.93 8.77 -0.28
N ALA A 124 -6.48 7.56 -0.36
CA ALA A 124 -6.98 7.02 -1.62
C ALA A 124 -8.16 7.85 -2.12
N ARG A 125 -8.32 7.90 -3.45
CA ARG A 125 -9.45 8.55 -4.13
C ARG A 125 -9.89 7.68 -5.29
N TYR A 126 -9.49 6.41 -5.24
CA TYR A 126 -9.73 5.39 -6.24
C TYR A 126 -9.91 4.09 -5.45
N GLY A 127 -10.78 3.17 -5.89
CA GLY A 127 -11.19 2.04 -5.08
C GLY A 127 -10.86 0.67 -5.68
N ARG A 128 -11.13 -0.38 -4.89
CA ARG A 128 -10.86 -1.76 -5.25
C ARG A 128 -11.68 -2.14 -6.50
N PRO A 129 -11.09 -2.91 -7.43
CA PRO A 129 -11.71 -3.26 -8.69
C PRO A 129 -12.86 -4.28 -8.53
N PRO A 130 -13.89 -4.17 -9.38
CA PRO A 130 -14.98 -5.13 -9.45
C PRO A 130 -14.61 -6.35 -10.31
N ASP A 131 -13.66 -6.17 -11.23
CA ASP A 131 -13.17 -7.21 -12.12
C ASP A 131 -11.72 -6.91 -12.49
N SER A 132 -10.97 -7.91 -12.97
CA SER A 132 -9.53 -7.74 -13.14
C SER A 132 -9.14 -6.84 -14.30
N HIS A 133 -9.64 -7.10 -15.51
CA HIS A 133 -9.24 -6.34 -16.68
C HIS A 133 -10.21 -6.56 -17.85
N HIS A 134 -10.03 -5.80 -18.92
CA HIS A 134 -10.85 -5.89 -20.11
C HIS A 134 -10.06 -5.44 -21.34
N SER A 135 -10.60 -5.71 -22.54
CA SER A 135 -9.96 -5.36 -23.80
C SER A 135 -11.03 -5.03 -24.84
N MET A 35 4.07 -19.70 2.79
CA MET A 35 2.74 -19.08 2.96
C MET A 35 2.64 -17.81 2.13
N SER A 36 1.41 -17.35 1.89
CA SER A 36 1.14 -16.14 1.11
C SER A 36 -0.14 -15.46 1.58
N TYR A 37 -0.42 -14.28 1.02
CA TYR A 37 -1.63 -13.52 1.33
C TYR A 37 -2.88 -14.33 1.00
N GLY A 38 -2.84 -15.01 -0.15
CA GLY A 38 -3.96 -15.76 -0.71
C GLY A 38 -5.09 -14.80 -1.06
N ARG A 39 -5.89 -14.45 -0.05
CA ARG A 39 -7.18 -13.76 -0.23
C ARG A 39 -7.53 -12.91 1.00
N PRO A 40 -6.67 -11.99 1.44
CA PRO A 40 -6.85 -11.28 2.69
C PRO A 40 -8.06 -10.34 2.64
N PRO A 41 -9.07 -10.57 3.50
CA PRO A 41 -10.27 -9.75 3.56
C PRO A 41 -10.00 -8.47 4.36
N PRO A 42 -10.16 -7.30 3.74
CA PRO A 42 -10.03 -6.00 4.40
C PRO A 42 -11.35 -5.61 5.07
N ASP A 43 -11.46 -4.34 5.47
CA ASP A 43 -12.63 -3.80 6.16
C ASP A 43 -13.02 -2.45 5.56
N VAL A 44 -12.88 -2.34 4.24
CA VAL A 44 -13.06 -1.10 3.46
C VAL A 44 -14.48 -0.54 3.48
N GLU A 45 -15.35 -1.06 4.36
CA GLU A 45 -16.74 -0.65 4.47
C GLU A 45 -16.92 0.81 4.87
N GLY A 46 -15.82 1.56 5.07
CA GLY A 46 -15.89 2.97 5.43
C GLY A 46 -14.58 3.50 6.04
N MET A 47 -13.59 2.63 6.28
CA MET A 47 -12.32 3.01 6.88
C MET A 47 -11.54 4.02 6.04
N THR A 48 -10.51 4.63 6.63
CA THR A 48 -9.73 5.72 6.03
C THR A 48 -9.06 5.34 4.71
N SER A 49 -8.76 4.05 4.49
CA SER A 49 -8.11 3.56 3.29
C SER A 49 -6.96 4.45 2.81
N LEU A 50 -5.94 4.65 3.64
CA LEU A 50 -4.73 5.34 3.20
C LEU A 50 -4.09 4.49 2.10
N LYS A 51 -3.17 5.07 1.34
CA LYS A 51 -2.41 4.38 0.30
C LYS A 51 -0.93 4.76 0.36
N VAL A 52 -0.07 3.79 0.04
CA VAL A 52 1.38 4.01 -0.07
C VAL A 52 1.87 3.42 -1.40
N ASP A 53 2.91 4.02 -1.98
CA ASP A 53 3.56 3.60 -3.22
C ASP A 53 5.03 4.04 -3.23
N ASN A 54 5.69 3.92 -4.38
CA ASN A 54 7.03 4.45 -4.64
C ASN A 54 8.16 3.52 -4.16
N LEU A 55 7.91 2.22 -4.10
CA LEU A 55 8.87 1.22 -3.65
C LEU A 55 10.16 1.35 -4.46
N THR A 56 11.27 1.62 -3.79
CA THR A 56 12.56 1.71 -4.44
C THR A 56 13.02 0.33 -4.90
N TYR A 57 14.09 0.30 -5.71
CA TYR A 57 14.65 -0.91 -6.29
C TYR A 57 15.16 -1.93 -5.25
N ARG A 58 14.97 -1.67 -3.96
CA ARG A 58 15.47 -2.51 -2.89
C ARG A 58 14.39 -2.84 -1.86
N THR A 59 13.12 -2.59 -2.20
CA THR A 59 12.02 -2.73 -1.26
C THR A 59 10.99 -3.76 -1.76
N SER A 60 10.11 -4.20 -0.87
CA SER A 60 9.15 -5.26 -1.11
C SER A 60 7.89 -5.01 -0.29
N PRO A 61 6.79 -5.73 -0.54
CA PRO A 61 5.54 -5.56 0.20
C PRO A 61 5.70 -6.07 1.62
N ASP A 62 6.55 -7.08 1.82
CA ASP A 62 6.82 -7.62 3.14
C ASP A 62 7.55 -6.58 3.99
N THR A 63 8.41 -5.78 3.36
CA THR A 63 9.08 -4.70 4.08
C THR A 63 8.09 -3.57 4.32
N LEU A 64 7.30 -3.21 3.31
CA LEU A 64 6.32 -2.14 3.43
C LEU A 64 5.35 -2.43 4.58
N ARG A 65 5.23 -3.70 4.99
CA ARG A 65 4.36 -4.06 6.09
C ARG A 65 5.04 -3.74 7.41
N ARG A 66 6.23 -4.30 7.66
CA ARG A 66 6.91 -4.10 8.94
C ARG A 66 7.37 -2.66 9.12
N VAL A 67 7.39 -1.88 8.04
CA VAL A 67 7.81 -0.48 8.06
C VAL A 67 6.63 0.45 8.33
N PHE A 68 5.44 0.09 7.88
CA PHE A 68 4.25 0.91 8.10
C PHE A 68 3.36 0.36 9.22
N GLU A 69 3.62 -0.86 9.70
CA GLU A 69 2.84 -1.45 10.78
C GLU A 69 3.13 -0.75 12.11
N LYS A 70 4.34 -0.18 12.26
CA LYS A 70 4.72 0.47 13.51
C LYS A 70 3.92 1.75 13.78
N TYR A 71 3.38 2.37 12.72
CA TYR A 71 2.56 3.55 12.85
C TYR A 71 1.19 3.23 13.42
N GLY A 72 0.79 1.95 13.40
CA GLY A 72 -0.45 1.52 14.02
C GLY A 72 -0.90 0.15 13.53
N ARG A 73 -1.52 0.11 12.35
CA ARG A 73 -1.96 -1.12 11.72
C ARG A 73 -2.19 -0.93 10.23
N VAL A 74 -2.28 -2.04 9.50
CA VAL A 74 -2.40 -2.05 8.06
C VAL A 74 -3.54 -2.99 7.69
N GLY A 75 -4.28 -2.66 6.63
CA GLY A 75 -5.41 -3.45 6.17
C GLY A 75 -5.07 -4.17 4.86
N ASP A 76 -4.07 -3.68 4.14
CA ASP A 76 -3.57 -4.37 2.96
C ASP A 76 -2.17 -3.87 2.61
N VAL A 77 -1.41 -4.69 1.88
CA VAL A 77 -0.06 -4.38 1.45
C VAL A 77 0.37 -5.43 0.43
N TYR A 78 0.19 -5.14 -0.86
CA TYR A 78 0.57 -6.09 -1.88
C TYR A 78 0.92 -5.43 -3.23
N ILE A 79 1.53 -6.23 -4.10
CA ILE A 79 2.02 -5.79 -5.41
C ILE A 79 0.98 -6.16 -6.45
N PRO A 80 0.19 -5.18 -6.93
CA PRO A 80 -0.94 -5.45 -7.79
C PRO A 80 -0.50 -5.85 -9.19
N ARG A 81 0.46 -5.10 -9.76
CA ARG A 81 1.06 -5.26 -11.08
C ARG A 81 0.12 -5.69 -12.21
N ASP A 82 0.67 -5.87 -13.42
CA ASP A 82 -0.06 -6.48 -14.50
C ASP A 82 -0.06 -7.99 -14.25
N ARG A 83 -1.23 -8.49 -13.85
CA ARG A 83 -1.50 -9.85 -13.43
C ARG A 83 -1.09 -10.94 -14.44
N TYR A 84 -0.52 -10.56 -15.59
CA TYR A 84 -0.15 -11.51 -16.64
C TYR A 84 1.22 -11.18 -17.24
N THR A 85 1.89 -10.13 -16.78
CA THR A 85 3.28 -9.84 -17.19
C THR A 85 4.20 -9.67 -15.98
N LYS A 86 3.59 -9.40 -14.82
CA LYS A 86 4.22 -9.32 -13.52
C LYS A 86 5.54 -8.52 -13.51
N GLU A 87 5.60 -7.44 -14.28
CA GLU A 87 6.80 -6.62 -14.37
C GLU A 87 6.54 -5.15 -14.07
N SER A 88 5.33 -4.81 -13.64
CA SER A 88 4.96 -3.43 -13.30
C SER A 88 5.60 -2.97 -12.01
N ARG A 89 6.28 -3.88 -11.29
CA ARG A 89 6.96 -3.64 -10.03
C ARG A 89 7.69 -2.30 -10.02
N GLY A 90 7.62 -1.69 -8.84
CA GLY A 90 8.15 -0.37 -8.56
C GLY A 90 7.28 0.36 -7.53
N PHE A 91 6.18 -0.26 -7.11
CA PHE A 91 5.31 0.24 -6.04
C PHE A 91 4.55 -0.92 -5.41
N ALA A 92 3.94 -0.66 -4.26
CA ALA A 92 3.19 -1.64 -3.50
C ALA A 92 2.01 -0.93 -2.87
N PHE A 93 0.80 -1.16 -3.38
CA PHE A 93 -0.36 -0.48 -2.84
C PHE A 93 -0.63 -1.05 -1.46
N VAL A 94 -0.41 -0.24 -0.43
CA VAL A 94 -0.74 -0.66 0.93
C VAL A 94 -1.87 0.21 1.44
N ARG A 95 -2.52 -0.22 2.53
CA ARG A 95 -3.75 0.40 2.96
C ARG A 95 -3.86 0.48 4.48
N PHE A 96 -4.36 1.61 4.98
CA PHE A 96 -4.61 1.77 6.41
C PHE A 96 -6.09 1.96 6.69
N HIS A 97 -6.48 1.83 7.95
CA HIS A 97 -7.88 1.94 8.38
C HIS A 97 -8.08 2.99 9.46
N ASP A 98 -7.07 3.20 10.31
CA ASP A 98 -7.12 4.24 11.33
C ASP A 98 -6.75 5.59 10.72
N LYS A 99 -7.62 6.58 10.87
CA LYS A 99 -7.35 7.92 10.36
C LYS A 99 -6.11 8.51 11.02
N ARG A 100 -6.05 8.52 12.35
CA ARG A 100 -4.95 9.12 13.08
C ARG A 100 -3.60 8.47 12.74
N ASP A 101 -3.60 7.16 12.47
CA ASP A 101 -2.36 6.46 12.17
C ASP A 101 -2.02 6.61 10.68
N ALA A 102 -3.01 6.96 9.86
CA ALA A 102 -2.80 7.14 8.44
C ALA A 102 -2.24 8.53 8.17
N GLU A 103 -2.78 9.54 8.84
CA GLU A 103 -2.31 10.91 8.63
C GLU A 103 -0.93 11.10 9.23
N ASP A 104 -0.58 10.33 10.26
CA ASP A 104 0.75 10.41 10.84
C ASP A 104 1.76 9.76 9.91
N ALA A 105 1.42 8.62 9.31
CA ALA A 105 2.34 7.91 8.44
C ALA A 105 2.70 8.73 7.21
N MET A 106 1.75 9.53 6.69
CA MET A 106 2.04 10.35 5.52
C MET A 106 2.85 11.57 5.95
N ASP A 107 2.53 12.12 7.12
CA ASP A 107 3.21 13.27 7.68
C ASP A 107 4.55 12.89 8.33
N ALA A 108 4.94 11.61 8.28
CA ALA A 108 6.15 11.16 8.93
C ALA A 108 7.05 10.31 8.02
N MET A 109 6.61 9.97 6.81
CA MET A 109 7.46 9.22 5.90
C MET A 109 7.38 9.67 4.45
N ASP A 110 6.28 10.27 4.01
CA ASP A 110 6.19 10.68 2.62
C ASP A 110 7.18 11.81 2.35
N GLY A 111 7.87 11.70 1.22
CA GLY A 111 8.82 12.72 0.78
C GLY A 111 10.16 12.61 1.52
N ALA A 112 10.37 11.55 2.30
CA ALA A 112 11.61 11.34 3.05
C ALA A 112 12.69 10.75 2.15
N VAL A 113 12.64 11.12 0.87
CA VAL A 113 13.43 10.52 -0.19
C VAL A 113 14.90 10.97 -0.13
N LEU A 114 15.77 10.25 -0.84
CA LEU A 114 17.19 10.56 -0.94
C LEU A 114 17.82 10.01 -2.22
N ASP A 115 16.99 9.53 -3.16
CA ASP A 115 17.47 8.90 -4.39
C ASP A 115 16.63 9.31 -5.60
N GLY A 116 15.69 10.25 -5.40
CA GLY A 116 14.78 10.68 -6.44
C GLY A 116 13.40 10.03 -6.27
N ARG A 117 13.31 9.05 -5.35
CA ARG A 117 12.08 8.32 -5.05
C ARG A 117 12.35 7.44 -3.83
N GLU A 118 11.54 7.58 -2.78
CA GLU A 118 11.55 6.65 -1.65
C GLU A 118 10.13 6.33 -1.21
N LEU A 119 9.28 7.37 -1.01
CA LEU A 119 7.89 7.17 -0.61
C LEU A 119 6.95 8.08 -1.39
N ARG A 120 5.69 7.63 -1.44
CA ARG A 120 4.53 8.39 -1.88
C ARG A 120 3.34 7.87 -1.09
N VAL A 121 2.83 8.68 -0.15
CA VAL A 121 1.73 8.28 0.71
C VAL A 121 0.66 9.35 0.71
N GLN A 122 -0.60 8.91 0.58
CA GLN A 122 -1.74 9.80 0.53
C GLN A 122 -3.01 8.96 0.63
N MET A 123 -4.17 9.62 0.74
CA MET A 123 -5.45 8.97 0.88
C MET A 123 -5.89 8.39 -0.46
N ALA A 124 -6.42 7.17 -0.46
CA ALA A 124 -6.90 6.52 -1.67
C ALA A 124 -8.16 7.23 -2.18
N ARG A 125 -8.39 7.19 -3.50
CA ARG A 125 -9.57 7.77 -4.13
C ARG A 125 -10.06 6.85 -5.25
N TYR A 126 -9.67 5.58 -5.16
CA TYR A 126 -9.96 4.55 -6.13
C TYR A 126 -10.19 3.25 -5.35
N GLY A 127 -10.89 2.27 -5.93
CA GLY A 127 -11.36 1.12 -5.17
C GLY A 127 -10.76 -0.21 -5.59
N ARG A 128 -11.16 -1.27 -4.86
CA ARG A 128 -10.70 -2.65 -5.06
C ARG A 128 -11.09 -3.16 -6.45
N PRO A 129 -10.44 -4.24 -6.92
CA PRO A 129 -10.69 -4.91 -8.19
C PRO A 129 -12.13 -4.80 -8.70
N PRO A 130 -12.40 -3.84 -9.59
CA PRO A 130 -13.73 -3.65 -10.15
C PRO A 130 -14.02 -4.72 -11.22
N ASP A 131 -13.17 -4.80 -12.25
CA ASP A 131 -13.31 -5.79 -13.31
C ASP A 131 -12.06 -5.85 -14.20
N SER A 132 -10.94 -5.37 -13.67
CA SER A 132 -9.67 -5.25 -14.39
C SER A 132 -9.10 -6.60 -14.82
N HIS A 133 -9.77 -7.69 -14.43
CA HIS A 133 -9.23 -9.03 -14.60
C HIS A 133 -10.32 -10.05 -14.94
N HIS A 134 -11.54 -9.57 -15.21
CA HIS A 134 -12.71 -10.39 -15.51
C HIS A 134 -13.01 -11.41 -14.40
N SER A 135 -14.07 -12.20 -14.60
CA SER A 135 -14.51 -13.21 -13.64
C SER A 135 -15.06 -14.43 -14.38
N MET A 35 -2.51 -18.44 5.92
CA MET A 35 -3.15 -18.53 4.59
C MET A 35 -2.87 -17.28 3.76
N SER A 36 -2.99 -17.40 2.43
CA SER A 36 -2.80 -16.29 1.50
C SER A 36 -3.83 -15.18 1.72
N TYR A 37 -3.60 -14.02 1.11
CA TYR A 37 -4.48 -12.88 1.21
C TYR A 37 -5.90 -13.23 0.74
N GLY A 38 -5.98 -13.87 -0.42
CA GLY A 38 -7.20 -14.34 -1.07
C GLY A 38 -8.15 -13.23 -1.53
N ARG A 39 -8.19 -12.10 -0.81
CA ARG A 39 -8.94 -10.87 -1.07
C ARG A 39 -9.36 -10.24 0.26
N PRO A 40 -8.40 -9.77 1.07
CA PRO A 40 -8.62 -9.37 2.44
C PRO A 40 -9.64 -8.25 2.53
N PRO A 41 -10.79 -8.49 3.18
CA PRO A 41 -11.88 -7.55 3.42
C PRO A 41 -11.88 -6.95 4.83
N PRO A 42 -10.96 -6.02 5.13
CA PRO A 42 -11.00 -5.24 6.36
C PRO A 42 -12.20 -4.29 6.34
N ASP A 43 -12.21 -3.26 7.19
CA ASP A 43 -13.28 -2.27 7.30
C ASP A 43 -13.44 -1.38 6.06
N VAL A 44 -13.15 -1.91 4.86
CA VAL A 44 -13.20 -1.17 3.60
C VAL A 44 -14.57 -0.52 3.33
N GLU A 45 -15.59 -0.86 4.13
CA GLU A 45 -16.93 -0.34 3.95
C GLU A 45 -17.01 1.17 4.26
N GLY A 46 -15.97 1.72 4.88
CA GLY A 46 -15.93 3.15 5.20
C GLY A 46 -14.63 3.59 5.87
N MET A 47 -13.57 2.78 5.83
CA MET A 47 -12.31 3.13 6.46
C MET A 47 -11.63 4.34 5.79
N THR A 48 -10.51 4.77 6.35
CA THR A 48 -9.71 5.87 5.81
C THR A 48 -9.02 5.49 4.49
N SER A 49 -8.77 4.19 4.27
CA SER A 49 -8.13 3.66 3.07
C SER A 49 -6.88 4.44 2.65
N LEU A 50 -6.07 4.90 3.60
CA LEU A 50 -4.83 5.60 3.26
C LEU A 50 -3.89 4.61 2.58
N LYS A 51 -3.30 5.00 1.45
CA LYS A 51 -2.49 4.09 0.65
C LYS A 51 -1.04 4.52 0.56
N VAL A 52 -0.17 3.56 0.20
CA VAL A 52 1.26 3.83 0.04
C VAL A 52 1.75 3.27 -1.29
N ASP A 53 2.74 3.96 -1.87
CA ASP A 53 3.38 3.61 -3.14
C ASP A 53 4.83 4.10 -3.17
N ASN A 54 5.51 3.93 -4.31
CA ASN A 54 6.81 4.50 -4.61
C ASN A 54 7.98 3.64 -4.12
N LEU A 55 7.85 2.32 -4.22
CA LEU A 55 8.88 1.38 -3.85
C LEU A 55 10.09 1.58 -4.74
N THR A 56 11.23 1.04 -4.33
CA THR A 56 12.48 1.14 -5.07
C THR A 56 12.93 -0.26 -5.49
N TYR A 57 13.95 -0.34 -6.35
CA TYR A 57 14.48 -1.59 -6.88
C TYR A 57 15.07 -2.51 -5.79
N ARG A 58 14.95 -2.11 -4.52
CA ARG A 58 15.52 -2.82 -3.39
C ARG A 58 14.52 -2.92 -2.24
N THR A 59 13.22 -2.76 -2.54
CA THR A 59 12.16 -2.78 -1.54
C THR A 59 11.11 -3.84 -1.92
N SER A 60 10.22 -4.17 -0.98
CA SER A 60 9.24 -5.24 -1.14
C SER A 60 8.01 -4.94 -0.30
N PRO A 61 6.88 -5.65 -0.52
CA PRO A 61 5.66 -5.45 0.25
C PRO A 61 5.85 -5.96 1.67
N ASP A 62 6.75 -6.94 1.84
CA ASP A 62 7.04 -7.49 3.15
C ASP A 62 7.76 -6.43 4.00
N THR A 63 8.63 -5.65 3.37
CA THR A 63 9.29 -4.56 4.08
C THR A 63 8.28 -3.44 4.30
N LEU A 64 7.48 -3.13 3.27
CA LEU A 64 6.49 -2.08 3.36
C LEU A 64 5.50 -2.36 4.50
N ARG A 65 5.41 -3.61 4.96
CA ARG A 65 4.53 -3.96 6.06
C ARG A 65 5.20 -3.63 7.38
N ARG A 66 6.40 -4.17 7.63
CA ARG A 66 7.09 -3.94 8.90
C ARG A 66 7.55 -2.48 9.05
N VAL A 67 7.43 -1.69 7.99
CA VAL A 67 7.82 -0.28 7.99
C VAL A 67 6.62 0.63 8.22
N PHE A 68 5.43 0.22 7.76
CA PHE A 68 4.23 0.99 7.96
C PHE A 68 3.34 0.43 9.07
N GLU A 69 3.63 -0.79 9.55
CA GLU A 69 2.89 -1.37 10.65
C GLU A 69 3.23 -0.69 11.98
N LYS A 70 4.42 -0.09 12.08
CA LYS A 70 4.85 0.54 13.32
C LYS A 70 4.03 1.79 13.65
N TYR A 71 3.44 2.42 12.63
CA TYR A 71 2.59 3.58 12.82
C TYR A 71 1.25 3.20 13.43
N GLY A 72 0.85 1.93 13.35
CA GLY A 72 -0.36 1.46 13.99
C GLY A 72 -0.79 0.10 13.47
N ARG A 73 -1.48 0.08 12.32
CA ARG A 73 -1.91 -1.16 11.69
C ARG A 73 -2.18 -0.94 10.21
N VAL A 74 -2.27 -2.04 9.47
CA VAL A 74 -2.43 -2.05 8.02
C VAL A 74 -3.50 -3.06 7.67
N GLY A 75 -4.37 -2.71 6.72
CA GLY A 75 -5.45 -3.58 6.30
C GLY A 75 -5.05 -4.40 5.09
N ASP A 76 -4.08 -3.89 4.32
CA ASP A 76 -3.54 -4.61 3.18
C ASP A 76 -2.21 -4.00 2.75
N VAL A 77 -1.39 -4.82 2.08
CA VAL A 77 -0.10 -4.44 1.52
C VAL A 77 0.14 -5.39 0.35
N TYR A 78 0.13 -4.85 -0.87
CA TYR A 78 0.03 -5.68 -2.06
C TYR A 78 0.75 -5.07 -3.27
N ILE A 79 1.08 -5.95 -4.24
CA ILE A 79 1.81 -5.59 -5.45
C ILE A 79 0.97 -5.94 -6.68
N PRO A 80 0.18 -5.00 -7.20
CA PRO A 80 -0.69 -5.18 -8.35
C PRO A 80 0.07 -5.25 -9.67
N ARG A 81 1.30 -5.79 -9.65
CA ARG A 81 2.03 -6.04 -10.89
C ARG A 81 1.29 -7.09 -11.71
N ASP A 82 1.62 -7.21 -13.00
CA ASP A 82 1.01 -8.22 -13.86
C ASP A 82 1.28 -9.60 -13.27
N ARG A 83 0.22 -10.24 -12.77
CA ARG A 83 0.30 -11.46 -11.97
C ARG A 83 0.68 -12.71 -12.77
N TYR A 84 1.08 -12.53 -14.04
CA TYR A 84 1.47 -13.61 -14.93
C TYR A 84 2.61 -13.19 -15.87
N THR A 85 3.07 -11.94 -15.79
CA THR A 85 4.26 -11.49 -16.51
C THR A 85 5.27 -10.90 -15.54
N LYS A 86 4.85 -10.73 -14.28
CA LYS A 86 5.61 -10.16 -13.17
C LYS A 86 6.26 -8.82 -13.52
N GLU A 87 5.78 -8.16 -14.56
CA GLU A 87 6.22 -6.82 -14.93
C GLU A 87 5.82 -5.84 -13.83
N SER A 88 6.82 -5.49 -13.01
CA SER A 88 6.68 -4.58 -11.89
C SER A 88 6.12 -3.21 -12.31
N ARG A 89 5.70 -2.43 -11.31
CA ARG A 89 5.10 -1.12 -11.51
C ARG A 89 5.78 -0.08 -10.62
N GLY A 90 6.71 -0.50 -9.76
CA GLY A 90 7.48 0.42 -8.94
C GLY A 90 6.75 0.83 -7.66
N PHE A 91 5.70 0.11 -7.25
CA PHE A 91 4.98 0.46 -6.04
C PHE A 91 4.30 -0.76 -5.42
N ALA A 92 3.75 -0.56 -4.22
CA ALA A 92 3.08 -1.57 -3.45
C ALA A 92 1.90 -0.93 -2.73
N PHE A 93 0.72 -0.99 -3.35
CA PHE A 93 -0.48 -0.36 -2.81
C PHE A 93 -0.81 -1.04 -1.48
N VAL A 94 -0.63 -0.29 -0.38
CA VAL A 94 -1.07 -0.75 0.93
C VAL A 94 -2.28 0.08 1.30
N ARG A 95 -3.02 -0.32 2.35
CA ARG A 95 -4.20 0.41 2.78
C ARG A 95 -4.25 0.43 4.31
N PHE A 96 -4.74 1.54 4.89
CA PHE A 96 -4.85 1.72 6.33
C PHE A 96 -6.28 2.03 6.72
N HIS A 97 -6.66 1.56 7.92
CA HIS A 97 -8.01 1.71 8.43
C HIS A 97 -8.13 2.86 9.44
N ASP A 98 -7.07 3.11 10.20
CA ASP A 98 -7.06 4.17 11.19
C ASP A 98 -6.71 5.51 10.54
N LYS A 99 -7.55 6.53 10.77
CA LYS A 99 -7.28 7.85 10.26
C LYS A 99 -6.04 8.44 10.92
N ARG A 100 -5.97 8.43 12.25
CA ARG A 100 -4.86 9.05 12.97
C ARG A 100 -3.51 8.43 12.61
N ASP A 101 -3.48 7.13 12.33
CA ASP A 101 -2.22 6.46 12.00
C ASP A 101 -1.91 6.62 10.51
N ALA A 102 -2.93 6.92 9.71
CA ALA A 102 -2.78 7.13 8.28
C ALA A 102 -2.23 8.52 8.00
N GLU A 103 -2.79 9.55 8.65
CA GLU A 103 -2.32 10.91 8.43
C GLU A 103 -1.00 11.17 9.16
N ASP A 104 -0.65 10.34 10.14
CA ASP A 104 0.66 10.47 10.76
C ASP A 104 1.74 9.86 9.85
N ALA A 105 1.45 8.72 9.23
CA ALA A 105 2.43 8.05 8.39
C ALA A 105 2.81 8.90 7.18
N MET A 106 1.86 9.69 6.65
CA MET A 106 2.17 10.57 5.53
C MET A 106 2.99 11.76 6.03
N ASP A 107 2.57 12.30 7.17
CA ASP A 107 3.20 13.45 7.80
C ASP A 107 4.52 13.08 8.47
N ALA A 108 4.95 11.81 8.41
CA ALA A 108 6.14 11.38 9.10
C ALA A 108 7.12 10.61 8.21
N MET A 109 6.72 10.23 6.99
CA MET A 109 7.63 9.45 6.15
C MET A 109 7.53 9.70 4.65
N ASP A 110 6.43 10.29 4.15
CA ASP A 110 6.36 10.53 2.71
C ASP A 110 7.48 11.49 2.28
N GLY A 111 8.10 11.16 1.15
CA GLY A 111 9.12 12.00 0.53
C GLY A 111 10.44 12.05 1.30
N ALA A 112 10.60 11.20 2.33
CA ALA A 112 11.81 11.19 3.16
C ALA A 112 12.95 10.42 2.50
N VAL A 113 12.97 10.42 1.16
CA VAL A 113 13.85 9.65 0.32
C VAL A 113 15.31 10.04 0.43
N LEU A 114 16.19 9.30 -0.27
CA LEU A 114 17.62 9.59 -0.22
C LEU A 114 18.37 9.32 -1.52
N ASP A 115 17.69 8.86 -2.58
CA ASP A 115 18.36 8.54 -3.84
C ASP A 115 17.49 8.92 -5.04
N GLY A 116 16.34 9.54 -4.79
CA GLY A 116 15.42 9.98 -5.82
C GLY A 116 14.00 9.57 -5.45
N ARG A 117 13.87 8.49 -4.65
CA ARG A 117 12.58 8.05 -4.14
C ARG A 117 12.80 7.18 -2.91
N GLU A 118 11.74 7.05 -2.12
CA GLU A 118 11.62 6.05 -1.06
C GLU A 118 10.15 5.85 -0.68
N LEU A 119 9.39 6.95 -0.54
CA LEU A 119 7.99 6.89 -0.14
C LEU A 119 7.14 7.92 -0.88
N ARG A 120 5.86 7.57 -1.03
CA ARG A 120 4.77 8.45 -1.43
C ARG A 120 3.51 7.82 -0.82
N VAL A 121 2.90 8.52 0.12
CA VAL A 121 1.76 7.99 0.86
C VAL A 121 0.71 9.08 1.06
N GLN A 122 -0.47 8.85 0.48
CA GLN A 122 -1.61 9.76 0.49
C GLN A 122 -2.89 8.94 0.39
N MET A 123 -4.02 9.58 0.70
CA MET A 123 -5.32 8.94 0.77
C MET A 123 -5.72 8.35 -0.58
N ALA A 124 -6.39 7.19 -0.55
CA ALA A 124 -6.91 6.53 -1.75
C ALA A 124 -8.11 7.30 -2.31
N ARG A 125 -8.54 6.92 -3.51
CA ARG A 125 -9.73 7.47 -4.15
C ARG A 125 -10.49 6.40 -4.91
N TYR A 126 -10.02 5.14 -4.85
CA TYR A 126 -10.66 4.02 -5.51
C TYR A 126 -10.77 2.83 -4.56
N GLY A 127 -11.56 1.82 -4.91
CA GLY A 127 -11.85 0.69 -4.04
C GLY A 127 -11.34 -0.63 -4.61
N ARG A 128 -11.55 -1.72 -3.87
CA ARG A 128 -11.09 -3.04 -4.27
C ARG A 128 -11.73 -3.46 -5.59
N PRO A 129 -11.00 -4.19 -6.44
CA PRO A 129 -11.48 -4.63 -7.74
C PRO A 129 -12.35 -5.89 -7.63
N PRO A 130 -13.31 -6.07 -8.54
CA PRO A 130 -14.08 -7.30 -8.65
C PRO A 130 -13.31 -8.37 -9.42
N ASP A 131 -12.65 -7.98 -10.52
CA ASP A 131 -11.88 -8.87 -11.37
C ASP A 131 -11.11 -8.07 -12.42
N SER A 132 -9.93 -8.54 -12.83
CA SER A 132 -9.19 -7.93 -13.93
C SER A 132 -8.08 -8.84 -14.47
N HIS A 133 -8.09 -10.13 -14.12
CA HIS A 133 -7.01 -11.03 -14.50
C HIS A 133 -7.56 -12.32 -15.10
N HIS A 134 -6.67 -13.21 -15.54
CA HIS A 134 -7.05 -14.44 -16.22
C HIS A 134 -6.12 -15.60 -15.84
N SER A 135 -5.26 -15.40 -14.85
CA SER A 135 -4.30 -16.40 -14.39
C SER A 135 -4.09 -16.26 -12.90
N MET A 35 2.72 -17.88 1.79
CA MET A 35 1.27 -17.61 1.86
C MET A 35 0.96 -16.17 1.46
N SER A 36 -0.31 -15.89 1.18
CA SER A 36 -0.76 -14.58 0.74
C SER A 36 -2.18 -14.31 1.26
N TYR A 37 -2.67 -13.08 1.06
CA TYR A 37 -4.00 -12.67 1.47
C TYR A 37 -5.08 -13.51 0.78
N GLY A 38 -4.79 -13.93 -0.45
CA GLY A 38 -5.69 -14.65 -1.34
C GLY A 38 -7.08 -14.02 -1.43
N ARG A 39 -7.12 -12.76 -1.89
CA ARG A 39 -8.32 -11.98 -2.18
C ARG A 39 -9.44 -12.22 -1.17
N PRO A 40 -9.20 -11.87 0.10
CA PRO A 40 -10.14 -12.06 1.19
C PRO A 40 -11.21 -10.95 1.15
N PRO A 41 -12.40 -11.20 1.71
CA PRO A 41 -13.45 -10.21 1.82
C PRO A 41 -13.08 -9.21 2.92
N PRO A 42 -12.83 -7.95 2.55
CA PRO A 42 -12.42 -6.89 3.45
C PRO A 42 -13.60 -6.25 4.16
N ASP A 43 -13.32 -5.18 4.89
CA ASP A 43 -14.30 -4.36 5.60
C ASP A 43 -14.01 -2.88 5.31
N VAL A 44 -13.33 -2.64 4.18
CA VAL A 44 -12.87 -1.32 3.73
C VAL A 44 -14.03 -0.38 3.40
N GLU A 45 -15.26 -0.87 3.52
CA GLU A 45 -16.47 -0.09 3.26
C GLU A 45 -16.74 0.95 4.36
N GLY A 46 -15.79 1.15 5.28
CA GLY A 46 -16.00 2.06 6.40
C GLY A 46 -14.69 2.46 7.09
N MET A 47 -13.64 2.73 6.31
CA MET A 47 -12.34 3.11 6.86
C MET A 47 -11.72 4.28 6.11
N THR A 48 -10.58 4.77 6.61
CA THR A 48 -9.86 5.91 6.03
C THR A 48 -9.20 5.55 4.69
N SER A 49 -8.93 4.27 4.45
CA SER A 49 -8.31 3.80 3.21
C SER A 49 -7.16 4.68 2.73
N LEU A 50 -6.13 4.87 3.56
CA LEU A 50 -4.91 5.53 3.08
C LEU A 50 -4.27 4.62 2.04
N LYS A 51 -3.31 5.12 1.27
CA LYS A 51 -2.50 4.30 0.39
C LYS A 51 -1.03 4.71 0.43
N VAL A 52 -0.15 3.76 0.11
CA VAL A 52 1.29 4.01 -0.02
C VAL A 52 1.77 3.41 -1.34
N ASP A 53 2.72 4.11 -2.00
CA ASP A 53 3.29 3.68 -3.27
C ASP A 53 4.75 4.14 -3.39
N ASN A 54 5.36 3.90 -4.55
CA ASN A 54 6.66 4.44 -4.94
C ASN A 54 7.86 3.64 -4.40
N LEU A 55 7.72 2.32 -4.36
CA LEU A 55 8.78 1.41 -3.93
C LEU A 55 9.98 1.58 -4.84
N THR A 56 11.15 1.18 -4.34
CA THR A 56 12.40 1.29 -5.04
C THR A 56 13.00 -0.09 -5.27
N TYR A 57 14.08 -0.17 -6.06
CA TYR A 57 14.80 -1.41 -6.36
C TYR A 57 15.44 -2.04 -5.12
N ARG A 58 15.15 -1.50 -3.94
CA ARG A 58 15.73 -1.92 -2.66
C ARG A 58 14.62 -2.12 -1.62
N THR A 59 13.38 -2.26 -2.07
CA THR A 59 12.22 -2.37 -1.19
C THR A 59 11.34 -3.55 -1.63
N SER A 60 10.39 -3.95 -0.77
CA SER A 60 9.49 -5.07 -1.01
C SER A 60 8.21 -4.87 -0.21
N PRO A 61 7.12 -5.60 -0.53
CA PRO A 61 5.86 -5.44 0.16
C PRO A 61 5.94 -5.92 1.62
N ASP A 62 6.79 -6.91 1.90
CA ASP A 62 6.95 -7.40 3.27
C ASP A 62 7.64 -6.33 4.12
N THR A 63 8.55 -5.56 3.50
CA THR A 63 9.19 -4.47 4.21
C THR A 63 8.18 -3.37 4.42
N LEU A 64 7.41 -3.04 3.37
CA LEU A 64 6.39 -2.00 3.47
C LEU A 64 5.38 -2.30 4.57
N ARG A 65 5.26 -3.56 4.98
CA ARG A 65 4.34 -3.94 6.06
C ARG A 65 5.00 -3.66 7.40
N ARG A 66 6.16 -4.24 7.65
CA ARG A 66 6.87 -4.11 8.93
C ARG A 66 7.36 -2.69 9.15
N VAL A 67 7.28 -1.84 8.13
CA VAL A 67 7.73 -0.46 8.20
C VAL A 67 6.56 0.51 8.42
N PHE A 68 5.37 0.18 7.91
CA PHE A 68 4.20 1.03 8.10
C PHE A 68 3.28 0.51 9.20
N GLU A 69 3.51 -0.72 9.67
CA GLU A 69 2.73 -1.31 10.76
C GLU A 69 3.14 -0.72 12.11
N LYS A 70 4.37 -0.19 12.21
CA LYS A 70 4.86 0.35 13.48
C LYS A 70 4.14 1.62 13.90
N TYR A 71 3.55 2.32 12.93
CA TYR A 71 2.76 3.53 13.20
C TYR A 71 1.44 3.16 13.89
N GLY A 72 0.90 1.98 13.58
CA GLY A 72 -0.30 1.47 14.24
C GLY A 72 -0.73 0.13 13.66
N ARG A 73 -1.34 0.15 12.47
CA ARG A 73 -1.77 -1.07 11.78
C ARG A 73 -2.03 -0.78 10.31
N VAL A 74 -2.14 -1.85 9.51
CA VAL A 74 -2.34 -1.76 8.07
C VAL A 74 -3.38 -2.79 7.66
N GLY A 75 -4.29 -2.41 6.77
CA GLY A 75 -5.36 -3.29 6.31
C GLY A 75 -4.77 -4.35 5.40
N ASP A 76 -3.90 -3.94 4.48
CA ASP A 76 -3.17 -4.88 3.63
C ASP A 76 -2.08 -4.15 2.84
N VAL A 77 -1.23 -4.93 2.17
CA VAL A 77 -0.13 -4.42 1.36
C VAL A 77 0.29 -5.48 0.34
N TYR A 78 0.37 -5.09 -0.93
CA TYR A 78 0.85 -5.98 -1.98
C TYR A 78 1.22 -5.22 -3.25
N ILE A 79 1.76 -5.94 -4.24
CA ILE A 79 2.33 -5.37 -5.46
C ILE A 79 1.52 -5.83 -6.66
N PRO A 80 0.45 -5.10 -7.01
CA PRO A 80 -0.39 -5.41 -8.14
C PRO A 80 0.34 -5.10 -9.44
N ARG A 81 -0.03 -5.84 -10.50
CA ARG A 81 0.64 -5.80 -11.80
C ARG A 81 -0.07 -6.76 -12.74
N ASP A 82 0.40 -6.88 -13.98
CA ASP A 82 -0.11 -7.92 -14.88
C ASP A 82 0.11 -9.27 -14.21
N ARG A 83 -0.98 -9.88 -13.77
CA ARG A 83 -1.02 -11.05 -12.90
C ARG A 83 -0.49 -12.35 -13.53
N TYR A 84 0.29 -12.23 -14.62
CA TYR A 84 0.85 -13.36 -15.34
C TYR A 84 2.20 -13.01 -16.00
N THR A 85 2.52 -11.73 -16.18
CA THR A 85 3.84 -11.33 -16.66
C THR A 85 4.67 -10.78 -15.50
N LYS A 86 3.98 -10.28 -14.47
CA LYS A 86 4.54 -9.72 -13.24
C LYS A 86 5.83 -8.92 -13.45
N GLU A 87 5.96 -8.26 -14.61
CA GLU A 87 7.15 -7.49 -14.96
C GLU A 87 7.28 -6.20 -14.15
N SER A 88 6.18 -5.79 -13.50
CA SER A 88 6.16 -4.55 -12.72
C SER A 88 6.40 -4.82 -11.23
N ARG A 89 6.89 -3.80 -10.52
CA ARG A 89 7.25 -3.89 -9.11
C ARG A 89 7.59 -2.50 -8.54
N GLY A 90 7.22 -1.42 -9.24
CA GLY A 90 7.63 -0.07 -8.87
C GLY A 90 6.81 0.53 -7.73
N PHE A 91 5.86 -0.24 -7.17
CA PHE A 91 5.02 0.23 -6.08
C PHE A 91 4.44 -0.95 -5.32
N ALA A 92 3.83 -0.67 -4.17
CA ALA A 92 3.17 -1.66 -3.33
C ALA A 92 2.00 -0.98 -2.64
N PHE A 93 0.82 -1.05 -3.26
CA PHE A 93 -0.36 -0.40 -2.72
C PHE A 93 -0.67 -1.02 -1.37
N VAL A 94 -0.47 -0.23 -0.30
CA VAL A 94 -0.91 -0.64 1.02
C VAL A 94 -2.14 0.17 1.35
N ARG A 95 -2.90 -0.26 2.36
CA ARG A 95 -4.08 0.48 2.78
C ARG A 95 -4.18 0.51 4.30
N PHE A 96 -4.64 1.64 4.86
CA PHE A 96 -4.78 1.81 6.31
C PHE A 96 -6.24 2.04 6.69
N HIS A 97 -6.59 1.60 7.92
CA HIS A 97 -7.93 1.74 8.46
C HIS A 97 -8.07 2.98 9.32
N ASP A 98 -7.15 3.14 10.27
CA ASP A 98 -7.21 4.22 11.25
C ASP A 98 -6.93 5.56 10.58
N LYS A 99 -7.74 6.57 10.92
CA LYS A 99 -7.57 7.91 10.40
C LYS A 99 -6.31 8.55 10.98
N ARG A 100 -6.16 8.53 12.31
CA ARG A 100 -5.01 9.15 12.96
C ARG A 100 -3.71 8.46 12.60
N ASP A 101 -3.75 7.16 12.35
CA ASP A 101 -2.55 6.39 12.00
C ASP A 101 -2.18 6.65 10.54
N ALA A 102 -3.17 6.99 9.71
CA ALA A 102 -2.93 7.20 8.30
C ALA A 102 -2.29 8.57 8.06
N GLU A 103 -2.77 9.60 8.78
CA GLU A 103 -2.21 10.93 8.60
C GLU A 103 -0.85 11.08 9.25
N ASP A 104 -0.52 10.25 10.25
CA ASP A 104 0.79 10.33 10.85
C ASP A 104 1.84 9.67 9.93
N ALA A 105 1.47 8.55 9.29
CA ALA A 105 2.40 7.85 8.43
C ALA A 105 2.75 8.67 7.20
N MET A 106 1.82 9.48 6.70
CA MET A 106 2.12 10.32 5.54
C MET A 106 2.95 11.51 5.99
N ASP A 107 2.61 12.07 7.15
CA ASP A 107 3.29 13.22 7.70
C ASP A 107 4.63 12.84 8.34
N ALA A 108 5.01 11.54 8.30
CA ALA A 108 6.23 11.10 8.95
C ALA A 108 7.12 10.24 8.06
N MET A 109 6.68 9.89 6.85
CA MET A 109 7.52 9.11 5.96
C MET A 109 7.46 9.52 4.49
N ASP A 110 6.38 10.17 4.04
CA ASP A 110 6.30 10.57 2.66
C ASP A 110 7.41 11.57 2.33
N GLY A 111 8.07 11.38 1.19
CA GLY A 111 9.09 12.29 0.70
C GLY A 111 10.40 12.19 1.49
N ALA A 112 10.54 11.18 2.36
CA ALA A 112 11.74 11.00 3.18
C ALA A 112 12.83 10.29 2.38
N VAL A 113 12.91 10.60 1.09
CA VAL A 113 13.74 9.90 0.13
C VAL A 113 15.23 10.13 0.33
N LEU A 114 16.01 9.40 -0.47
CA LEU A 114 17.47 9.53 -0.44
C LEU A 114 18.14 9.18 -1.77
N ASP A 115 17.37 8.80 -2.80
CA ASP A 115 17.96 8.41 -4.07
C ASP A 115 17.10 8.81 -5.27
N GLY A 116 15.94 9.45 -5.04
CA GLY A 116 15.10 9.90 -6.14
C GLY A 116 13.67 9.40 -5.98
N ARG A 117 13.48 8.36 -5.16
CA ARG A 117 12.18 7.88 -4.76
C ARG A 117 12.39 7.04 -3.50
N GLU A 118 11.46 7.13 -2.57
CA GLU A 118 11.44 6.21 -1.43
C GLU A 118 9.98 6.01 -1.06
N LEU A 119 9.25 7.11 -0.90
CA LEU A 119 7.84 7.08 -0.51
C LEU A 119 7.00 8.09 -1.26
N ARG A 120 5.72 7.71 -1.41
CA ARG A 120 4.61 8.56 -1.83
C ARG A 120 3.39 8.02 -1.12
N VAL A 121 2.87 8.78 -0.15
CA VAL A 121 1.77 8.36 0.69
C VAL A 121 0.70 9.45 0.72
N GLN A 122 -0.56 9.02 0.57
CA GLN A 122 -1.71 9.91 0.53
C GLN A 122 -2.97 9.06 0.60
N MET A 123 -4.12 9.72 0.62
CA MET A 123 -5.41 9.05 0.70
C MET A 123 -5.73 8.39 -0.64
N ALA A 124 -6.39 7.24 -0.59
CA ALA A 124 -6.76 6.50 -1.79
C ALA A 124 -7.78 7.26 -2.62
N ARG A 125 -7.96 6.87 -3.89
CA ARG A 125 -8.98 7.45 -4.76
C ARG A 125 -9.74 6.36 -5.50
N TYR A 126 -9.38 5.09 -5.28
CA TYR A 126 -10.10 3.96 -5.86
C TYR A 126 -10.38 2.93 -4.76
N GLY A 127 -11.21 1.92 -5.06
CA GLY A 127 -11.61 0.92 -4.08
C GLY A 127 -11.26 -0.49 -4.55
N ARG A 128 -11.58 -1.49 -3.71
CA ARG A 128 -11.31 -2.89 -4.03
C ARG A 128 -11.99 -3.22 -5.36
N PRO A 129 -11.23 -3.64 -6.37
CA PRO A 129 -11.73 -3.81 -7.71
C PRO A 129 -12.73 -4.96 -7.79
N PRO A 130 -13.83 -4.78 -8.55
CA PRO A 130 -14.89 -5.77 -8.72
C PRO A 130 -14.51 -6.87 -9.70
N ASP A 131 -13.48 -6.60 -10.52
CA ASP A 131 -13.00 -7.51 -11.56
C ASP A 131 -11.48 -7.48 -11.59
N SER A 132 -10.88 -8.07 -12.63
CA SER A 132 -9.43 -8.20 -12.71
C SER A 132 -8.87 -7.96 -14.12
N HIS A 133 -9.53 -7.12 -14.90
CA HIS A 133 -9.03 -6.74 -16.22
C HIS A 133 -8.80 -7.95 -17.15
N HIS A 134 -9.37 -9.11 -16.78
CA HIS A 134 -9.19 -10.35 -17.52
C HIS A 134 -10.44 -11.21 -17.43
N SER A 135 -11.54 -10.65 -16.91
CA SER A 135 -12.81 -11.34 -16.73
C SER A 135 -13.97 -10.38 -16.96
N MET A 35 -6.04 -11.92 8.75
CA MET A 35 -6.22 -11.50 7.34
C MET A 35 -5.34 -12.34 6.43
N SER A 36 -5.71 -12.44 5.15
CA SER A 36 -4.98 -13.18 4.15
C SER A 36 -5.12 -12.51 2.78
N TYR A 37 -4.62 -13.16 1.73
CA TYR A 37 -4.58 -12.60 0.39
C TYR A 37 -5.07 -13.62 -0.64
N GLY A 38 -6.00 -14.48 -0.22
CA GLY A 38 -6.62 -15.47 -1.08
C GLY A 38 -8.12 -15.16 -1.16
N ARG A 39 -8.41 -13.95 -1.65
CA ARG A 39 -9.75 -13.39 -1.85
C ARG A 39 -10.74 -13.58 -0.70
N PRO A 40 -10.34 -13.31 0.55
CA PRO A 40 -11.26 -13.31 1.68
C PRO A 40 -12.09 -12.03 1.63
N PRO A 41 -13.30 -12.02 2.21
CA PRO A 41 -14.13 -10.84 2.29
C PRO A 41 -13.59 -9.88 3.34
N PRO A 42 -13.09 -8.71 2.93
CA PRO A 42 -12.56 -7.70 3.83
C PRO A 42 -13.68 -6.83 4.39
N ASP A 43 -13.31 -5.69 4.99
CA ASP A 43 -14.24 -4.72 5.54
C ASP A 43 -13.84 -3.32 5.10
N VAL A 44 -13.13 -3.24 3.96
CA VAL A 44 -12.63 -1.99 3.38
C VAL A 44 -13.76 -1.06 2.95
N GLU A 45 -15.01 -1.52 3.03
CA GLU A 45 -16.18 -0.75 2.64
C GLU A 45 -16.51 0.36 3.65
N GLY A 46 -15.65 0.58 4.64
CA GLY A 46 -15.90 1.54 5.70
C GLY A 46 -14.64 1.94 6.44
N MET A 47 -13.54 2.17 5.71
CA MET A 47 -12.28 2.56 6.34
C MET A 47 -11.59 3.72 5.60
N THR A 48 -10.50 4.22 6.19
CA THR A 48 -9.75 5.36 5.67
C THR A 48 -9.00 5.04 4.37
N SER A 49 -8.70 3.76 4.14
CA SER A 49 -8.00 3.28 2.94
C SER A 49 -6.80 4.13 2.54
N LEU A 50 -6.03 4.66 3.51
CA LEU A 50 -4.86 5.48 3.17
C LEU A 50 -3.88 4.61 2.37
N LYS A 51 -3.38 5.16 1.26
CA LYS A 51 -2.59 4.43 0.28
C LYS A 51 -1.11 4.82 0.35
N VAL A 52 -0.23 3.85 0.07
CA VAL A 52 1.20 4.14 -0.08
C VAL A 52 1.76 3.48 -1.34
N ASP A 53 2.84 4.06 -1.88
CA ASP A 53 3.52 3.62 -3.09
C ASP A 53 4.99 4.05 -3.07
N ASN A 54 5.70 3.87 -4.20
CA ASN A 54 7.03 4.39 -4.49
C ASN A 54 8.16 3.41 -4.14
N LEU A 55 7.88 2.11 -4.17
CA LEU A 55 8.81 1.05 -3.82
C LEU A 55 10.06 1.19 -4.67
N THR A 56 11.21 1.20 -4.02
CA THR A 56 12.49 1.29 -4.71
C THR A 56 12.86 -0.06 -5.30
N TYR A 57 13.87 -0.11 -6.17
CA TYR A 57 14.37 -1.32 -6.80
C TYR A 57 14.93 -2.34 -5.80
N ARG A 58 14.80 -2.05 -4.51
CA ARG A 58 15.37 -2.85 -3.42
C ARG A 58 14.38 -3.02 -2.28
N THR A 59 13.09 -2.81 -2.55
CA THR A 59 12.04 -2.87 -1.55
C THR A 59 11.03 -3.97 -1.90
N SER A 60 10.18 -4.33 -0.94
CA SER A 60 9.21 -5.42 -1.07
C SER A 60 8.00 -5.12 -0.18
N PRO A 61 6.86 -5.81 -0.38
CA PRO A 61 5.66 -5.57 0.40
C PRO A 61 5.84 -6.03 1.84
N ASP A 62 6.76 -6.97 2.07
CA ASP A 62 7.04 -7.42 3.43
C ASP A 62 7.75 -6.34 4.22
N THR A 63 8.61 -5.57 3.54
CA THR A 63 9.27 -4.45 4.18
C THR A 63 8.28 -3.30 4.30
N LEU A 64 7.51 -3.05 3.24
CA LEU A 64 6.52 -1.99 3.28
C LEU A 64 5.54 -2.18 4.43
N ARG A 65 5.42 -3.41 4.92
CA ARG A 65 4.54 -3.73 6.03
C ARG A 65 5.21 -3.37 7.34
N ARG A 66 6.40 -3.92 7.60
CA ARG A 66 7.09 -3.66 8.86
C ARG A 66 7.36 -2.16 9.02
N VAL A 67 7.54 -1.47 7.89
CA VAL A 67 7.94 -0.08 7.88
C VAL A 67 6.74 0.82 8.17
N PHE A 68 5.55 0.45 7.71
CA PHE A 68 4.34 1.23 7.93
C PHE A 68 3.49 0.71 9.08
N GLU A 69 3.79 -0.49 9.60
CA GLU A 69 3.06 -1.06 10.72
C GLU A 69 3.44 -0.36 12.03
N LYS A 70 4.63 0.24 12.09
CA LYS A 70 5.11 0.88 13.31
C LYS A 70 4.30 2.12 13.68
N TYR A 71 3.68 2.74 12.67
CA TYR A 71 2.85 3.91 12.88
C TYR A 71 1.50 3.55 13.50
N GLY A 72 1.10 2.27 13.40
CA GLY A 72 -0.11 1.82 14.06
C GLY A 72 -0.54 0.44 13.57
N ARG A 73 -1.22 0.39 12.42
CA ARG A 73 -1.72 -0.84 11.85
C ARG A 73 -1.94 -0.68 10.35
N VAL A 74 -2.11 -1.80 9.65
CA VAL A 74 -2.31 -1.83 8.21
C VAL A 74 -3.43 -2.81 7.89
N GLY A 75 -4.32 -2.44 6.98
CA GLY A 75 -5.46 -3.29 6.64
C GLY A 75 -5.03 -4.38 5.68
N ASP A 76 -4.25 -3.99 4.66
CA ASP A 76 -3.67 -4.90 3.68
C ASP A 76 -2.44 -4.23 3.07
N VAL A 77 -1.52 -5.04 2.57
CA VAL A 77 -0.34 -4.59 1.87
C VAL A 77 -0.16 -5.53 0.68
N TYR A 78 -0.23 -4.98 -0.52
CA TYR A 78 -0.37 -5.76 -1.72
C TYR A 78 0.31 -5.10 -2.92
N ILE A 79 0.54 -5.88 -3.99
CA ILE A 79 1.28 -5.43 -5.15
C ILE A 79 0.53 -5.85 -6.41
N PRO A 80 -0.33 -4.96 -6.93
CA PRO A 80 -1.04 -5.16 -8.18
C PRO A 80 -0.11 -5.61 -9.30
N ARG A 81 -0.61 -6.50 -10.15
CA ARG A 81 0.16 -7.06 -11.24
C ARG A 81 -0.77 -7.61 -12.31
N ASP A 82 -0.26 -7.79 -13.53
CA ASP A 82 -1.01 -8.44 -14.58
C ASP A 82 -1.17 -9.91 -14.19
N ARG A 83 -2.43 -10.34 -14.09
CA ARG A 83 -2.81 -11.63 -13.53
C ARG A 83 -2.39 -12.84 -14.35
N TYR A 84 -1.43 -12.67 -15.26
CA TYR A 84 -0.92 -13.73 -16.14
C TYR A 84 0.54 -13.50 -16.54
N THR A 85 1.16 -12.37 -16.16
CA THR A 85 2.59 -12.17 -16.33
C THR A 85 3.25 -11.95 -14.98
N LYS A 86 2.44 -11.57 -13.98
CA LYS A 86 2.82 -11.42 -12.58
C LYS A 86 4.07 -10.56 -12.37
N GLU A 87 4.37 -9.66 -13.31
CA GLU A 87 5.49 -8.73 -13.19
C GLU A 87 5.16 -7.65 -12.15
N SER A 88 5.91 -6.56 -12.17
CA SER A 88 5.79 -5.48 -11.19
C SER A 88 5.89 -4.12 -11.88
N ARG A 89 5.59 -3.05 -11.13
CA ARG A 89 5.48 -1.70 -11.67
C ARG A 89 6.10 -0.65 -10.75
N GLY A 90 6.80 -1.08 -9.69
CA GLY A 90 7.56 -0.16 -8.85
C GLY A 90 6.76 0.37 -7.66
N PHE A 91 5.68 -0.29 -7.25
CA PHE A 91 4.89 0.15 -6.12
C PHE A 91 4.20 -1.02 -5.44
N ALA A 92 3.71 -0.77 -4.22
CA ALA A 92 2.97 -1.73 -3.42
C ALA A 92 1.84 -0.97 -2.74
N PHE A 93 0.63 -1.10 -3.30
CA PHE A 93 -0.54 -0.38 -2.81
C PHE A 93 -0.89 -0.93 -1.43
N VAL A 94 -0.49 -0.19 -0.39
CA VAL A 94 -0.89 -0.54 0.98
C VAL A 94 -2.16 0.22 1.30
N ARG A 95 -2.97 -0.31 2.22
CA ARG A 95 -4.20 0.34 2.65
C ARG A 95 -4.26 0.36 4.18
N PHE A 96 -4.73 1.45 4.79
CA PHE A 96 -4.82 1.59 6.24
C PHE A 96 -6.26 1.81 6.67
N HIS A 97 -6.63 1.25 7.82
CA HIS A 97 -7.99 1.31 8.34
C HIS A 97 -8.27 2.56 9.17
N ASP A 98 -7.27 3.08 9.87
CA ASP A 98 -7.48 4.14 10.83
C ASP A 98 -6.86 5.44 10.37
N LYS A 99 -7.66 6.51 10.44
CA LYS A 99 -7.25 7.83 10.00
C LYS A 99 -6.07 8.35 10.80
N ARG A 100 -6.09 8.23 12.13
CA ARG A 100 -5.05 8.83 12.97
C ARG A 100 -3.66 8.29 12.66
N ASP A 101 -3.53 7.01 12.28
CA ASP A 101 -2.21 6.45 12.00
C ASP A 101 -1.93 6.44 10.50
N ALA A 102 -2.96 6.73 9.70
CA ALA A 102 -2.82 6.92 8.28
C ALA A 102 -2.23 8.30 8.01
N GLU A 103 -2.75 9.33 8.70
CA GLU A 103 -2.26 10.68 8.49
C GLU A 103 -0.90 10.87 9.18
N ASP A 104 -0.63 10.15 10.26
CA ASP A 104 0.68 10.26 10.89
C ASP A 104 1.75 9.66 9.98
N ALA A 105 1.48 8.51 9.36
CA ALA A 105 2.45 7.86 8.51
C ALA A 105 2.80 8.72 7.30
N MET A 106 1.85 9.48 6.77
CA MET A 106 2.15 10.32 5.62
C MET A 106 2.91 11.56 6.07
N ASP A 107 2.50 12.12 7.22
CA ASP A 107 3.10 13.30 7.79
C ASP A 107 4.43 12.98 8.48
N ALA A 108 4.88 11.72 8.45
CA ALA A 108 6.10 11.33 9.12
C ALA A 108 7.07 10.55 8.24
N MET A 109 6.66 10.14 7.03
CA MET A 109 7.56 9.37 6.19
C MET A 109 7.49 9.65 4.69
N ASP A 110 6.43 10.25 4.16
CA ASP A 110 6.42 10.56 2.75
C ASP A 110 7.55 11.53 2.41
N GLY A 111 8.26 11.24 1.33
CA GLY A 111 9.33 12.09 0.83
C GLY A 111 10.60 12.02 1.68
N ALA A 112 10.66 11.09 2.64
CA ALA A 112 11.81 10.96 3.53
C ALA A 112 12.92 10.15 2.87
N VAL A 113 12.98 10.21 1.54
CA VAL A 113 13.84 9.44 0.69
C VAL A 113 15.32 9.80 0.84
N LEU A 114 16.17 9.04 0.15
CA LEU A 114 17.61 9.29 0.18
C LEU A 114 18.28 8.93 -1.15
N ASP A 115 17.47 8.65 -2.18
CA ASP A 115 17.96 8.24 -3.49
C ASP A 115 17.13 8.92 -4.59
N GLY A 116 16.26 9.84 -4.20
CA GLY A 116 15.34 10.51 -5.11
C GLY A 116 13.93 9.94 -4.95
N ARG A 117 13.82 8.76 -4.34
CA ARG A 117 12.54 8.10 -4.09
C ARG A 117 12.73 7.05 -3.01
N GLU A 118 11.78 7.00 -2.08
CA GLU A 118 11.65 5.95 -1.07
C GLU A 118 10.19 5.77 -0.68
N LEU A 119 9.46 6.88 -0.48
CA LEU A 119 8.04 6.85 -0.11
C LEU A 119 7.23 7.90 -0.86
N ARG A 120 5.95 7.56 -1.05
CA ARG A 120 4.88 8.47 -1.49
C ARG A 120 3.60 7.91 -0.90
N VAL A 121 3.00 8.64 0.04
CA VAL A 121 1.80 8.18 0.74
C VAL A 121 0.80 9.32 0.89
N GLN A 122 -0.46 9.00 0.56
CA GLN A 122 -1.59 9.91 0.64
C GLN A 122 -2.87 9.10 0.47
N MET A 123 -3.99 9.70 0.88
CA MET A 123 -5.29 9.03 0.90
C MET A 123 -5.69 8.55 -0.49
N ALA A 124 -6.26 7.34 -0.55
CA ALA A 124 -6.78 6.78 -1.79
C ALA A 124 -7.93 7.63 -2.30
N ARG A 125 -8.08 7.72 -3.63
CA ARG A 125 -9.19 8.38 -4.30
C ARG A 125 -9.77 7.44 -5.35
N TYR A 126 -9.41 6.16 -5.20
CA TYR A 126 -9.80 5.08 -6.07
C TYR A 126 -9.92 3.82 -5.21
N GLY A 127 -10.92 2.97 -5.49
CA GLY A 127 -11.26 1.84 -4.62
C GLY A 127 -11.06 0.50 -5.31
N ARG A 128 -11.42 -0.58 -4.62
CA ARG A 128 -11.29 -1.94 -5.13
C ARG A 128 -11.97 -2.03 -6.49
N PRO A 129 -11.31 -2.61 -7.51
CA PRO A 129 -11.78 -2.58 -8.88
C PRO A 129 -13.03 -3.44 -9.08
N PRO A 130 -13.96 -2.98 -9.93
CA PRO A 130 -15.20 -3.67 -10.26
C PRO A 130 -14.97 -4.82 -11.25
N ASP A 131 -13.87 -4.74 -11.99
CA ASP A 131 -13.44 -5.75 -12.94
C ASP A 131 -11.93 -5.78 -12.96
N SER A 132 -11.32 -6.85 -13.49
CA SER A 132 -9.89 -7.05 -13.35
C SER A 132 -9.05 -5.91 -13.94
N HIS A 133 -9.55 -5.23 -14.97
CA HIS A 133 -8.82 -4.12 -15.57
C HIS A 133 -9.75 -3.29 -16.46
N HIS A 134 -9.26 -2.16 -16.97
CA HIS A 134 -10.02 -1.28 -17.85
C HIS A 134 -10.44 -2.00 -19.13
N SER A 135 -11.44 -1.46 -19.82
CA SER A 135 -11.95 -2.02 -21.07
C SER A 135 -12.61 -0.93 -21.90
N MET A 35 1.31 -19.57 -1.18
CA MET A 35 0.01 -19.11 -0.64
C MET A 35 -0.13 -17.60 -0.80
N SER A 36 -1.34 -17.08 -0.56
CA SER A 36 -1.62 -15.66 -0.67
C SER A 36 -2.79 -15.28 0.25
N TYR A 37 -3.17 -14.00 0.25
CA TYR A 37 -4.22 -13.46 1.09
C TYR A 37 -5.59 -14.08 0.78
N GLY A 38 -5.78 -14.53 -0.46
CA GLY A 38 -7.02 -15.19 -0.89
C GLY A 38 -8.11 -14.19 -1.26
N ARG A 39 -7.72 -13.04 -1.85
CA ARG A 39 -8.61 -11.96 -2.26
C ARG A 39 -9.82 -11.76 -1.35
N PRO A 40 -9.62 -11.65 -0.03
CA PRO A 40 -10.71 -11.58 0.93
C PRO A 40 -11.36 -10.19 0.90
N PRO A 41 -12.65 -10.10 1.24
CA PRO A 41 -13.37 -8.84 1.36
C PRO A 41 -13.03 -8.16 2.70
N PRO A 42 -12.43 -6.97 2.64
CA PRO A 42 -12.13 -6.16 3.82
C PRO A 42 -13.40 -5.45 4.30
N ASP A 43 -13.24 -4.49 5.22
CA ASP A 43 -14.34 -3.69 5.76
C ASP A 43 -14.04 -2.21 5.50
N VAL A 44 -13.17 -1.95 4.51
CA VAL A 44 -12.71 -0.61 4.15
C VAL A 44 -13.84 0.32 3.70
N GLU A 45 -15.06 -0.21 3.53
CA GLU A 45 -16.23 0.60 3.19
C GLU A 45 -16.63 1.52 4.35
N GLY A 46 -15.83 1.53 5.41
CA GLY A 46 -16.04 2.35 6.60
C GLY A 46 -14.70 2.73 7.24
N MET A 47 -13.62 2.79 6.45
CA MET A 47 -12.30 3.10 6.97
C MET A 47 -11.63 4.21 6.16
N THR A 48 -10.55 4.79 6.70
CA THR A 48 -9.85 5.92 6.08
C THR A 48 -9.17 5.52 4.77
N SER A 49 -8.87 4.24 4.58
CA SER A 49 -8.24 3.73 3.36
C SER A 49 -7.09 4.58 2.85
N LEU A 50 -6.04 4.75 3.65
CA LEU A 50 -4.83 5.42 3.15
C LEU A 50 -4.21 4.53 2.07
N LYS A 51 -3.27 5.05 1.29
CA LYS A 51 -2.49 4.28 0.34
C LYS A 51 -1.02 4.70 0.36
N VAL A 52 -0.13 3.75 0.11
CA VAL A 52 1.31 3.99 0.00
C VAL A 52 1.80 3.37 -1.30
N ASP A 53 2.76 4.04 -1.96
CA ASP A 53 3.39 3.55 -3.18
C ASP A 53 4.79 4.14 -3.31
N ASN A 54 5.47 3.88 -4.45
CA ASN A 54 6.74 4.50 -4.81
C ASN A 54 7.95 3.71 -4.30
N LEU A 55 7.78 2.40 -4.17
CA LEU A 55 8.79 1.47 -3.69
C LEU A 55 10.08 1.65 -4.48
N THR A 56 11.20 1.70 -3.78
CA THR A 56 12.49 1.82 -4.42
C THR A 56 12.87 0.48 -5.07
N TYR A 57 13.90 0.48 -5.91
CA TYR A 57 14.40 -0.72 -6.60
C TYR A 57 14.95 -1.77 -5.64
N ARG A 58 14.85 -1.54 -4.32
CA ARG A 58 15.42 -2.40 -3.29
C ARG A 58 14.44 -2.63 -2.15
N THR A 59 13.15 -2.39 -2.39
CA THR A 59 12.11 -2.53 -1.38
C THR A 59 11.09 -3.58 -1.81
N SER A 60 10.25 -4.04 -0.87
CA SER A 60 9.32 -5.14 -1.10
C SER A 60 8.05 -4.93 -0.27
N PRO A 61 6.97 -5.67 -0.54
CA PRO A 61 5.71 -5.52 0.18
C PRO A 61 5.83 -6.04 1.61
N ASP A 62 6.66 -7.07 1.81
CA ASP A 62 6.90 -7.61 3.14
C ASP A 62 7.61 -6.57 4.00
N THR A 63 8.50 -5.78 3.39
CA THR A 63 9.17 -4.72 4.12
C THR A 63 8.17 -3.59 4.37
N LEU A 64 7.40 -3.21 3.34
CA LEU A 64 6.41 -2.16 3.46
C LEU A 64 5.42 -2.44 4.60
N ARG A 65 5.31 -3.71 5.00
CA ARG A 65 4.41 -4.09 6.08
C ARG A 65 5.07 -3.75 7.42
N ARG A 66 6.26 -4.30 7.68
CA ARG A 66 6.91 -4.04 8.97
C ARG A 66 7.29 -2.57 9.12
N VAL A 67 7.42 -1.83 8.00
CA VAL A 67 7.85 -0.45 8.03
C VAL A 67 6.67 0.49 8.33
N PHE A 68 5.47 0.14 7.87
CA PHE A 68 4.29 0.95 8.10
C PHE A 68 3.39 0.39 9.22
N GLU A 69 3.67 -0.84 9.69
CA GLU A 69 2.90 -1.43 10.77
C GLU A 69 3.22 -0.75 12.11
N LYS A 70 4.41 -0.17 12.24
CA LYS A 70 4.82 0.46 13.50
C LYS A 70 4.03 1.73 13.79
N TYR A 71 3.46 2.34 12.75
CA TYR A 71 2.63 3.53 12.89
C TYR A 71 1.26 3.16 13.46
N GLY A 72 0.89 1.88 13.43
CA GLY A 72 -0.31 1.41 14.09
C GLY A 72 -0.78 0.06 13.55
N ARG A 73 -1.22 0.03 12.28
CA ARG A 73 -1.78 -1.15 11.67
C ARG A 73 -1.84 -0.99 10.15
N VAL A 74 -2.12 -2.10 9.44
CA VAL A 74 -2.22 -2.11 8.00
C VAL A 74 -3.36 -3.06 7.61
N GLY A 75 -4.21 -2.64 6.66
CA GLY A 75 -5.32 -3.44 6.19
C GLY A 75 -4.96 -4.17 4.89
N ASP A 76 -3.97 -3.65 4.16
CA ASP A 76 -3.50 -4.32 2.95
C ASP A 76 -2.09 -3.85 2.61
N VAL A 77 -1.34 -4.68 1.88
CA VAL A 77 0.01 -4.39 1.43
C VAL A 77 0.47 -5.46 0.44
N TYR A 78 0.42 -5.16 -0.87
CA TYR A 78 0.93 -6.12 -1.84
C TYR A 78 1.25 -5.51 -3.21
N ILE A 79 1.77 -6.35 -4.12
CA ILE A 79 2.21 -5.96 -5.45
C ILE A 79 1.17 -6.49 -6.45
N PRO A 80 0.26 -5.62 -6.89
CA PRO A 80 -0.95 -6.03 -7.60
C PRO A 80 -0.78 -6.29 -9.09
N ARG A 81 -0.02 -5.47 -9.82
CA ARG A 81 0.03 -5.60 -11.26
C ARG A 81 0.77 -6.87 -11.68
N ASP A 82 0.46 -7.36 -12.88
CA ASP A 82 0.95 -8.62 -13.41
C ASP A 82 1.07 -9.70 -12.33
N ARG A 83 -0.11 -10.16 -11.87
CA ARG A 83 -0.28 -11.09 -10.76
C ARG A 83 0.45 -12.44 -10.89
N TYR A 84 1.26 -12.61 -11.93
CA TYR A 84 2.03 -13.82 -12.17
C TYR A 84 3.41 -13.53 -12.81
N THR A 85 3.73 -12.25 -13.04
CA THR A 85 5.06 -11.85 -13.52
C THR A 85 5.71 -10.89 -12.53
N LYS A 86 4.89 -10.40 -11.58
CA LYS A 86 5.21 -9.41 -10.56
C LYS A 86 6.07 -8.25 -11.06
N GLU A 87 5.94 -7.92 -12.35
CA GLU A 87 6.58 -6.75 -12.92
C GLU A 87 5.89 -5.49 -12.39
N SER A 88 6.32 -4.34 -12.90
CA SER A 88 5.88 -3.02 -12.46
C SER A 88 5.97 -2.86 -10.93
N ARG A 89 6.86 -3.64 -10.31
CA ARG A 89 7.13 -3.66 -8.87
C ARG A 89 7.65 -2.33 -8.31
N GLY A 90 7.61 -1.25 -9.10
CA GLY A 90 8.05 0.07 -8.67
C GLY A 90 7.14 0.64 -7.57
N PHE A 91 6.13 -0.11 -7.13
CA PHE A 91 5.24 0.28 -6.06
C PHE A 91 4.61 -0.93 -5.40
N ALA A 92 4.00 -0.71 -4.23
CA ALA A 92 3.33 -1.72 -3.46
C ALA A 92 2.16 -1.05 -2.76
N PHE A 93 0.94 -1.24 -3.29
CA PHE A 93 -0.23 -0.59 -2.73
C PHE A 93 -0.51 -1.18 -1.37
N VAL A 94 -0.44 -0.34 -0.33
CA VAL A 94 -0.84 -0.74 1.01
C VAL A 94 -1.98 0.14 1.45
N ARG A 95 -2.69 -0.21 2.51
CA ARG A 95 -3.81 0.61 2.96
C ARG A 95 -3.95 0.62 4.48
N PHE A 96 -4.45 1.74 5.01
CA PHE A 96 -4.67 1.93 6.44
C PHE A 96 -6.15 2.12 6.76
N HIS A 97 -6.50 1.99 8.05
CA HIS A 97 -7.89 1.93 8.47
C HIS A 97 -8.36 3.19 9.19
N ASP A 98 -7.45 3.91 9.84
CA ASP A 98 -7.85 4.99 10.73
C ASP A 98 -7.25 6.30 10.26
N LYS A 99 -7.96 7.40 10.51
CA LYS A 99 -7.47 8.70 10.08
C LYS A 99 -6.19 9.05 10.81
N ARG A 100 -6.13 8.84 12.13
CA ARG A 100 -4.97 9.25 12.91
C ARG A 100 -3.71 8.46 12.59
N ASP A 101 -3.81 7.14 12.37
CA ASP A 101 -2.60 6.37 12.09
C ASP A 101 -2.18 6.50 10.63
N ALA A 102 -3.09 7.00 9.79
CA ALA A 102 -2.84 7.18 8.38
C ALA A 102 -2.18 8.53 8.12
N GLU A 103 -2.72 9.60 8.72
CA GLU A 103 -2.14 10.91 8.52
C GLU A 103 -0.77 10.99 9.19
N ASP A 104 -0.53 10.18 10.21
CA ASP A 104 0.77 10.19 10.88
C ASP A 104 1.83 9.50 10.01
N ALA A 105 1.52 8.31 9.47
CA ALA A 105 2.48 7.62 8.62
C ALA A 105 2.77 8.43 7.36
N MET A 106 1.78 9.17 6.88
CA MET A 106 1.93 10.05 5.73
C MET A 106 2.76 11.27 6.12
N ASP A 107 2.49 11.86 7.29
CA ASP A 107 3.18 13.07 7.72
C ASP A 107 4.55 12.74 8.30
N ALA A 108 4.94 11.45 8.31
CA ALA A 108 6.20 11.02 8.92
C ALA A 108 7.07 10.19 7.98
N MET A 109 6.56 9.84 6.79
CA MET A 109 7.38 9.11 5.83
C MET A 109 7.25 9.59 4.38
N ASP A 110 6.11 10.19 3.99
CA ASP A 110 6.00 10.69 2.63
C ASP A 110 7.04 11.78 2.39
N GLY A 111 7.73 11.71 1.25
CA GLY A 111 8.67 12.76 0.86
C GLY A 111 9.90 12.78 1.78
N ALA A 112 10.45 11.61 2.12
CA ALA A 112 11.56 11.48 3.04
C ALA A 112 12.76 10.86 2.33
N VAL A 113 12.72 10.97 1.01
CA VAL A 113 13.54 10.22 0.08
C VAL A 113 15.04 10.45 0.15
N LEU A 114 15.76 9.48 -0.44
CA LEU A 114 17.21 9.48 -0.43
C LEU A 114 17.82 8.67 -1.57
N ASP A 115 17.02 8.28 -2.58
CA ASP A 115 17.48 7.53 -3.74
C ASP A 115 16.90 8.11 -5.03
N GLY A 116 16.23 9.26 -4.94
CA GLY A 116 15.57 9.89 -6.08
C GLY A 116 14.07 9.62 -6.05
N ARG A 117 13.65 8.66 -5.20
CA ARG A 117 12.28 8.28 -4.93
C ARG A 117 12.33 7.19 -3.85
N GLU A 118 11.49 7.30 -2.82
CA GLU A 118 11.34 6.18 -1.91
C GLU A 118 9.92 6.06 -1.38
N LEU A 119 9.24 7.19 -1.21
CA LEU A 119 7.92 7.23 -0.60
C LEU A 119 6.99 8.23 -1.28
N ARG A 120 5.74 7.82 -1.43
CA ARG A 120 4.60 8.66 -1.81
C ARG A 120 3.37 8.06 -1.15
N VAL A 121 2.74 8.81 -0.25
CA VAL A 121 1.61 8.36 0.55
C VAL A 121 0.52 9.42 0.56
N GLN A 122 -0.74 8.98 0.54
CA GLN A 122 -1.90 9.85 0.59
C GLN A 122 -3.17 9.03 0.78
N MET A 123 -4.30 9.72 0.82
CA MET A 123 -5.61 9.09 0.92
C MET A 123 -5.99 8.50 -0.44
N ALA A 124 -6.60 7.31 -0.44
CA ALA A 124 -7.02 6.61 -1.65
C ALA A 124 -8.24 7.27 -2.27
N ARG A 125 -8.53 6.94 -3.53
CA ARG A 125 -9.74 7.37 -4.22
C ARG A 125 -10.28 6.27 -5.13
N TYR A 126 -9.71 5.07 -5.02
CA TYR A 126 -10.07 3.91 -5.83
C TYR A 126 -10.40 2.74 -4.90
N GLY A 127 -10.99 1.68 -5.44
CA GLY A 127 -11.47 0.57 -4.63
C GLY A 127 -10.80 -0.75 -4.97
N ARG A 128 -11.09 -1.78 -4.17
CA ARG A 128 -10.51 -3.12 -4.29
C ARG A 128 -10.92 -3.80 -5.61
N PRO A 129 -10.17 -4.81 -6.05
CA PRO A 129 -10.42 -5.59 -7.26
C PRO A 129 -11.89 -5.88 -7.56
N PRO A 130 -12.50 -5.19 -8.54
CA PRO A 130 -13.81 -5.53 -9.06
C PRO A 130 -13.68 -6.64 -10.12
N ASP A 131 -12.51 -6.68 -10.76
CA ASP A 131 -12.15 -7.65 -11.78
C ASP A 131 -10.62 -7.66 -11.87
N SER A 132 -10.00 -8.61 -12.56
CA SER A 132 -8.55 -8.68 -12.55
C SER A 132 -7.89 -7.73 -13.55
N HIS A 133 -8.40 -7.63 -14.78
CA HIS A 133 -7.73 -6.85 -15.81
C HIS A 133 -8.59 -6.66 -17.06
N HIS A 134 -9.91 -6.83 -16.97
CA HIS A 134 -10.79 -6.74 -18.13
C HIS A 134 -12.00 -5.85 -17.87
N SER A 135 -12.11 -5.25 -16.68
CA SER A 135 -13.18 -4.33 -16.33
C SER A 135 -12.66 -3.25 -15.38
N MET A 35 -2.97 -18.11 7.03
CA MET A 35 -3.65 -16.81 7.01
C MET A 35 -3.05 -15.92 5.92
N SER A 36 -3.91 -15.34 5.07
CA SER A 36 -3.49 -14.46 4.00
C SER A 36 -4.57 -13.41 3.71
N TYR A 37 -4.22 -12.43 2.85
CA TYR A 37 -5.13 -11.37 2.46
C TYR A 37 -6.13 -11.84 1.40
N GLY A 38 -6.15 -13.14 1.11
CA GLY A 38 -6.98 -13.68 0.04
C GLY A 38 -8.44 -13.28 0.12
N ARG A 39 -9.05 -13.32 1.32
CA ARG A 39 -10.46 -12.99 1.46
C ARG A 39 -10.91 -12.62 2.89
N PRO A 40 -10.06 -12.13 3.80
CA PRO A 40 -10.51 -11.73 5.12
C PRO A 40 -11.35 -10.45 4.98
N PRO A 41 -12.40 -10.29 5.78
CA PRO A 41 -13.31 -9.15 5.70
C PRO A 41 -12.63 -7.88 6.23
N PRO A 42 -12.41 -6.89 5.36
CA PRO A 42 -11.84 -5.61 5.73
C PRO A 42 -12.95 -4.67 6.21
N ASP A 43 -12.65 -3.36 6.29
CA ASP A 43 -13.60 -2.34 6.69
C ASP A 43 -13.54 -1.15 5.72
N VAL A 44 -13.12 -1.41 4.47
CA VAL A 44 -12.99 -0.40 3.43
C VAL A 44 -14.29 0.35 3.21
N GLU A 45 -15.40 -0.20 3.72
CA GLU A 45 -16.73 0.40 3.60
C GLU A 45 -16.91 1.60 4.53
N GLY A 46 -15.90 1.91 5.36
CA GLY A 46 -16.01 3.00 6.33
C GLY A 46 -14.73 3.22 7.10
N MET A 47 -13.57 3.16 6.44
CA MET A 47 -12.28 3.36 7.11
C MET A 47 -11.38 4.27 6.29
N THR A 48 -10.34 4.82 6.92
CA THR A 48 -9.38 5.70 6.26
C THR A 48 -8.43 4.87 5.41
N SER A 49 -8.88 4.54 4.21
CA SER A 49 -8.15 3.75 3.21
C SER A 49 -6.93 4.50 2.71
N LEU A 50 -5.94 4.70 3.60
CA LEU A 50 -4.76 5.46 3.25
C LEU A 50 -3.77 4.51 2.61
N LYS A 51 -3.21 4.91 1.45
CA LYS A 51 -2.43 4.01 0.62
C LYS A 51 -1.06 4.56 0.25
N VAL A 52 -0.13 3.66 -0.02
CA VAL A 52 1.26 4.04 -0.33
C VAL A 52 1.76 3.32 -1.57
N ASP A 53 2.73 3.96 -2.23
CA ASP A 53 3.38 3.49 -3.45
C ASP A 53 4.80 4.06 -3.53
N ASN A 54 5.48 3.84 -4.66
CA ASN A 54 6.78 4.43 -4.99
C ASN A 54 7.96 3.64 -4.44
N LEU A 55 7.81 2.31 -4.35
CA LEU A 55 8.81 1.40 -3.83
C LEU A 55 10.08 1.55 -4.66
N THR A 56 11.22 1.63 -3.98
CA THR A 56 12.51 1.71 -4.62
C THR A 56 12.97 0.31 -5.04
N TYR A 57 14.03 0.24 -5.84
CA TYR A 57 14.57 -1.00 -6.40
C TYR A 57 15.06 -1.99 -5.35
N ARG A 58 14.96 -1.67 -4.06
CA ARG A 58 15.48 -2.51 -2.98
C ARG A 58 14.40 -2.84 -1.94
N THR A 59 13.13 -2.56 -2.27
CA THR A 59 12.04 -2.71 -1.32
C THR A 59 11.05 -3.79 -1.78
N SER A 60 10.19 -4.24 -0.86
CA SER A 60 9.23 -5.32 -1.10
C SER A 60 7.99 -5.09 -0.23
N PRO A 61 6.87 -5.77 -0.50
CA PRO A 61 5.63 -5.56 0.24
C PRO A 61 5.73 -6.08 1.67
N ASP A 62 6.60 -7.07 1.93
CA ASP A 62 6.80 -7.56 3.28
C ASP A 62 7.53 -6.51 4.11
N THR A 63 8.41 -5.73 3.48
CA THR A 63 9.09 -4.66 4.18
C THR A 63 8.14 -3.49 4.33
N LEU A 64 7.41 -3.13 3.28
CA LEU A 64 6.47 -2.03 3.34
C LEU A 64 5.45 -2.27 4.45
N ARG A 65 5.25 -3.53 4.85
CA ARG A 65 4.33 -3.87 5.92
C ARG A 65 4.96 -3.58 7.26
N ARG A 66 6.11 -4.18 7.55
CA ARG A 66 6.76 -4.00 8.84
C ARG A 66 7.11 -2.52 9.07
N VAL A 67 7.39 -1.81 7.98
CA VAL A 67 7.87 -0.44 8.04
C VAL A 67 6.72 0.52 8.35
N PHE A 68 5.52 0.23 7.85
CA PHE A 68 4.35 1.07 8.09
C PHE A 68 3.47 0.54 9.21
N GLU A 69 3.68 -0.70 9.64
CA GLU A 69 2.89 -1.30 10.71
C GLU A 69 3.22 -0.65 12.06
N LYS A 70 4.43 -0.10 12.21
CA LYS A 70 4.85 0.50 13.47
C LYS A 70 4.09 1.79 13.79
N TYR A 71 3.54 2.44 12.76
CA TYR A 71 2.76 3.65 12.93
C TYR A 71 1.37 3.34 13.48
N GLY A 72 0.94 2.08 13.40
CA GLY A 72 -0.33 1.66 13.98
C GLY A 72 -0.74 0.29 13.48
N ARG A 73 -1.42 0.26 12.33
CA ARG A 73 -1.85 -1.00 11.70
C ARG A 73 -2.15 -0.78 10.23
N VAL A 74 -2.19 -1.88 9.48
CA VAL A 74 -2.41 -1.88 8.05
C VAL A 74 -3.39 -3.01 7.73
N GLY A 75 -4.35 -2.75 6.83
CA GLY A 75 -5.38 -3.72 6.50
C GLY A 75 -4.92 -4.65 5.40
N ASP A 76 -4.15 -4.12 4.43
CA ASP A 76 -3.57 -4.95 3.39
C ASP A 76 -2.45 -4.22 2.67
N VAL A 77 -1.58 -5.00 2.03
CA VAL A 77 -0.41 -4.53 1.32
C VAL A 77 0.00 -5.59 0.30
N TYR A 78 -0.04 -5.23 -1.00
CA TYR A 78 0.38 -6.15 -2.05
C TYR A 78 0.82 -5.41 -3.31
N ILE A 79 1.27 -6.20 -4.29
CA ILE A 79 1.87 -5.69 -5.53
C ILE A 79 1.18 -6.38 -6.71
N PRO A 80 0.11 -5.75 -7.23
CA PRO A 80 -0.76 -6.31 -8.26
C PRO A 80 -0.19 -6.20 -9.68
N ARG A 81 1.08 -5.81 -9.83
CA ARG A 81 1.67 -5.65 -11.16
C ARG A 81 1.49 -6.92 -11.97
N ASP A 82 1.70 -8.08 -11.34
CA ASP A 82 1.39 -9.40 -11.89
C ASP A 82 1.05 -10.31 -10.73
N ARG A 83 -0.20 -10.79 -10.72
CA ARG A 83 -0.79 -11.50 -9.58
C ARG A 83 -0.24 -12.90 -9.33
N TYR A 84 0.87 -13.26 -9.98
CA TYR A 84 1.48 -14.58 -9.90
C TYR A 84 3.00 -14.50 -10.00
N THR A 85 3.57 -13.29 -10.07
CA THR A 85 5.02 -13.13 -10.03
C THR A 85 5.39 -12.06 -8.99
N LYS A 86 4.55 -11.03 -8.86
CA LYS A 86 4.70 -9.90 -7.96
C LYS A 86 6.15 -9.49 -7.72
N GLU A 87 6.96 -9.49 -8.78
CA GLU A 87 8.39 -9.22 -8.66
C GLU A 87 8.87 -8.15 -9.65
N SER A 88 7.97 -7.59 -10.46
CA SER A 88 8.36 -6.50 -11.36
C SER A 88 8.78 -5.29 -10.53
N ARG A 89 7.99 -5.01 -9.49
CA ARG A 89 8.16 -3.93 -8.54
C ARG A 89 8.16 -2.55 -9.18
N GLY A 90 7.85 -1.58 -8.33
CA GLY A 90 7.80 -0.16 -8.65
C GLY A 90 6.86 0.54 -7.68
N PHE A 91 5.96 -0.24 -7.07
CA PHE A 91 5.00 0.24 -6.09
C PHE A 91 4.48 -0.95 -5.27
N ALA A 92 3.82 -0.66 -4.15
CA ALA A 92 3.18 -1.66 -3.31
C ALA A 92 2.03 -1.00 -2.57
N PHE A 93 0.84 -1.11 -3.14
CA PHE A 93 -0.34 -0.43 -2.64
C PHE A 93 -0.71 -1.01 -1.27
N VAL A 94 -0.35 -0.27 -0.21
CA VAL A 94 -0.82 -0.66 1.13
C VAL A 94 -2.07 0.13 1.43
N ARG A 95 -2.78 -0.27 2.50
CA ARG A 95 -4.04 0.32 2.89
C ARG A 95 -4.18 0.32 4.41
N PHE A 96 -4.26 1.52 5.01
CA PHE A 96 -4.51 1.71 6.43
C PHE A 96 -6.00 1.88 6.67
N HIS A 97 -6.40 1.85 7.95
CA HIS A 97 -7.79 1.99 8.35
C HIS A 97 -8.00 3.12 9.35
N ASP A 98 -7.05 3.31 10.27
CA ASP A 98 -7.14 4.34 11.29
C ASP A 98 -6.77 5.70 10.69
N LYS A 99 -7.63 6.70 10.88
CA LYS A 99 -7.35 8.04 10.39
C LYS A 99 -6.08 8.58 11.04
N ARG A 100 -6.00 8.58 12.36
CA ARG A 100 -4.85 9.14 13.07
C ARG A 100 -3.53 8.46 12.67
N ASP A 101 -3.56 7.17 12.34
CA ASP A 101 -2.34 6.46 11.96
C ASP A 101 -2.08 6.57 10.46
N ALA A 102 -3.10 6.92 9.69
CA ALA A 102 -2.99 7.09 8.25
C ALA A 102 -2.34 8.44 7.97
N GLU A 103 -2.80 9.50 8.64
CA GLU A 103 -2.24 10.81 8.44
C GLU A 103 -0.87 10.95 9.11
N ASP A 104 -0.59 10.18 10.17
CA ASP A 104 0.71 10.25 10.83
C ASP A 104 1.79 9.59 9.99
N ALA A 105 1.54 8.38 9.47
CA ALA A 105 2.53 7.70 8.66
C ALA A 105 2.82 8.49 7.39
N MET A 106 1.81 9.21 6.89
CA MET A 106 1.97 10.07 5.73
C MET A 106 2.74 11.33 6.10
N ASP A 107 2.45 11.92 7.26
CA ASP A 107 3.09 13.14 7.69
C ASP A 107 4.47 12.86 8.31
N ALA A 108 4.89 11.58 8.32
CA ALA A 108 6.13 11.18 8.96
C ALA A 108 7.02 10.35 8.04
N MET A 109 6.55 9.98 6.84
CA MET A 109 7.38 9.22 5.91
C MET A 109 7.29 9.68 4.46
N ASP A 110 6.18 10.26 4.01
CA ASP A 110 6.12 10.69 2.62
C ASP A 110 7.18 11.77 2.36
N GLY A 111 7.86 11.65 1.24
CA GLY A 111 8.84 12.63 0.80
C GLY A 111 10.16 12.55 1.57
N ALA A 112 10.35 11.49 2.37
CA ALA A 112 11.56 11.32 3.16
C ALA A 112 12.66 10.69 2.32
N VAL A 113 12.68 11.04 1.03
CA VAL A 113 13.54 10.41 0.04
C VAL A 113 15.01 10.75 0.21
N LEU A 114 15.81 10.05 -0.59
CA LEU A 114 17.26 10.18 -0.58
C LEU A 114 17.92 9.76 -1.89
N ASP A 115 17.13 9.44 -2.92
CA ASP A 115 17.68 9.04 -4.22
C ASP A 115 16.79 9.44 -5.39
N GLY A 116 15.63 10.05 -5.13
CA GLY A 116 14.74 10.48 -6.21
C GLY A 116 13.35 9.87 -6.04
N ARG A 117 13.27 8.83 -5.22
CA ARG A 117 12.02 8.22 -4.79
C ARG A 117 12.32 7.42 -3.54
N GLU A 118 11.41 7.46 -2.57
CA GLU A 118 11.48 6.57 -1.43
C GLU A 118 10.06 6.24 -1.03
N LEU A 119 9.24 7.30 -0.87
CA LEU A 119 7.85 7.17 -0.49
C LEU A 119 6.94 8.14 -1.24
N ARG A 120 5.69 7.71 -1.44
CA ARG A 120 4.57 8.53 -1.88
C ARG A 120 3.32 7.94 -1.24
N VAL A 121 2.87 8.54 -0.13
CA VAL A 121 1.72 8.06 0.61
C VAL A 121 0.70 9.18 0.78
N GLN A 122 -0.55 8.86 0.45
CA GLN A 122 -1.68 9.78 0.52
C GLN A 122 -2.97 8.99 0.40
N MET A 123 -4.07 9.64 0.78
CA MET A 123 -5.39 9.04 0.80
C MET A 123 -5.74 8.53 -0.59
N ALA A 124 -6.32 7.32 -0.65
CA ALA A 124 -6.69 6.71 -1.93
C ALA A 124 -7.75 7.55 -2.64
N ARG A 125 -7.82 7.42 -3.96
CA ARG A 125 -8.83 8.11 -4.77
C ARG A 125 -9.42 7.17 -5.82
N TYR A 126 -9.02 5.89 -5.80
CA TYR A 126 -9.58 4.86 -6.67
C TYR A 126 -9.91 3.64 -5.82
N GLY A 127 -10.72 2.72 -6.35
CA GLY A 127 -11.20 1.57 -5.58
C GLY A 127 -10.61 0.25 -6.07
N ARG A 128 -10.89 -0.82 -5.33
CA ARG A 128 -10.40 -2.15 -5.65
C ARG A 128 -11.04 -2.65 -6.96
N PRO A 129 -10.39 -3.58 -7.67
CA PRO A 129 -10.83 -4.04 -8.96
C PRO A 129 -12.02 -5.00 -8.85
N PRO A 130 -12.92 -4.98 -9.84
CA PRO A 130 -14.07 -5.87 -9.92
C PRO A 130 -13.69 -7.24 -10.47
N ASP A 131 -12.59 -7.30 -11.24
CA ASP A 131 -12.07 -8.51 -11.84
C ASP A 131 -10.57 -8.35 -12.07
N SER A 132 -9.84 -9.47 -12.26
CA SER A 132 -8.39 -9.38 -12.37
C SER A 132 -7.93 -8.77 -13.68
N HIS A 133 -8.44 -9.26 -14.82
CA HIS A 133 -8.02 -8.77 -16.12
C HIS A 133 -8.91 -9.33 -17.23
N HIS A 134 -9.23 -10.63 -17.16
CA HIS A 134 -10.03 -11.28 -18.19
C HIS A 134 -10.63 -12.60 -17.70
N SER A 135 -10.55 -12.86 -16.38
CA SER A 135 -11.02 -14.09 -15.78
C SER A 135 -12.46 -14.41 -16.17
N MET A 35 -5.90 -19.37 2.39
CA MET A 35 -5.26 -18.67 1.25
C MET A 35 -5.06 -17.20 1.58
N SER A 36 -3.81 -16.80 1.82
CA SER A 36 -3.46 -15.42 2.11
C SER A 36 -3.85 -14.53 0.93
N TYR A 37 -4.30 -13.31 1.22
CA TYR A 37 -4.77 -12.34 0.23
C TYR A 37 -5.79 -12.94 -0.74
N GLY A 38 -6.41 -14.06 -0.36
CA GLY A 38 -7.37 -14.77 -1.19
C GLY A 38 -8.76 -14.15 -1.05
N ARG A 39 -8.89 -12.89 -1.49
CA ARG A 39 -10.12 -12.10 -1.44
C ARG A 39 -10.90 -12.21 -0.12
N PRO A 40 -10.26 -12.04 1.04
CA PRO A 40 -10.93 -12.01 2.31
C PRO A 40 -11.73 -10.70 2.40
N PRO A 41 -12.81 -10.68 3.19
CA PRO A 41 -13.65 -9.50 3.35
C PRO A 41 -12.93 -8.42 4.17
N PRO A 42 -12.64 -7.26 3.57
CA PRO A 42 -12.02 -6.13 4.25
C PRO A 42 -13.09 -5.33 5.00
N ASP A 43 -12.76 -4.10 5.39
CA ASP A 43 -13.66 -3.21 6.09
C ASP A 43 -13.65 -1.81 5.45
N VAL A 44 -13.21 -1.73 4.19
CA VAL A 44 -13.10 -0.49 3.42
C VAL A 44 -14.44 0.23 3.33
N GLU A 45 -15.52 -0.43 3.69
CA GLU A 45 -16.87 0.13 3.67
C GLU A 45 -17.08 1.20 4.75
N GLY A 46 -16.07 1.48 5.57
CA GLY A 46 -16.22 2.45 6.65
C GLY A 46 -14.89 2.84 7.31
N MET A 47 -13.77 2.82 6.56
CA MET A 47 -12.49 3.20 7.14
C MET A 47 -11.64 4.05 6.19
N THR A 48 -10.58 4.64 6.72
CA THR A 48 -9.76 5.66 6.07
C THR A 48 -9.14 5.28 4.73
N SER A 49 -8.86 3.99 4.49
CA SER A 49 -8.23 3.52 3.26
C SER A 49 -7.09 4.42 2.77
N LEU A 50 -6.06 4.61 3.60
CA LEU A 50 -4.85 5.30 3.14
C LEU A 50 -4.21 4.44 2.05
N LYS A 51 -3.25 4.99 1.30
CA LYS A 51 -2.44 4.20 0.39
C LYS A 51 -0.97 4.58 0.45
N VAL A 52 -0.09 3.66 0.04
CA VAL A 52 1.36 3.90 -0.05
C VAL A 52 1.86 3.37 -1.38
N ASP A 53 2.90 4.02 -1.93
CA ASP A 53 3.54 3.66 -3.19
C ASP A 53 5.02 4.06 -3.18
N ASN A 54 5.70 3.86 -4.32
CA ASN A 54 7.03 4.38 -4.62
C ASN A 54 8.17 3.43 -4.25
N LEU A 55 7.91 2.12 -4.28
CA LEU A 55 8.86 1.08 -3.92
C LEU A 55 10.09 1.17 -4.83
N THR A 56 11.26 1.38 -4.23
CA THR A 56 12.50 1.45 -4.97
C THR A 56 12.93 0.05 -5.41
N TYR A 57 13.96 -0.04 -6.26
CA TYR A 57 14.49 -1.30 -6.78
C TYR A 57 15.06 -2.21 -5.69
N ARG A 58 14.90 -1.84 -4.41
CA ARG A 58 15.47 -2.56 -3.28
C ARG A 58 14.43 -2.83 -2.20
N THR A 59 13.15 -2.68 -2.52
CA THR A 59 12.07 -2.76 -1.53
C THR A 59 11.05 -3.84 -1.92
N SER A 60 10.18 -4.21 -0.98
CA SER A 60 9.22 -5.29 -1.13
C SER A 60 7.99 -5.02 -0.25
N PRO A 61 6.88 -5.75 -0.46
CA PRO A 61 5.66 -5.53 0.30
C PRO A 61 5.83 -6.01 1.74
N ASP A 62 6.69 -7.01 1.95
CA ASP A 62 6.96 -7.53 3.27
C ASP A 62 7.69 -6.48 4.10
N THR A 63 8.55 -5.68 3.46
CA THR A 63 9.23 -4.59 4.14
C THR A 63 8.23 -3.47 4.39
N LEU A 64 7.45 -3.14 3.36
CA LEU A 64 6.44 -2.10 3.46
C LEU A 64 5.47 -2.39 4.61
N ARG A 65 5.39 -3.64 5.06
CA ARG A 65 4.52 -3.99 6.18
C ARG A 65 5.20 -3.63 7.48
N ARG A 66 6.39 -4.18 7.75
CA ARG A 66 7.07 -3.92 9.02
C ARG A 66 7.53 -2.47 9.15
N VAL A 67 7.49 -1.71 8.05
CA VAL A 67 7.88 -0.31 8.03
C VAL A 67 6.70 0.61 8.28
N PHE A 68 5.49 0.22 7.83
CA PHE A 68 4.29 1.02 8.01
C PHE A 68 3.40 0.48 9.13
N GLU A 69 3.67 -0.71 9.63
CA GLU A 69 2.90 -1.29 10.72
C GLU A 69 3.21 -0.59 12.05
N LYS A 70 4.40 0.00 12.18
CA LYS A 70 4.82 0.62 13.42
C LYS A 70 4.05 1.90 13.74
N TYR A 71 3.49 2.53 12.71
CA TYR A 71 2.67 3.72 12.87
C TYR A 71 1.30 3.38 13.46
N GLY A 72 0.88 2.10 13.38
CA GLY A 72 -0.36 1.68 14.01
C GLY A 72 -0.78 0.31 13.51
N ARG A 73 -1.51 0.28 12.38
CA ARG A 73 -1.92 -0.98 11.76
C ARG A 73 -2.20 -0.78 10.28
N VAL A 74 -2.28 -1.91 9.57
CA VAL A 74 -2.44 -1.96 8.12
C VAL A 74 -3.53 -2.98 7.82
N GLY A 75 -4.41 -2.64 6.87
CA GLY A 75 -5.52 -3.52 6.49
C GLY A 75 -5.13 -4.36 5.27
N ASP A 76 -4.15 -3.88 4.51
CA ASP A 76 -3.62 -4.62 3.38
C ASP A 76 -2.27 -4.05 2.94
N VAL A 77 -1.46 -4.90 2.33
CA VAL A 77 -0.20 -4.53 1.72
C VAL A 77 0.03 -5.52 0.59
N TYR A 78 -0.19 -5.04 -0.64
CA TYR A 78 -0.27 -5.90 -1.80
C TYR A 78 0.29 -5.21 -3.03
N ILE A 79 0.61 -6.01 -4.05
CA ILE A 79 1.28 -5.53 -5.25
C ILE A 79 0.63 -6.14 -6.48
N PRO A 80 0.21 -5.30 -7.45
CA PRO A 80 -0.35 -5.72 -8.73
C PRO A 80 0.77 -6.23 -9.65
N ARG A 81 1.57 -7.17 -9.15
CA ARG A 81 2.64 -7.81 -9.90
C ARG A 81 2.07 -8.78 -10.94
N ASP A 82 1.43 -8.23 -11.98
CA ASP A 82 0.84 -8.96 -13.09
C ASP A 82 0.00 -10.17 -12.67
N ARG A 83 -0.22 -11.04 -13.65
CA ARG A 83 -1.13 -12.18 -13.60
C ARG A 83 -1.12 -12.86 -14.97
N TYR A 84 -0.84 -12.09 -16.03
CA TYR A 84 -0.71 -12.58 -17.39
C TYR A 84 0.15 -11.63 -18.25
N THR A 85 0.84 -10.66 -17.62
CA THR A 85 1.54 -9.59 -18.33
C THR A 85 3.02 -9.54 -17.95
N LYS A 86 3.41 -10.34 -16.96
CA LYS A 86 4.77 -10.48 -16.45
C LYS A 86 5.52 -9.15 -16.31
N GLU A 87 4.84 -8.11 -15.81
CA GLU A 87 5.44 -6.81 -15.60
C GLU A 87 5.01 -6.25 -14.24
N SER A 88 5.44 -5.03 -13.92
CA SER A 88 5.26 -4.43 -12.60
C SER A 88 4.97 -2.93 -12.72
N ARG A 89 4.84 -2.25 -11.57
CA ARG A 89 4.47 -0.85 -11.51
C ARG A 89 5.39 -0.03 -10.59
N GLY A 90 6.36 -0.68 -9.95
CA GLY A 90 7.33 0.02 -9.12
C GLY A 90 6.74 0.56 -7.82
N PHE A 91 5.65 -0.04 -7.33
CA PHE A 91 5.04 0.36 -6.08
C PHE A 91 4.33 -0.82 -5.42
N ALA A 92 3.89 -0.61 -4.18
CA ALA A 92 3.16 -1.60 -3.40
C ALA A 92 2.04 -0.90 -2.67
N PHE A 93 0.82 -1.06 -3.18
CA PHE A 93 -0.36 -0.36 -2.68
C PHE A 93 -0.71 -0.91 -1.30
N VAL A 94 -0.18 -0.25 -0.26
CA VAL A 94 -0.57 -0.55 1.11
C VAL A 94 -1.90 0.14 1.38
N ARG A 95 -2.63 -0.30 2.40
CA ARG A 95 -3.91 0.27 2.75
C ARG A 95 -4.08 0.33 4.27
N PHE A 96 -4.48 1.48 4.82
CA PHE A 96 -4.68 1.64 6.26
C PHE A 96 -6.15 1.86 6.59
N HIS A 97 -6.49 1.72 7.88
CA HIS A 97 -7.86 1.87 8.35
C HIS A 97 -8.01 2.93 9.45
N ASP A 98 -6.99 3.08 10.30
CA ASP A 98 -7.02 4.11 11.33
C ASP A 98 -6.69 5.46 10.71
N LYS A 99 -7.58 6.44 10.88
CA LYS A 99 -7.34 7.78 10.37
C LYS A 99 -6.08 8.37 11.01
N ARG A 100 -6.03 8.37 12.35
CA ARG A 100 -4.93 8.99 13.08
C ARG A 100 -3.57 8.36 12.74
N ASP A 101 -3.55 7.05 12.46
CA ASP A 101 -2.29 6.37 12.17
C ASP A 101 -1.95 6.52 10.69
N ALA A 102 -2.95 6.80 9.85
CA ALA A 102 -2.75 6.99 8.44
C ALA A 102 -2.23 8.40 8.16
N GLU A 103 -2.80 9.40 8.82
CA GLU A 103 -2.37 10.77 8.58
C GLU A 103 -1.00 11.03 9.18
N ASP A 104 -0.64 10.31 10.26
CA ASP A 104 0.69 10.47 10.83
C ASP A 104 1.73 9.83 9.93
N ALA A 105 1.44 8.65 9.36
CA ALA A 105 2.40 7.95 8.54
C ALA A 105 2.74 8.75 7.27
N MET A 106 1.78 9.50 6.74
CA MET A 106 2.05 10.30 5.55
C MET A 106 2.81 11.56 5.97
N ASP A 107 2.43 12.13 7.12
CA ASP A 107 3.05 13.34 7.64
C ASP A 107 4.39 13.05 8.33
N ALA A 108 4.84 11.79 8.32
CA ALA A 108 6.07 11.42 9.01
C ALA A 108 7.02 10.60 8.15
N MET A 109 6.59 10.14 6.97
CA MET A 109 7.48 9.33 6.16
C MET A 109 7.33 9.49 4.65
N ASP A 110 6.25 10.10 4.15
CA ASP A 110 6.16 10.37 2.73
C ASP A 110 7.36 11.23 2.32
N GLY A 111 8.10 10.77 1.31
CA GLY A 111 9.24 11.51 0.80
C GLY A 111 10.47 11.45 1.70
N ALA A 112 10.64 10.38 2.48
CA ALA A 112 11.81 10.23 3.34
C ALA A 112 13.00 9.71 2.52
N VAL A 113 13.10 10.23 1.30
CA VAL A 113 13.98 9.75 0.25
C VAL A 113 15.46 10.04 0.45
N LEU A 114 16.25 9.47 -0.46
CA LEU A 114 17.70 9.67 -0.45
C LEU A 114 18.33 9.55 -1.84
N ASP A 115 17.53 9.28 -2.88
CA ASP A 115 18.07 9.10 -4.22
C ASP A 115 17.13 9.64 -5.30
N GLY A 116 15.96 10.16 -4.93
CA GLY A 116 15.03 10.73 -5.90
C GLY A 116 13.65 10.12 -5.79
N ARG A 117 13.55 8.97 -5.12
CA ARG A 117 12.27 8.32 -4.80
C ARG A 117 12.53 7.27 -3.73
N GLU A 118 11.69 7.26 -2.69
CA GLU A 118 11.73 6.22 -1.68
C GLU A 118 10.31 5.91 -1.23
N LEU A 119 9.49 6.96 -1.09
CA LEU A 119 8.11 6.84 -0.61
C LEU A 119 7.18 7.87 -1.24
N ARG A 120 5.91 7.49 -1.35
CA ARG A 120 4.80 8.36 -1.69
C ARG A 120 3.57 7.83 -0.96
N VAL A 121 2.95 8.66 -0.12
CA VAL A 121 1.81 8.24 0.69
C VAL A 121 0.74 9.33 0.68
N GLN A 122 -0.53 8.92 0.58
CA GLN A 122 -1.69 9.79 0.58
C GLN A 122 -2.95 8.95 0.73
N MET A 123 -4.10 9.62 0.86
CA MET A 123 -5.40 8.99 0.97
C MET A 123 -5.84 8.44 -0.38
N ALA A 124 -6.51 7.29 -0.37
CA ALA A 124 -7.00 6.66 -1.59
C ALA A 124 -8.23 7.41 -2.11
N ARG A 125 -8.49 7.29 -3.41
CA ARG A 125 -9.68 7.85 -4.06
C ARG A 125 -10.19 6.86 -5.12
N TYR A 126 -9.69 5.62 -5.07
CA TYR A 126 -10.08 4.55 -5.98
C TYR A 126 -10.43 3.31 -5.17
N GLY A 127 -11.22 2.40 -5.76
CA GLY A 127 -11.68 1.20 -5.09
C GLY A 127 -10.99 -0.04 -5.66
N ARG A 128 -11.29 -1.21 -5.10
CA ARG A 128 -10.68 -2.45 -5.58
C ARG A 128 -11.04 -2.68 -7.05
N PRO A 129 -10.23 -3.45 -7.78
CA PRO A 129 -10.40 -3.67 -9.21
C PRO A 129 -11.79 -4.20 -9.58
N PRO A 130 -12.54 -3.48 -10.42
CA PRO A 130 -13.77 -3.99 -11.00
C PRO A 130 -13.41 -4.97 -12.11
N ASP A 131 -12.47 -4.57 -12.97
CA ASP A 131 -11.89 -5.35 -14.06
C ASP A 131 -10.57 -4.70 -14.45
N SER A 132 -9.48 -5.47 -14.45
CA SER A 132 -8.16 -4.96 -14.83
C SER A 132 -7.30 -6.05 -15.47
N HIS A 133 -7.84 -7.24 -15.70
CA HIS A 133 -7.04 -8.36 -16.18
C HIS A 133 -7.79 -9.25 -17.16
N HIS A 134 -9.12 -9.27 -17.09
CA HIS A 134 -9.99 -10.05 -17.97
C HIS A 134 -9.53 -11.49 -18.19
N SER A 135 -8.73 -12.05 -17.26
CA SER A 135 -8.19 -13.40 -17.39
C SER A 135 -7.95 -14.00 -16.01
N MET A 35 3.12 -19.22 0.17
CA MET A 35 2.25 -18.53 1.15
C MET A 35 2.00 -17.10 0.71
N SER A 36 0.73 -16.70 0.67
CA SER A 36 0.32 -15.37 0.24
C SER A 36 -0.92 -14.92 1.01
N TYR A 37 -1.28 -13.64 0.84
CA TYR A 37 -2.41 -13.04 1.54
C TYR A 37 -3.72 -13.73 1.15
N GLY A 38 -4.02 -13.74 -0.16
CA GLY A 38 -5.23 -14.31 -0.73
C GLY A 38 -6.46 -13.49 -0.37
N ARG A 39 -6.84 -13.51 0.90
CA ARG A 39 -8.10 -12.92 1.32
C ARG A 39 -8.20 -12.74 2.84
N PRO A 40 -7.29 -11.97 3.44
CA PRO A 40 -7.33 -11.67 4.87
C PRO A 40 -8.50 -10.73 5.16
N PRO A 41 -9.04 -10.76 6.39
CA PRO A 41 -10.17 -9.92 6.79
C PRO A 41 -9.73 -8.47 6.97
N PRO A 42 -10.25 -7.55 6.14
CA PRO A 42 -9.96 -6.13 6.23
C PRO A 42 -10.93 -5.45 7.21
N ASP A 43 -11.03 -4.12 7.12
CA ASP A 43 -11.91 -3.30 7.95
C ASP A 43 -12.62 -2.25 7.08
N VAL A 44 -12.91 -2.62 5.82
CA VAL A 44 -13.49 -1.73 4.83
C VAL A 44 -14.88 -1.19 5.21
N GLU A 45 -15.42 -1.59 6.35
CA GLU A 45 -16.75 -1.17 6.79
C GLU A 45 -16.81 0.32 7.11
N GLY A 46 -15.66 0.99 7.21
CA GLY A 46 -15.61 2.43 7.49
C GLY A 46 -14.18 2.97 7.55
N MET A 47 -13.21 2.26 6.94
CA MET A 47 -11.81 2.64 7.00
C MET A 47 -11.54 4.01 6.37
N THR A 48 -10.43 4.62 6.79
CA THR A 48 -9.90 5.85 6.20
C THR A 48 -9.29 5.55 4.83
N SER A 49 -8.98 4.28 4.55
CA SER A 49 -8.42 3.80 3.30
C SER A 49 -7.28 4.68 2.80
N LEU A 50 -6.21 4.80 3.59
CA LEU A 50 -5.00 5.43 3.10
C LEU A 50 -4.43 4.54 2.00
N LYS A 51 -3.49 5.06 1.21
CA LYS A 51 -2.73 4.25 0.26
C LYS A 51 -1.24 4.60 0.33
N VAL A 52 -0.39 3.65 -0.05
CA VAL A 52 1.05 3.90 -0.14
C VAL A 52 1.59 3.33 -1.44
N ASP A 53 2.62 3.99 -1.96
CA ASP A 53 3.31 3.68 -3.20
C ASP A 53 4.78 4.08 -3.09
N ASN A 54 5.52 4.02 -4.21
CA ASN A 54 6.94 4.31 -4.28
C ASN A 54 7.77 3.30 -3.49
N LEU A 55 8.17 2.22 -4.18
CA LEU A 55 9.05 1.20 -3.64
C LEU A 55 10.38 1.29 -4.37
N THR A 56 11.47 1.48 -3.63
CA THR A 56 12.81 1.56 -4.19
C THR A 56 13.23 0.18 -4.73
N TYR A 57 14.30 0.14 -5.53
CA TYR A 57 14.80 -1.07 -6.16
C TYR A 57 15.26 -2.15 -5.16
N ARG A 58 15.14 -1.86 -3.86
CA ARG A 58 15.59 -2.74 -2.79
C ARG A 58 14.48 -2.96 -1.75
N THR A 59 13.22 -2.77 -2.15
CA THR A 59 12.10 -2.87 -1.24
C THR A 59 11.08 -3.90 -1.74
N SER A 60 10.16 -4.30 -0.87
CA SER A 60 9.16 -5.34 -1.13
C SER A 60 7.89 -5.06 -0.32
N PRO A 61 6.77 -5.70 -0.63
CA PRO A 61 5.53 -5.50 0.11
C PRO A 61 5.66 -5.98 1.54
N ASP A 62 6.50 -7.00 1.80
CA ASP A 62 6.72 -7.48 3.15
C ASP A 62 7.46 -6.41 3.97
N THR A 63 8.32 -5.63 3.32
CA THR A 63 9.01 -4.54 3.99
C THR A 63 8.02 -3.41 4.21
N LEU A 64 7.24 -3.07 3.20
CA LEU A 64 6.26 -2.00 3.31
C LEU A 64 5.28 -2.28 4.44
N ARG A 65 5.15 -3.54 4.85
CA ARG A 65 4.27 -3.91 5.95
C ARG A 65 4.95 -3.63 7.27
N ARG A 66 6.13 -4.22 7.48
CA ARG A 66 6.86 -4.08 8.74
C ARG A 66 7.37 -2.66 8.95
N VAL A 67 7.26 -1.81 7.93
CA VAL A 67 7.71 -0.42 7.99
C VAL A 67 6.53 0.54 8.23
N PHE A 68 5.34 0.20 7.74
CA PHE A 68 4.15 1.03 7.96
C PHE A 68 3.25 0.49 9.06
N GLU A 69 3.49 -0.74 9.51
CA GLU A 69 2.73 -1.35 10.60
C GLU A 69 3.06 -0.70 11.94
N LYS A 70 4.28 -0.15 12.08
CA LYS A 70 4.72 0.45 13.33
C LYS A 70 3.93 1.72 13.68
N TYR A 71 3.37 2.38 12.65
CA TYR A 71 2.57 3.57 12.85
C TYR A 71 1.21 3.23 13.48
N GLY A 72 0.77 1.97 13.34
CA GLY A 72 -0.47 1.54 13.99
C GLY A 72 -0.92 0.19 13.46
N ARG A 73 -1.58 0.18 12.29
CA ARG A 73 -2.00 -1.05 11.63
C ARG A 73 -2.25 -0.83 10.15
N VAL A 74 -2.36 -1.94 9.42
CA VAL A 74 -2.53 -1.94 7.97
C VAL A 74 -3.62 -2.94 7.61
N GLY A 75 -4.39 -2.67 6.56
CA GLY A 75 -5.47 -3.54 6.13
C GLY A 75 -5.14 -4.24 4.82
N ASP A 76 -4.16 -3.72 4.07
CA ASP A 76 -3.68 -4.37 2.88
C ASP A 76 -2.27 -3.88 2.53
N VAL A 77 -1.49 -4.72 1.84
CA VAL A 77 -0.16 -4.39 1.37
C VAL A 77 0.34 -5.46 0.39
N TYR A 78 0.25 -5.18 -0.90
CA TYR A 78 0.87 -6.04 -1.90
C TYR A 78 1.14 -5.31 -3.21
N ILE A 79 1.70 -6.04 -4.18
CA ILE A 79 2.14 -5.47 -5.44
C ILE A 79 1.35 -6.13 -6.57
N PRO A 80 0.65 -5.32 -7.38
CA PRO A 80 -0.21 -5.76 -8.47
C PRO A 80 0.59 -6.25 -9.68
N ARG A 81 1.62 -7.05 -9.43
CA ARG A 81 2.43 -7.65 -10.48
C ARG A 81 1.53 -8.43 -11.43
N ASP A 82 2.01 -8.70 -12.64
CA ASP A 82 1.28 -9.55 -13.56
C ASP A 82 0.98 -10.87 -12.83
N ARG A 83 -0.30 -11.18 -12.68
CA ARG A 83 -0.81 -12.23 -11.82
C ARG A 83 -0.44 -13.66 -12.26
N TYR A 84 0.50 -13.78 -13.19
CA TYR A 84 0.93 -15.05 -13.77
C TYR A 84 2.44 -15.03 -14.09
N THR A 85 3.15 -13.93 -13.82
CA THR A 85 4.61 -13.89 -13.92
C THR A 85 5.23 -13.36 -12.63
N LYS A 86 4.45 -12.59 -11.87
CA LYS A 86 4.76 -12.08 -10.54
C LYS A 86 6.15 -11.46 -10.43
N GLU A 87 6.63 -10.79 -11.48
CA GLU A 87 7.99 -10.22 -11.48
C GLU A 87 8.02 -8.70 -11.58
N SER A 88 6.86 -8.04 -11.63
CA SER A 88 6.80 -6.58 -11.69
C SER A 88 7.16 -5.97 -10.34
N ARG A 89 7.34 -4.63 -10.31
CA ARG A 89 7.60 -3.84 -9.12
C ARG A 89 7.82 -2.39 -9.51
N GLY A 90 7.77 -1.52 -8.48
CA GLY A 90 8.00 -0.10 -8.58
C GLY A 90 7.21 0.63 -7.50
N PHE A 91 6.17 -0.03 -7.00
CA PHE A 91 5.30 0.45 -5.95
C PHE A 91 4.62 -0.74 -5.28
N ALA A 92 3.93 -0.50 -4.17
CA ALA A 92 3.19 -1.54 -3.47
C ALA A 92 1.99 -0.89 -2.79
N PHE A 93 0.80 -1.09 -3.36
CA PHE A 93 -0.39 -0.45 -2.82
C PHE A 93 -0.67 -1.08 -1.47
N VAL A 94 -0.59 -0.27 -0.41
CA VAL A 94 -1.01 -0.70 0.92
C VAL A 94 -2.20 0.15 1.32
N ARG A 95 -2.90 -0.22 2.39
CA ARG A 95 -4.04 0.57 2.82
C ARG A 95 -4.17 0.59 4.34
N PHE A 96 -4.63 1.71 4.90
CA PHE A 96 -4.82 1.87 6.34
C PHE A 96 -6.29 2.07 6.69
N HIS A 97 -6.63 1.86 7.96
CA HIS A 97 -7.99 1.93 8.45
C HIS A 97 -8.20 2.94 9.56
N ASP A 98 -7.19 3.16 10.39
CA ASP A 98 -7.28 4.17 11.43
C ASP A 98 -6.87 5.51 10.85
N LYS A 99 -7.70 6.54 11.10
CA LYS A 99 -7.47 7.88 10.59
C LYS A 99 -6.21 8.49 11.18
N ARG A 100 -6.01 8.37 12.49
CA ARG A 100 -4.92 9.05 13.21
C ARG A 100 -3.54 8.58 12.79
N ASP A 101 -3.40 7.35 12.30
CA ASP A 101 -2.09 6.84 11.91
C ASP A 101 -1.96 6.78 10.40
N ALA A 102 -3.05 7.05 9.68
CA ALA A 102 -2.94 7.22 8.26
C ALA A 102 -2.33 8.60 7.98
N GLU A 103 -2.74 9.61 8.77
CA GLU A 103 -2.18 10.94 8.62
C GLU A 103 -0.81 11.06 9.28
N ASP A 104 -0.53 10.30 10.34
CA ASP A 104 0.79 10.33 10.91
C ASP A 104 1.80 9.72 9.95
N ALA A 105 1.43 8.62 9.28
CA ALA A 105 2.36 7.95 8.37
C ALA A 105 2.68 8.83 7.17
N MET A 106 1.74 9.66 6.69
CA MET A 106 2.06 10.51 5.55
C MET A 106 2.89 11.69 6.01
N ASP A 107 2.54 12.23 7.17
CA ASP A 107 3.23 13.37 7.75
C ASP A 107 4.58 12.98 8.36
N ALA A 108 4.94 11.69 8.30
CA ALA A 108 6.17 11.23 8.91
C ALA A 108 7.06 10.41 7.98
N MET A 109 6.61 10.08 6.77
CA MET A 109 7.46 9.34 5.85
C MET A 109 7.41 9.81 4.40
N ASP A 110 6.31 10.39 3.93
CA ASP A 110 6.27 10.79 2.52
C ASP A 110 7.24 11.93 2.26
N GLY A 111 7.86 11.87 1.07
CA GLY A 111 8.76 12.91 0.60
C GLY A 111 10.14 12.82 1.26
N ALA A 112 10.41 11.77 2.03
CA ALA A 112 11.68 11.59 2.73
C ALA A 112 12.74 11.00 1.80
N VAL A 113 12.63 11.32 0.51
CA VAL A 113 13.46 10.73 -0.54
C VAL A 113 14.88 11.28 -0.51
N LEU A 114 15.79 10.53 -1.14
CA LEU A 114 17.20 10.87 -1.19
C LEU A 114 17.91 10.25 -2.41
N ASP A 115 17.15 9.71 -3.36
CA ASP A 115 17.71 9.11 -4.56
C ASP A 115 16.81 9.30 -5.79
N GLY A 116 15.72 10.04 -5.64
CA GLY A 116 14.78 10.32 -6.72
C GLY A 116 13.43 9.64 -6.49
N ARG A 117 13.33 8.73 -5.52
CA ARG A 117 12.12 7.99 -5.19
C ARG A 117 12.36 7.21 -3.91
N GLU A 118 11.65 7.55 -2.84
CA GLU A 118 11.69 6.74 -1.62
C GLU A 118 10.28 6.41 -1.15
N LEU A 119 9.41 7.43 -0.99
CA LEU A 119 8.04 7.23 -0.54
C LEU A 119 7.04 8.08 -1.28
N ARG A 120 5.80 7.61 -1.29
CA ARG A 120 4.61 8.33 -1.73
C ARG A 120 3.42 7.76 -0.96
N VAL A 121 2.85 8.53 -0.03
CA VAL A 121 1.71 8.07 0.76
C VAL A 121 0.69 9.20 0.93
N GLN A 122 -0.55 8.91 0.54
CA GLN A 122 -1.69 9.82 0.55
C GLN A 122 -2.97 8.98 0.62
N MET A 123 -4.12 9.65 0.63
CA MET A 123 -5.42 9.01 0.73
C MET A 123 -5.80 8.37 -0.61
N ALA A 124 -6.49 7.22 -0.54
CA ALA A 124 -6.92 6.50 -1.73
C ALA A 124 -8.07 7.22 -2.44
N ARG A 125 -8.38 6.77 -3.66
CA ARG A 125 -9.50 7.29 -4.44
C ARG A 125 -10.17 6.18 -5.27
N TYR A 126 -9.62 4.96 -5.21
CA TYR A 126 -10.15 3.82 -5.94
C TYR A 126 -10.31 2.63 -5.01
N GLY A 127 -11.01 1.58 -5.47
CA GLY A 127 -11.33 0.43 -4.62
C GLY A 127 -10.66 -0.85 -5.10
N ARG A 128 -10.77 -1.89 -4.27
CA ARG A 128 -10.19 -3.20 -4.55
C ARG A 128 -10.82 -3.83 -5.79
N PRO A 129 -10.08 -4.69 -6.50
CA PRO A 129 -10.58 -5.34 -7.71
C PRO A 129 -11.70 -6.34 -7.41
N PRO A 130 -12.86 -6.20 -8.06
CA PRO A 130 -13.93 -7.18 -7.98
C PRO A 130 -13.62 -8.39 -8.85
N ASP A 131 -12.74 -8.17 -9.82
CA ASP A 131 -12.24 -9.18 -10.75
C ASP A 131 -10.81 -8.78 -11.11
N SER A 132 -9.96 -9.75 -11.41
CA SER A 132 -8.53 -9.48 -11.58
C SER A 132 -8.27 -8.55 -12.77
N HIS A 133 -8.94 -8.81 -13.90
CA HIS A 133 -8.74 -8.01 -15.11
C HIS A 133 -9.85 -8.27 -16.12
N HIS A 134 -10.89 -9.01 -15.71
CA HIS A 134 -12.00 -9.40 -16.56
C HIS A 134 -12.92 -8.23 -16.90
N SER A 135 -12.62 -7.03 -16.38
CA SER A 135 -13.41 -5.83 -16.61
C SER A 135 -12.53 -4.58 -16.51
N MET A 35 -5.92 -9.68 8.58
CA MET A 35 -6.09 -9.44 7.13
C MET A 35 -5.74 -10.68 6.32
N SER A 36 -6.16 -10.71 5.05
CA SER A 36 -5.91 -11.83 4.17
C SER A 36 -5.71 -11.35 2.73
N TYR A 37 -5.49 -12.30 1.81
CA TYR A 37 -5.16 -12.02 0.41
C TYR A 37 -5.91 -12.99 -0.48
N GLY A 38 -7.14 -13.32 -0.09
CA GLY A 38 -8.02 -14.26 -0.78
C GLY A 38 -9.37 -13.63 -1.05
N ARG A 39 -9.37 -12.38 -1.54
CA ARG A 39 -10.56 -11.59 -1.79
C ARG A 39 -11.52 -11.53 -0.60
N PRO A 40 -11.03 -11.24 0.62
CA PRO A 40 -11.87 -11.17 1.81
C PRO A 40 -12.71 -9.90 1.77
N PRO A 41 -13.84 -9.88 2.50
CA PRO A 41 -14.69 -8.70 2.66
C PRO A 41 -14.05 -7.71 3.62
N PRO A 42 -13.64 -6.54 3.15
CA PRO A 42 -12.99 -5.51 3.94
C PRO A 42 -14.04 -4.57 4.56
N ASP A 43 -13.59 -3.39 5.01
CA ASP A 43 -14.44 -2.38 5.62
C ASP A 43 -14.09 -1.00 5.04
N VAL A 44 -13.61 -0.97 3.80
CA VAL A 44 -13.16 0.23 3.11
C VAL A 44 -14.22 1.33 3.03
N GLU A 45 -15.48 0.99 3.34
CA GLU A 45 -16.60 1.93 3.27
C GLU A 45 -16.79 2.66 4.59
N GLY A 46 -15.90 2.44 5.56
CA GLY A 46 -15.99 3.05 6.87
C GLY A 46 -14.62 3.12 7.55
N MET A 47 -13.53 3.04 6.77
CA MET A 47 -12.19 3.10 7.33
C MET A 47 -11.24 3.92 6.44
N THR A 48 -10.13 4.37 7.01
CA THR A 48 -9.18 5.25 6.34
C THR A 48 -8.18 4.47 5.50
N SER A 49 -8.58 4.15 4.27
CA SER A 49 -7.79 3.42 3.29
C SER A 49 -6.55 4.21 2.88
N LEU A 50 -5.52 4.19 3.71
CA LEU A 50 -4.32 4.99 3.48
C LEU A 50 -3.41 4.33 2.45
N LYS A 51 -3.33 4.87 1.24
CA LYS A 51 -2.54 4.31 0.16
C LYS A 51 -1.07 4.64 0.28
N VAL A 52 -0.20 3.67 -0.05
CA VAL A 52 1.24 3.90 -0.14
C VAL A 52 1.77 3.36 -1.46
N ASP A 53 2.79 4.05 -1.99
CA ASP A 53 3.48 3.68 -3.23
C ASP A 53 4.95 4.14 -3.20
N ASN A 54 5.65 3.94 -4.33
CA ASN A 54 6.98 4.49 -4.60
C ASN A 54 8.13 3.55 -4.23
N LEU A 55 7.88 2.24 -4.24
CA LEU A 55 8.84 1.21 -3.91
C LEU A 55 10.09 1.42 -4.76
N THR A 56 11.23 1.64 -4.10
CA THR A 56 12.48 2.03 -4.73
C THR A 56 12.74 1.23 -6.01
N TYR A 57 12.90 -0.09 -5.85
CA TYR A 57 13.05 -1.13 -6.86
C TYR A 57 13.55 -2.41 -6.21
N ARG A 58 14.14 -2.27 -5.01
CA ARG A 58 14.68 -3.38 -4.23
C ARG A 58 13.87 -3.64 -2.96
N THR A 59 12.83 -2.83 -2.77
CA THR A 59 11.92 -2.95 -1.63
C THR A 59 10.92 -4.08 -1.89
N SER A 60 10.10 -4.42 -0.89
CA SER A 60 9.12 -5.49 -0.99
C SER A 60 7.86 -5.13 -0.20
N PRO A 61 6.73 -5.81 -0.46
CA PRO A 61 5.51 -5.56 0.28
C PRO A 61 5.66 -5.99 1.74
N ASP A 62 6.53 -6.98 2.01
CA ASP A 62 6.79 -7.38 3.37
C ASP A 62 7.54 -6.26 4.10
N THR A 63 8.29 -5.45 3.36
CA THR A 63 9.00 -4.34 3.96
C THR A 63 8.02 -3.21 4.21
N LEU A 64 7.18 -2.90 3.21
CA LEU A 64 6.15 -1.88 3.37
C LEU A 64 5.21 -2.24 4.52
N ARG A 65 5.18 -3.51 4.93
CA ARG A 65 4.33 -3.93 6.03
C ARG A 65 4.97 -3.56 7.36
N ARG A 66 6.19 -4.02 7.64
CA ARG A 66 6.79 -3.79 8.94
C ARG A 66 7.21 -2.33 9.12
N VAL A 67 7.29 -1.59 8.00
CA VAL A 67 7.73 -0.20 8.00
C VAL A 67 6.55 0.75 8.21
N PHE A 68 5.36 0.40 7.72
CA PHE A 68 4.18 1.23 7.92
C PHE A 68 3.27 0.70 9.03
N GLU A 69 3.51 -0.53 9.51
CA GLU A 69 2.73 -1.08 10.61
C GLU A 69 3.13 -0.43 11.94
N LYS A 70 4.35 0.09 12.05
CA LYS A 70 4.84 0.66 13.30
C LYS A 70 4.08 1.94 13.68
N TYR A 71 3.50 2.60 12.68
CA TYR A 71 2.69 3.80 12.91
C TYR A 71 1.35 3.47 13.53
N GLY A 72 0.85 2.25 13.34
CA GLY A 72 -0.40 1.82 13.92
C GLY A 72 -0.79 0.43 13.42
N ARG A 73 -1.44 0.35 12.26
CA ARG A 73 -1.79 -0.91 11.65
C ARG A 73 -2.05 -0.75 10.15
N VAL A 74 -2.12 -1.89 9.46
CA VAL A 74 -2.34 -1.97 8.02
C VAL A 74 -3.43 -3.00 7.78
N GLY A 75 -4.23 -2.80 6.75
CA GLY A 75 -5.31 -3.71 6.41
C GLY A 75 -5.00 -4.45 5.11
N ASP A 76 -4.07 -3.92 4.32
CA ASP A 76 -3.61 -4.57 3.10
C ASP A 76 -2.28 -3.99 2.64
N VAL A 77 -1.48 -4.82 1.99
CA VAL A 77 -0.19 -4.45 1.43
C VAL A 77 0.26 -5.55 0.48
N TYR A 78 0.17 -5.30 -0.83
CA TYR A 78 0.66 -6.26 -1.80
C TYR A 78 1.05 -5.60 -3.12
N ILE A 79 1.60 -6.40 -4.03
CA ILE A 79 2.12 -5.94 -5.31
C ILE A 79 1.47 -6.76 -6.42
N PRO A 80 0.56 -6.15 -7.19
CA PRO A 80 -0.19 -6.83 -8.23
C PRO A 80 0.64 -7.10 -9.49
N ARG A 81 1.82 -6.47 -9.60
CA ARG A 81 2.67 -6.52 -10.78
C ARG A 81 1.85 -6.60 -12.06
N ASP A 82 1.84 -7.77 -12.69
CA ASP A 82 1.08 -8.05 -13.91
C ASP A 82 0.48 -9.43 -13.86
N ARG A 83 0.51 -10.04 -12.66
CA ARG A 83 -0.13 -11.31 -12.34
C ARG A 83 0.31 -12.51 -13.19
N TYR A 84 1.02 -12.31 -14.31
CA TYR A 84 1.54 -13.42 -15.11
C TYR A 84 2.86 -13.07 -15.83
N THR A 85 3.37 -11.84 -15.69
CA THR A 85 4.69 -11.49 -16.20
C THR A 85 5.59 -11.00 -15.07
N LYS A 86 4.96 -10.58 -13.97
CA LYS A 86 5.62 -10.19 -12.73
C LYS A 86 6.74 -9.17 -12.93
N GLU A 87 6.75 -8.43 -14.04
CA GLU A 87 7.78 -7.43 -14.32
C GLU A 87 7.69 -6.21 -13.39
N SER A 88 6.70 -6.21 -12.48
CA SER A 88 6.49 -5.16 -11.49
C SER A 88 6.22 -3.79 -12.11
N ARG A 89 5.88 -2.80 -11.26
CA ARG A 89 5.49 -1.47 -11.69
C ARG A 89 6.08 -0.38 -10.79
N GLY A 90 6.82 -0.75 -9.76
CA GLY A 90 7.54 0.22 -8.94
C GLY A 90 6.75 0.69 -7.72
N PHE A 91 5.71 -0.04 -7.30
CA PHE A 91 4.93 0.33 -6.13
C PHE A 91 4.32 -0.89 -5.47
N ALA A 92 3.78 -0.69 -4.27
CA ALA A 92 3.09 -1.71 -3.49
C ALA A 92 1.94 -1.02 -2.78
N PHE A 93 0.72 -1.26 -3.25
CA PHE A 93 -0.44 -0.54 -2.75
C PHE A 93 -0.72 -1.03 -1.34
N VAL A 94 -0.48 -0.16 -0.36
CA VAL A 94 -0.81 -0.45 1.04
C VAL A 94 -2.11 0.26 1.37
N ARG A 95 -2.82 -0.19 2.41
CA ARG A 95 -4.02 0.48 2.88
C ARG A 95 -4.09 0.40 4.41
N PHE A 96 -4.23 1.55 5.08
CA PHE A 96 -4.49 1.58 6.52
C PHE A 96 -6.00 1.62 6.73
N HIS A 97 -6.43 1.67 7.99
CA HIS A 97 -7.84 1.75 8.36
C HIS A 97 -8.11 2.78 9.45
N ASP A 98 -7.12 3.09 10.27
CA ASP A 98 -7.26 4.10 11.31
C ASP A 98 -6.81 5.46 10.78
N LYS A 99 -7.65 6.48 10.94
CA LYS A 99 -7.35 7.81 10.45
C LYS A 99 -6.11 8.37 11.12
N ARG A 100 -6.04 8.34 12.46
CA ARG A 100 -4.97 9.01 13.19
C ARG A 100 -3.57 8.54 12.79
N ASP A 101 -3.41 7.26 12.45
CA ASP A 101 -2.08 6.77 12.08
C ASP A 101 -1.90 6.69 10.57
N ALA A 102 -2.99 6.84 9.81
CA ALA A 102 -2.91 6.99 8.37
C ALA A 102 -2.36 8.39 8.06
N GLU A 103 -2.89 9.42 8.73
CA GLU A 103 -2.44 10.78 8.50
C GLU A 103 -1.10 11.04 9.18
N ASP A 104 -0.75 10.29 10.23
CA ASP A 104 0.57 10.45 10.83
C ASP A 104 1.64 9.82 9.95
N ALA A 105 1.36 8.65 9.37
CA ALA A 105 2.35 7.96 8.55
C ALA A 105 2.71 8.76 7.31
N MET A 106 1.75 9.53 6.76
CA MET A 106 2.07 10.35 5.60
C MET A 106 2.83 11.59 6.05
N ASP A 107 2.41 12.16 7.17
CA ASP A 107 3.01 13.36 7.73
C ASP A 107 4.34 13.06 8.42
N ALA A 108 4.81 11.80 8.40
CA ALA A 108 6.02 11.43 9.10
C ALA A 108 6.99 10.62 8.24
N MET A 109 6.58 10.18 7.04
CA MET A 109 7.49 9.39 6.23
C MET A 109 7.39 9.59 4.72
N ASP A 110 6.36 10.26 4.19
CA ASP A 110 6.36 10.53 2.75
C ASP A 110 7.62 11.32 2.38
N GLY A 111 8.32 10.85 1.35
CA GLY A 111 9.49 11.53 0.81
C GLY A 111 10.73 11.43 1.70
N ALA A 112 10.89 10.33 2.46
CA ALA A 112 12.07 10.16 3.31
C ALA A 112 13.25 9.65 2.49
N VAL A 113 13.37 10.16 1.26
CA VAL A 113 14.27 9.66 0.24
C VAL A 113 15.75 9.92 0.53
N LEU A 114 16.59 9.16 -0.18
CA LEU A 114 18.04 9.25 -0.05
C LEU A 114 18.76 8.71 -1.30
N ASP A 115 18.05 8.41 -2.39
CA ASP A 115 18.68 7.88 -3.59
C ASP A 115 17.97 8.27 -4.89
N GLY A 116 16.90 9.07 -4.81
CA GLY A 116 16.17 9.52 -5.99
C GLY A 116 14.65 9.43 -5.82
N ARG A 117 14.22 8.57 -4.91
CA ARG A 117 12.82 8.34 -4.53
C ARG A 117 12.80 7.18 -3.54
N GLU A 118 12.05 7.31 -2.44
CA GLU A 118 11.94 6.24 -1.47
C GLU A 118 10.48 5.97 -1.09
N LEU A 119 9.66 7.03 -1.01
CA LEU A 119 8.28 6.92 -0.56
C LEU A 119 7.38 8.00 -1.15
N ARG A 120 6.09 7.65 -1.28
CA ARG A 120 4.99 8.56 -1.57
C ARG A 120 3.75 7.94 -0.96
N VAL A 121 3.07 8.67 -0.07
CA VAL A 121 1.91 8.16 0.64
C VAL A 121 0.84 9.24 0.79
N GLN A 122 -0.42 8.84 0.57
CA GLN A 122 -1.59 9.69 0.61
C GLN A 122 -2.86 8.84 0.66
N MET A 123 -4.01 9.49 0.88
CA MET A 123 -5.28 8.82 0.99
C MET A 123 -5.72 8.27 -0.37
N ALA A 124 -6.32 7.08 -0.36
CA ALA A 124 -6.87 6.48 -1.57
C ALA A 124 -8.12 7.26 -2.03
N ARG A 125 -8.48 7.13 -3.30
CA ARG A 125 -9.69 7.71 -3.87
C ARG A 125 -10.22 6.80 -4.98
N TYR A 126 -9.79 5.54 -4.94
CA TYR A 126 -10.09 4.54 -5.95
C TYR A 126 -10.19 3.19 -5.23
N GLY A 127 -10.97 2.25 -5.75
CA GLY A 127 -11.31 1.03 -5.04
C GLY A 127 -10.60 -0.22 -5.57
N ARG A 128 -10.90 -1.37 -4.93
CA ARG A 128 -10.29 -2.66 -5.27
C ARG A 128 -10.65 -3.06 -6.71
N PRO A 129 -9.83 -3.93 -7.33
CA PRO A 129 -10.05 -4.45 -8.66
C PRO A 129 -11.50 -4.86 -8.94
N PRO A 130 -12.19 -4.18 -9.86
CA PRO A 130 -13.48 -4.63 -10.38
C PRO A 130 -13.25 -5.74 -11.40
N ASP A 131 -12.04 -5.74 -11.98
CA ASP A 131 -11.56 -6.74 -12.92
C ASP A 131 -10.03 -6.70 -12.86
N SER A 132 -9.35 -7.75 -13.33
CA SER A 132 -7.90 -7.80 -13.21
C SER A 132 -7.19 -6.79 -14.10
N HIS A 133 -7.62 -6.62 -15.36
CA HIS A 133 -6.90 -5.74 -16.27
C HIS A 133 -7.67 -5.48 -17.57
N HIS A 134 -9.00 -5.70 -17.58
CA HIS A 134 -9.80 -5.57 -18.80
C HIS A 134 -11.04 -4.72 -18.59
N SER A 135 -11.17 -4.09 -17.41
CA SER A 135 -12.27 -3.18 -17.11
C SER A 135 -11.83 -2.14 -16.09
N MET A 35 -4.47 -20.12 1.19
CA MET A 35 -3.76 -19.21 0.29
C MET A 35 -3.70 -17.81 0.88
N SER A 36 -2.49 -17.32 1.19
CA SER A 36 -2.29 -15.99 1.73
C SER A 36 -2.80 -14.93 0.76
N TYR A 37 -3.33 -13.82 1.31
CA TYR A 37 -3.91 -12.73 0.54
C TYR A 37 -4.88 -13.20 -0.54
N GLY A 38 -5.44 -14.41 -0.38
CA GLY A 38 -6.37 -15.00 -1.32
C GLY A 38 -7.76 -14.46 -1.05
N ARG A 39 -7.99 -13.27 -1.58
CA ARG A 39 -9.27 -12.56 -1.59
C ARG A 39 -10.01 -12.57 -0.25
N PRO A 40 -9.33 -12.30 0.87
CA PRO A 40 -9.97 -12.27 2.18
C PRO A 40 -10.90 -11.06 2.28
N PRO A 41 -11.94 -11.11 3.12
CA PRO A 41 -12.88 -10.03 3.31
C PRO A 41 -12.25 -8.89 4.11
N PRO A 42 -12.12 -7.71 3.51
CA PRO A 42 -11.58 -6.52 4.15
C PRO A 42 -12.66 -5.83 4.98
N ASP A 43 -12.37 -4.62 5.47
CA ASP A 43 -13.28 -3.80 6.25
C ASP A 43 -13.34 -2.38 5.69
N VAL A 44 -12.95 -2.23 4.41
CA VAL A 44 -12.91 -0.96 3.68
C VAL A 44 -14.28 -0.28 3.64
N GLU A 45 -15.34 -1.00 4.01
CA GLU A 45 -16.70 -0.49 4.03
C GLU A 45 -16.91 0.60 5.10
N GLY A 46 -15.87 0.96 5.86
CA GLY A 46 -16.00 1.93 6.93
C GLY A 46 -14.68 2.41 7.52
N MET A 47 -13.60 2.45 6.74
CA MET A 47 -12.31 2.91 7.26
C MET A 47 -11.55 3.75 6.24
N THR A 48 -10.50 4.43 6.73
CA THR A 48 -9.77 5.49 6.02
C THR A 48 -9.13 5.08 4.70
N SER A 49 -8.78 3.81 4.51
CA SER A 49 -8.14 3.32 3.29
C SER A 49 -7.04 4.25 2.77
N LEU A 50 -6.00 4.50 3.57
CA LEU A 50 -4.82 5.23 3.06
C LEU A 50 -4.16 4.37 1.99
N LYS A 51 -3.24 4.93 1.21
CA LYS A 51 -2.40 4.12 0.34
C LYS A 51 -0.93 4.56 0.38
N VAL A 52 -0.03 3.64 0.02
CA VAL A 52 1.41 3.93 -0.10
C VAL A 52 1.91 3.40 -1.44
N ASP A 53 2.88 4.09 -2.02
CA ASP A 53 3.53 3.72 -3.28
C ASP A 53 5.01 4.14 -3.26
N ASN A 54 5.71 3.94 -4.39
CA ASN A 54 7.05 4.48 -4.67
C ASN A 54 8.17 3.53 -4.30
N LEU A 55 7.89 2.22 -4.28
CA LEU A 55 8.86 1.20 -3.90
C LEU A 55 10.06 1.30 -4.83
N THR A 56 11.25 1.33 -4.24
CA THR A 56 12.49 1.34 -5.00
C THR A 56 12.84 -0.11 -5.39
N TYR A 57 13.84 -0.29 -6.25
CA TYR A 57 14.28 -1.61 -6.72
C TYR A 57 14.84 -2.50 -5.62
N ARG A 58 14.71 -2.09 -4.36
CA ARG A 58 15.29 -2.75 -3.20
C ARG A 58 14.29 -2.89 -2.04
N THR A 59 12.99 -2.77 -2.36
CA THR A 59 11.93 -2.83 -1.37
C THR A 59 10.88 -3.88 -1.77
N SER A 60 10.02 -4.26 -0.82
CA SER A 60 9.04 -5.32 -1.01
C SER A 60 7.79 -5.06 -0.16
N PRO A 61 6.67 -5.75 -0.41
CA PRO A 61 5.44 -5.54 0.34
C PRO A 61 5.57 -6.06 1.77
N ASP A 62 6.43 -7.05 2.00
CA ASP A 62 6.63 -7.55 3.36
C ASP A 62 7.35 -6.48 4.19
N THR A 63 8.27 -5.76 3.56
CA THR A 63 8.96 -4.68 4.25
C THR A 63 7.99 -3.52 4.44
N LEU A 64 7.22 -3.19 3.41
CA LEU A 64 6.25 -2.11 3.49
C LEU A 64 5.25 -2.36 4.62
N ARG A 65 5.10 -3.61 5.06
CA ARG A 65 4.17 -3.94 6.12
C ARG A 65 4.85 -3.70 7.46
N ARG A 66 6.02 -4.29 7.67
CA ARG A 66 6.76 -4.19 8.93
C ARG A 66 7.28 -2.77 9.17
N VAL A 67 7.21 -1.91 8.14
CA VAL A 67 7.69 -0.54 8.20
C VAL A 67 6.56 0.45 8.45
N PHE A 68 5.35 0.16 7.95
CA PHE A 68 4.20 1.04 8.15
C PHE A 68 3.27 0.55 9.26
N GLU A 69 3.47 -0.68 9.76
CA GLU A 69 2.66 -1.20 10.85
C GLU A 69 3.00 -0.49 12.17
N LYS A 70 4.23 -0.01 12.31
CA LYS A 70 4.68 0.59 13.57
C LYS A 70 3.98 1.91 13.87
N TYR A 71 3.48 2.58 12.83
CA TYR A 71 2.74 3.83 12.99
C TYR A 71 1.35 3.57 13.59
N GLY A 72 0.88 2.33 13.52
CA GLY A 72 -0.38 1.94 14.16
C GLY A 72 -0.78 0.54 13.71
N ARG A 73 -1.30 0.44 12.48
CA ARG A 73 -1.62 -0.83 11.86
C ARG A 73 -1.83 -0.67 10.36
N VAL A 74 -1.72 -1.77 9.63
CA VAL A 74 -1.87 -1.82 8.18
C VAL A 74 -2.81 -2.98 7.87
N GLY A 75 -3.85 -2.70 7.09
CA GLY A 75 -4.83 -3.71 6.74
C GLY A 75 -4.32 -4.62 5.63
N ASP A 76 -3.46 -4.08 4.77
CA ASP A 76 -2.93 -4.87 3.67
C ASP A 76 -1.77 -4.20 2.97
N VAL A 77 -0.99 -5.04 2.27
CA VAL A 77 0.06 -4.66 1.35
C VAL A 77 -0.15 -5.48 0.08
N TYR A 78 0.06 -4.87 -1.08
CA TYR A 78 -0.20 -5.58 -2.31
C TYR A 78 0.59 -4.97 -3.47
N ILE A 79 0.94 -5.83 -4.44
CA ILE A 79 1.67 -5.45 -5.64
C ILE A 79 1.03 -6.15 -6.84
N PRO A 80 0.78 -5.41 -7.94
CA PRO A 80 0.27 -5.97 -9.17
C PRO A 80 1.09 -7.17 -9.63
N ARG A 81 0.46 -8.04 -10.44
CA ARG A 81 1.10 -9.24 -10.96
C ARG A 81 0.68 -9.44 -12.41
N ASP A 82 0.01 -8.44 -12.98
CA ASP A 82 -0.57 -8.48 -14.31
C ASP A 82 -1.31 -9.77 -14.61
N ARG A 83 -1.65 -10.51 -13.54
CA ARG A 83 -2.32 -11.80 -13.48
C ARG A 83 -1.91 -12.85 -14.53
N TYR A 84 -0.86 -12.57 -15.33
CA TYR A 84 -0.27 -13.52 -16.27
C TYR A 84 1.13 -13.11 -16.73
N THR A 85 1.53 -11.83 -16.61
CA THR A 85 2.89 -11.42 -17.00
C THR A 85 3.80 -11.37 -15.78
N LYS A 86 3.19 -11.23 -14.58
CA LYS A 86 3.86 -11.17 -13.29
C LYS A 86 5.13 -10.30 -13.29
N GLU A 87 5.14 -9.26 -14.12
CA GLU A 87 6.20 -8.27 -14.14
C GLU A 87 6.07 -7.37 -12.91
N SER A 88 6.68 -6.19 -12.96
CA SER A 88 6.69 -5.25 -11.86
C SER A 88 6.41 -3.84 -12.38
N ARG A 89 6.14 -2.89 -11.49
CA ARG A 89 5.71 -1.56 -11.89
C ARG A 89 6.22 -0.45 -10.95
N GLY A 90 6.98 -0.81 -9.90
CA GLY A 90 7.68 0.17 -9.09
C GLY A 90 6.90 0.67 -7.87
N PHE A 91 5.88 -0.07 -7.41
CA PHE A 91 5.14 0.35 -6.23
C PHE A 91 4.49 -0.85 -5.53
N ALA A 92 3.98 -0.60 -4.33
CA ALA A 92 3.26 -1.58 -3.53
C ALA A 92 2.10 -0.88 -2.83
N PHE A 93 0.93 -0.90 -3.46
CA PHE A 93 -0.26 -0.27 -2.91
C PHE A 93 -0.58 -0.95 -1.58
N VAL A 94 -0.25 -0.29 -0.47
CA VAL A 94 -0.66 -0.80 0.85
C VAL A 94 -1.87 0.01 1.29
N ARG A 95 -2.55 -0.42 2.34
CA ARG A 95 -3.73 0.31 2.81
C ARG A 95 -3.84 0.34 4.34
N PHE A 96 -4.23 1.50 4.88
CA PHE A 96 -4.44 1.68 6.33
C PHE A 96 -5.92 1.81 6.65
N HIS A 97 -6.25 1.69 7.93
CA HIS A 97 -7.63 1.79 8.41
C HIS A 97 -7.80 2.85 9.49
N ASP A 98 -6.80 3.06 10.34
CA ASP A 98 -6.85 4.09 11.35
C ASP A 98 -6.63 5.45 10.72
N LYS A 99 -7.59 6.36 10.88
CA LYS A 99 -7.47 7.71 10.33
C LYS A 99 -6.26 8.42 10.92
N ARG A 100 -6.14 8.42 12.24
CA ARG A 100 -5.06 9.14 12.91
C ARG A 100 -3.68 8.58 12.59
N ASP A 101 -3.59 7.27 12.30
CA ASP A 101 -2.31 6.66 12.02
C ASP A 101 -2.00 6.72 10.53
N ALA A 102 -3.00 7.01 9.70
CA ALA A 102 -2.81 7.12 8.27
C ALA A 102 -2.23 8.49 7.94
N GLU A 103 -2.70 9.53 8.63
CA GLU A 103 -2.18 10.87 8.44
C GLU A 103 -0.83 11.02 9.15
N ASP A 104 -0.58 10.24 10.20
CA ASP A 104 0.71 10.30 10.88
C ASP A 104 1.80 9.65 10.03
N ALA A 105 1.55 8.45 9.49
CA ALA A 105 2.53 7.76 8.66
C ALA A 105 2.84 8.57 7.40
N MET A 106 1.84 9.30 6.90
CA MET A 106 2.00 10.15 5.74
C MET A 106 2.78 11.41 6.13
N ASP A 107 2.49 11.98 7.29
CA ASP A 107 3.15 13.20 7.73
C ASP A 107 4.52 12.88 8.36
N ALA A 108 4.93 11.61 8.37
CA ALA A 108 6.16 11.20 9.03
C ALA A 108 7.06 10.37 8.12
N MET A 109 6.61 10.02 6.92
CA MET A 109 7.45 9.26 6.01
C MET A 109 7.35 9.67 4.54
N ASP A 110 6.21 10.22 4.09
CA ASP A 110 6.13 10.63 2.70
C ASP A 110 7.16 11.72 2.41
N GLY A 111 7.87 11.57 1.28
CA GLY A 111 8.84 12.55 0.83
C GLY A 111 10.16 12.48 1.63
N ALA A 112 10.33 11.45 2.47
CA ALA A 112 11.53 11.30 3.28
C ALA A 112 12.66 10.65 2.48
N VAL A 113 12.69 10.94 1.18
CA VAL A 113 13.60 10.31 0.24
C VAL A 113 15.05 10.72 0.46
N LEU A 114 15.98 9.97 -0.17
CA LEU A 114 17.39 10.29 -0.09
C LEU A 114 18.20 9.75 -1.29
N ASP A 115 17.53 9.18 -2.30
CA ASP A 115 18.22 8.56 -3.42
C ASP A 115 17.50 8.74 -4.75
N GLY A 116 16.40 9.51 -4.77
CA GLY A 116 15.65 9.78 -6.00
C GLY A 116 14.17 9.45 -5.83
N ARG A 117 13.84 8.62 -4.83
CA ARG A 117 12.50 8.23 -4.45
C ARG A 117 12.62 7.36 -3.20
N GLU A 118 11.68 7.48 -2.27
CA GLU A 118 11.59 6.52 -1.17
C GLU A 118 10.13 6.23 -0.85
N LEU A 119 9.31 7.29 -0.74
CA LEU A 119 7.89 7.16 -0.38
C LEU A 119 7.02 8.12 -1.17
N ARG A 120 5.76 7.71 -1.34
CA ARG A 120 4.65 8.53 -1.83
C ARG A 120 3.40 7.98 -1.14
N VAL A 121 2.84 8.75 -0.20
CA VAL A 121 1.72 8.30 0.63
C VAL A 121 0.65 9.36 0.73
N GLN A 122 -0.59 8.98 0.42
CA GLN A 122 -1.76 9.85 0.50
C GLN A 122 -3.00 8.98 0.60
N MET A 123 -4.13 9.64 0.82
CA MET A 123 -5.43 9.00 0.96
C MET A 123 -5.88 8.45 -0.40
N ALA A 124 -6.58 7.32 -0.38
CA ALA A 124 -7.08 6.68 -1.59
C ALA A 124 -8.20 7.49 -2.22
N ARG A 125 -8.53 7.16 -3.48
CA ARG A 125 -9.64 7.75 -4.21
C ARG A 125 -10.39 6.65 -4.96
N TYR A 126 -9.93 5.40 -4.83
CA TYR A 126 -10.56 4.25 -5.45
C TYR A 126 -10.54 3.08 -4.47
N GLY A 127 -11.45 2.13 -4.63
CA GLY A 127 -11.57 1.00 -3.69
C GLY A 127 -11.30 -0.34 -4.38
N ARG A 128 -11.35 -0.36 -5.71
CA ARG A 128 -11.06 -1.55 -6.51
C ARG A 128 -10.98 -1.13 -7.97
N PRO A 129 -10.03 -1.67 -8.77
CA PRO A 129 -10.02 -1.45 -10.20
C PRO A 129 -11.32 -1.98 -10.80
N PRO A 130 -12.12 -1.12 -11.45
CA PRO A 130 -13.42 -1.49 -11.96
C PRO A 130 -13.35 -2.34 -13.22
N ASP A 131 -12.30 -2.16 -14.03
CA ASP A 131 -12.12 -2.95 -15.23
C ASP A 131 -10.65 -3.06 -15.64
N SER A 132 -10.01 -4.14 -15.18
CA SER A 132 -8.62 -4.44 -15.53
C SER A 132 -8.37 -5.94 -15.61
N HIS A 133 -9.32 -6.77 -15.20
CA HIS A 133 -9.11 -8.21 -15.06
C HIS A 133 -10.40 -9.00 -15.31
N HIS A 134 -11.44 -8.34 -15.82
CA HIS A 134 -12.74 -8.96 -16.06
C HIS A 134 -13.41 -8.40 -17.31
N SER A 135 -12.67 -7.61 -18.09
CA SER A 135 -13.18 -6.95 -19.30
C SER A 135 -12.07 -6.85 -20.34
N MET A 35 -2.82 -18.09 -3.88
CA MET A 35 -2.86 -18.05 -2.42
C MET A 35 -2.53 -16.65 -1.91
N SER A 36 -3.58 -15.87 -1.60
CA SER A 36 -3.46 -14.49 -1.14
C SER A 36 -4.58 -14.17 -0.16
N TYR A 37 -4.81 -12.86 0.05
CA TYR A 37 -5.82 -12.35 0.97
C TYR A 37 -7.19 -13.01 0.78
N GLY A 38 -7.52 -13.43 -0.45
CA GLY A 38 -8.76 -14.16 -0.69
C GLY A 38 -9.96 -13.23 -0.92
N ARG A 39 -9.74 -12.10 -1.61
CA ARG A 39 -10.76 -11.09 -1.93
C ARG A 39 -11.76 -10.84 -0.80
N PRO A 40 -11.30 -10.60 0.44
CA PRO A 40 -12.17 -10.42 1.58
C PRO A 40 -12.90 -9.08 1.49
N PRO A 41 -14.03 -8.93 2.19
CA PRO A 41 -14.76 -7.67 2.28
C PRO A 41 -14.04 -6.72 3.23
N PRO A 42 -13.58 -5.56 2.72
CA PRO A 42 -12.93 -4.53 3.50
C PRO A 42 -13.97 -3.66 4.21
N ASP A 43 -13.51 -2.54 4.80
CA ASP A 43 -14.37 -1.59 5.48
C ASP A 43 -14.03 -0.17 5.02
N VAL A 44 -13.49 -0.07 3.80
CA VAL A 44 -13.07 1.18 3.16
C VAL A 44 -14.21 2.19 3.01
N GLU A 45 -15.43 1.80 3.38
CA GLU A 45 -16.61 2.66 3.28
C GLU A 45 -16.93 3.29 4.64
N GLY A 46 -16.07 3.07 5.63
CA GLY A 46 -16.25 3.58 6.97
C GLY A 46 -14.92 3.71 7.71
N MET A 47 -13.80 3.70 6.97
CA MET A 47 -12.48 3.82 7.58
C MET A 47 -11.54 4.64 6.70
N THR A 48 -10.42 5.09 7.27
CA THR A 48 -9.45 5.90 6.54
C THR A 48 -8.55 5.03 5.68
N SER A 49 -9.02 4.71 4.48
CA SER A 49 -8.26 3.95 3.50
C SER A 49 -7.11 4.82 3.01
N LEU A 50 -5.92 4.63 3.58
CA LEU A 50 -4.76 5.46 3.25
C LEU A 50 -3.68 4.62 2.60
N LYS A 51 -3.26 5.04 1.41
CA LYS A 51 -2.43 4.26 0.49
C LYS A 51 -0.97 4.68 0.46
N VAL A 52 -0.11 3.68 0.24
CA VAL A 52 1.34 3.92 0.07
C VAL A 52 1.81 3.33 -1.25
N ASP A 53 2.79 4.00 -1.87
CA ASP A 53 3.42 3.59 -3.12
C ASP A 53 4.87 4.09 -3.19
N ASN A 54 5.51 3.93 -4.35
CA ASN A 54 6.83 4.49 -4.67
C ASN A 54 7.99 3.64 -4.13
N LEU A 55 7.83 2.32 -4.17
CA LEU A 55 8.86 1.35 -3.79
C LEU A 55 10.04 1.49 -4.74
N THR A 56 11.10 0.74 -4.46
CA THR A 56 12.32 0.73 -5.24
C THR A 56 12.69 -0.71 -5.60
N TYR A 57 13.64 -0.89 -6.52
CA TYR A 57 14.14 -2.20 -6.91
C TYR A 57 14.88 -2.90 -5.75
N ARG A 58 14.86 -2.30 -4.57
CA ARG A 58 15.54 -2.80 -3.37
C ARG A 58 14.57 -2.83 -2.19
N THR A 59 13.26 -2.80 -2.49
CA THR A 59 12.19 -2.83 -1.49
C THR A 59 11.19 -3.91 -1.87
N SER A 60 10.33 -4.32 -0.92
CA SER A 60 9.40 -5.42 -1.10
C SER A 60 8.14 -5.18 -0.28
N PRO A 61 7.03 -5.89 -0.54
CA PRO A 61 5.80 -5.70 0.19
C PRO A 61 5.93 -6.16 1.64
N ASP A 62 6.80 -7.13 1.93
CA ASP A 62 6.98 -7.57 3.30
C ASP A 62 7.64 -6.47 4.11
N THR A 63 8.49 -5.67 3.47
CA THR A 63 9.14 -4.57 4.15
C THR A 63 8.13 -3.45 4.35
N LEU A 64 7.32 -3.15 3.33
CA LEU A 64 6.33 -2.10 3.44
C LEU A 64 5.34 -2.40 4.55
N ARG A 65 5.22 -3.68 4.95
CA ARG A 65 4.33 -4.05 6.02
C ARG A 65 4.98 -3.72 7.35
N ARG A 66 6.18 -4.25 7.59
CA ARG A 66 6.88 -4.10 8.86
C ARG A 66 7.39 -2.67 9.06
N VAL A 67 7.29 -1.82 8.03
CA VAL A 67 7.75 -0.43 8.09
C VAL A 67 6.59 0.54 8.32
N PHE A 68 5.39 0.23 7.81
CA PHE A 68 4.23 1.07 8.02
C PHE A 68 3.30 0.51 9.10
N GLU A 69 3.56 -0.72 9.55
CA GLU A 69 2.78 -1.32 10.63
C GLU A 69 3.12 -0.69 11.98
N LYS A 70 4.36 -0.19 12.15
CA LYS A 70 4.78 0.38 13.42
C LYS A 70 4.04 1.66 13.77
N TYR A 71 3.49 2.33 12.75
CA TYR A 71 2.70 3.53 12.95
C TYR A 71 1.34 3.21 13.57
N GLY A 72 0.89 1.95 13.45
CA GLY A 72 -0.34 1.52 14.08
C GLY A 72 -0.79 0.15 13.57
N ARG A 73 -1.45 0.13 12.41
CA ARG A 73 -1.88 -1.10 11.76
C ARG A 73 -2.15 -0.84 10.27
N VAL A 74 -2.15 -1.92 9.49
CA VAL A 74 -2.37 -1.85 8.05
C VAL A 74 -3.30 -2.99 7.66
N GLY A 75 -4.19 -2.77 6.70
CA GLY A 75 -5.15 -3.78 6.28
C GLY A 75 -4.75 -4.43 4.96
N ASP A 76 -3.83 -3.81 4.22
CA ASP A 76 -3.35 -4.38 2.97
C ASP A 76 -1.94 -3.88 2.66
N VAL A 77 -1.09 -4.74 2.10
CA VAL A 77 0.25 -4.41 1.62
C VAL A 77 0.61 -5.41 0.52
N TYR A 78 0.41 -5.07 -0.76
CA TYR A 78 0.79 -6.00 -1.81
C TYR A 78 1.17 -5.35 -3.14
N ILE A 79 1.84 -6.14 -3.98
CA ILE A 79 2.31 -5.73 -5.31
C ILE A 79 1.21 -6.07 -6.31
N PRO A 80 0.55 -5.04 -6.86
CA PRO A 80 -0.69 -5.21 -7.63
C PRO A 80 -0.50 -5.77 -9.03
N ARG A 81 0.52 -5.32 -9.78
CA ARG A 81 0.69 -5.77 -11.15
C ARG A 81 1.41 -7.12 -11.18
N ASP A 82 1.37 -7.79 -12.33
CA ASP A 82 2.07 -9.05 -12.52
C ASP A 82 1.77 -10.06 -11.43
N ARG A 83 0.48 -10.20 -11.08
CA ARG A 83 -0.02 -11.03 -9.99
C ARG A 83 0.42 -12.51 -10.04
N TYR A 84 1.13 -12.93 -11.09
CA TYR A 84 1.62 -14.31 -11.23
C TYR A 84 2.96 -14.38 -11.97
N THR A 85 3.59 -13.23 -12.26
CA THR A 85 4.90 -13.20 -12.89
C THR A 85 5.89 -12.37 -12.08
N LYS A 86 5.38 -11.57 -11.13
CA LYS A 86 6.11 -10.70 -10.21
C LYS A 86 7.29 -9.97 -10.87
N GLU A 87 7.23 -9.71 -12.17
CA GLU A 87 8.29 -9.02 -12.91
C GLU A 87 8.27 -7.51 -12.66
N SER A 88 7.47 -7.04 -11.69
CA SER A 88 7.40 -5.63 -11.33
C SER A 88 7.35 -5.48 -9.81
N ARG A 89 7.70 -4.28 -9.34
CA ARG A 89 7.88 -3.97 -7.92
C ARG A 89 8.05 -2.48 -7.68
N GLY A 90 7.74 -1.63 -8.66
CA GLY A 90 7.97 -0.19 -8.57
C GLY A 90 7.09 0.47 -7.49
N PHE A 91 6.10 -0.27 -6.98
CA PHE A 91 5.23 0.18 -5.90
C PHE A 91 4.59 -1.02 -5.23
N ALA A 92 3.97 -0.76 -4.07
CA ALA A 92 3.29 -1.78 -3.30
C ALA A 92 2.11 -1.11 -2.62
N PHE A 93 0.93 -1.20 -3.24
CA PHE A 93 -0.24 -0.52 -2.73
C PHE A 93 -0.56 -1.10 -1.36
N VAL A 94 -0.58 -0.24 -0.34
CA VAL A 94 -0.97 -0.64 1.00
C VAL A 94 -2.18 0.18 1.40
N ARG A 95 -2.88 -0.21 2.47
CA ARG A 95 -3.99 0.57 2.98
C ARG A 95 -4.09 0.53 4.50
N PHE A 96 -4.22 1.69 5.13
CA PHE A 96 -4.50 1.84 6.55
C PHE A 96 -6.00 1.95 6.76
N HIS A 97 -6.43 1.94 8.03
CA HIS A 97 -7.83 2.04 8.41
C HIS A 97 -8.10 3.14 9.41
N ASP A 98 -7.17 3.41 10.31
CA ASP A 98 -7.33 4.42 11.33
C ASP A 98 -6.85 5.77 10.80
N LYS A 99 -7.65 6.83 11.00
CA LYS A 99 -7.29 8.16 10.54
C LYS A 99 -5.98 8.61 11.16
N ARG A 100 -5.86 8.56 12.48
CA ARG A 100 -4.68 9.09 13.15
C ARG A 100 -3.40 8.34 12.75
N ASP A 101 -3.52 7.07 12.39
CA ASP A 101 -2.36 6.29 11.96
C ASP A 101 -2.10 6.49 10.46
N ALA A 102 -3.12 6.91 9.72
CA ALA A 102 -3.03 7.14 8.29
C ALA A 102 -2.39 8.49 8.02
N GLU A 103 -2.82 9.54 8.72
CA GLU A 103 -2.25 10.85 8.52
C GLU A 103 -0.89 10.99 9.19
N ASP A 104 -0.60 10.19 10.23
CA ASP A 104 0.69 10.28 10.89
C ASP A 104 1.77 9.63 10.03
N ALA A 105 1.50 8.44 9.49
CA ALA A 105 2.47 7.75 8.64
C ALA A 105 2.74 8.54 7.37
N MET A 106 1.73 9.28 6.91
CA MET A 106 1.87 10.14 5.75
C MET A 106 2.64 11.40 6.10
N ASP A 107 2.34 12.01 7.25
CA ASP A 107 3.02 13.23 7.66
C ASP A 107 4.40 12.94 8.22
N ALA A 108 4.81 11.66 8.27
CA ALA A 108 6.07 11.26 8.87
C ALA A 108 6.95 10.41 7.95
N MET A 109 6.45 10.01 6.77
CA MET A 109 7.28 9.25 5.85
C MET A 109 7.18 9.68 4.38
N ASP A 110 6.07 10.25 3.92
CA ASP A 110 6.03 10.72 2.54
C ASP A 110 7.09 11.82 2.38
N GLY A 111 7.82 11.77 1.27
CA GLY A 111 8.82 12.79 0.97
C GLY A 111 10.07 12.63 1.84
N ALA A 112 10.40 11.39 2.21
CA ALA A 112 11.56 11.10 3.05
C ALA A 112 12.33 9.97 2.38
N VAL A 113 12.95 10.31 1.24
CA VAL A 113 13.54 9.38 0.28
C VAL A 113 14.38 8.26 0.83
N LEU A 114 14.64 7.33 -0.09
CA LEU A 114 15.59 6.28 0.16
C LEU A 114 16.44 5.81 -1.04
N ASP A 115 16.15 6.29 -2.25
CA ASP A 115 16.94 5.89 -3.41
C ASP A 115 16.88 6.89 -4.57
N GLY A 116 16.26 8.06 -4.35
CA GLY A 116 16.06 9.03 -5.42
C GLY A 116 14.66 8.91 -6.04
N ARG A 117 13.75 8.22 -5.35
CA ARG A 117 12.37 8.00 -5.77
C ARG A 117 11.50 7.97 -4.52
N GLU A 118 11.56 9.09 -3.83
CA GLU A 118 11.09 9.24 -2.48
C GLU A 118 9.68 8.74 -2.25
N LEU A 119 9.58 7.92 -1.23
CA LEU A 119 8.33 7.33 -0.77
C LEU A 119 7.18 8.33 -0.82
N ARG A 120 6.04 7.84 -1.29
CA ARG A 120 4.83 8.64 -1.46
C ARG A 120 3.68 7.89 -0.81
N VAL A 121 2.93 8.59 0.05
CA VAL A 121 1.79 8.02 0.76
C VAL A 121 0.71 9.08 0.92
N GLN A 122 -0.47 8.77 0.37
CA GLN A 122 -1.64 9.64 0.38
C GLN A 122 -2.89 8.79 0.27
N MET A 123 -4.04 9.38 0.56
CA MET A 123 -5.33 8.70 0.66
C MET A 123 -5.69 7.94 -0.62
N ALA A 124 -6.70 7.06 -0.52
CA ALA A 124 -7.16 6.25 -1.62
C ALA A 124 -8.69 6.27 -1.73
N ARG A 125 -9.19 6.24 -2.97
CA ARG A 125 -10.63 6.28 -3.27
C ARG A 125 -10.95 5.57 -4.58
N TYR A 126 -9.93 5.05 -5.26
CA TYR A 126 -10.04 4.47 -6.60
C TYR A 126 -10.63 3.05 -6.59
N GLY A 127 -11.81 2.86 -6.00
CA GLY A 127 -12.51 1.58 -6.01
C GLY A 127 -11.61 0.42 -5.59
N ARG A 128 -11.86 -0.78 -6.12
CA ARG A 128 -11.00 -1.95 -5.90
C ARG A 128 -11.14 -2.91 -7.10
N PRO A 129 -10.15 -3.77 -7.35
CA PRO A 129 -10.13 -4.72 -8.45
C PRO A 129 -11.48 -5.30 -8.88
N PRO A 130 -12.08 -4.77 -9.97
CA PRO A 130 -13.28 -5.33 -10.58
C PRO A 130 -12.89 -6.47 -11.54
N ASP A 131 -11.66 -6.43 -12.04
CA ASP A 131 -11.07 -7.39 -12.95
C ASP A 131 -9.56 -7.42 -12.70
N SER A 132 -8.78 -8.04 -13.61
CA SER A 132 -7.34 -8.11 -13.44
C SER A 132 -6.58 -7.61 -14.67
N HIS A 133 -6.46 -8.42 -15.70
CA HIS A 133 -5.69 -8.09 -16.88
C HIS A 133 -6.09 -8.94 -18.08
N HIS A 134 -7.29 -9.56 -18.01
CA HIS A 134 -7.77 -10.47 -19.03
C HIS A 134 -9.23 -10.20 -19.39
N SER A 135 -9.78 -9.07 -18.91
CA SER A 135 -11.16 -8.69 -19.13
C SER A 135 -11.28 -7.18 -19.28
N MET A 35 -0.67 -19.42 -1.14
CA MET A 35 -1.65 -18.32 -1.32
C MET A 35 -1.70 -17.46 -0.07
N SER A 36 -1.91 -16.15 -0.25
CA SER A 36 -1.99 -15.19 0.84
C SER A 36 -2.93 -14.04 0.48
N TYR A 37 -3.48 -13.39 1.51
CA TYR A 37 -4.44 -12.29 1.38
C TYR A 37 -5.55 -12.58 0.37
N GLY A 38 -5.85 -13.84 0.12
CA GLY A 38 -6.82 -14.21 -0.91
C GLY A 38 -8.18 -13.56 -0.65
N ARG A 39 -8.69 -13.60 0.59
CA ARG A 39 -9.96 -12.97 0.93
C ARG A 39 -10.21 -12.84 2.44
N PRO A 40 -9.20 -12.49 3.26
CA PRO A 40 -9.44 -12.27 4.67
C PRO A 40 -10.33 -11.03 4.80
N PRO A 41 -11.45 -11.11 5.54
CA PRO A 41 -12.47 -10.08 5.57
C PRO A 41 -11.95 -8.81 6.26
N PRO A 42 -11.80 -7.72 5.50
CA PRO A 42 -11.41 -6.42 6.01
C PRO A 42 -12.66 -5.64 6.44
N ASP A 43 -12.52 -4.32 6.57
CA ASP A 43 -13.63 -3.43 6.89
C ASP A 43 -13.52 -2.15 6.07
N VAL A 44 -13.00 -2.28 4.83
CA VAL A 44 -12.79 -1.18 3.89
C VAL A 44 -14.06 -0.40 3.56
N GLU A 45 -15.20 -0.80 4.11
CA GLU A 45 -16.48 -0.15 3.88
C GLU A 45 -16.90 0.68 5.08
N GLY A 46 -16.00 0.81 6.07
CA GLY A 46 -16.26 1.56 7.28
C GLY A 46 -14.97 2.01 7.95
N MET A 47 -13.85 2.00 7.22
CA MET A 47 -12.54 2.40 7.76
C MET A 47 -11.75 3.19 6.73
N THR A 48 -10.64 3.80 7.16
CA THR A 48 -9.77 4.57 6.28
C THR A 48 -9.20 3.65 5.20
N SER A 49 -8.61 4.25 4.15
CA SER A 49 -8.01 3.52 3.04
C SER A 49 -6.82 4.31 2.53
N LEU A 50 -5.81 4.53 3.38
CA LEU A 50 -4.62 5.25 2.94
C LEU A 50 -3.94 4.44 1.85
N LYS A 51 -3.16 5.09 0.98
CA LYS A 51 -2.37 4.39 -0.03
C LYS A 51 -0.91 4.82 0.06
N VAL A 52 0.00 3.88 -0.16
CA VAL A 52 1.42 4.20 -0.26
C VAL A 52 1.97 3.60 -1.55
N ASP A 53 3.02 4.22 -2.10
CA ASP A 53 3.64 3.84 -3.35
C ASP A 53 5.12 4.22 -3.34
N ASN A 54 5.77 4.10 -4.51
CA ASN A 54 7.14 4.57 -4.75
C ASN A 54 8.22 3.59 -4.27
N LEU A 55 7.89 2.29 -4.24
CA LEU A 55 8.81 1.24 -3.78
C LEU A 55 10.13 1.36 -4.52
N THR A 56 11.21 1.47 -3.76
CA THR A 56 12.54 1.58 -4.31
C THR A 56 13.00 0.22 -4.85
N TYR A 57 14.10 0.20 -5.61
CA TYR A 57 14.66 -1.00 -6.21
C TYR A 57 15.17 -2.01 -5.15
N ARG A 58 14.89 -1.76 -3.88
CA ARG A 58 15.40 -2.53 -2.75
C ARG A 58 14.29 -2.84 -1.74
N THR A 59 13.03 -2.72 -2.16
CA THR A 59 11.90 -2.84 -1.26
C THR A 59 10.95 -3.96 -1.69
N SER A 60 10.03 -4.34 -0.79
CA SER A 60 9.09 -5.43 -1.00
C SER A 60 7.83 -5.16 -0.16
N PRO A 61 6.71 -5.85 -0.42
CA PRO A 61 5.46 -5.63 0.29
C PRO A 61 5.55 -6.09 1.75
N ASP A 62 6.38 -7.10 2.02
CA ASP A 62 6.53 -7.60 3.38
C ASP A 62 7.25 -6.57 4.24
N THR A 63 8.22 -5.88 3.65
CA THR A 63 8.91 -4.81 4.35
C THR A 63 7.95 -3.63 4.49
N LEU A 64 7.20 -3.30 3.43
CA LEU A 64 6.26 -2.20 3.48
C LEU A 64 5.28 -2.38 4.64
N ARG A 65 5.05 -3.62 5.06
CA ARG A 65 4.13 -3.91 6.15
C ARG A 65 4.80 -3.62 7.48
N ARG A 66 5.97 -4.22 7.73
CA ARG A 66 6.66 -4.03 9.01
C ARG A 66 7.03 -2.56 9.20
N VAL A 67 7.28 -1.87 8.09
CA VAL A 67 7.79 -0.51 8.11
C VAL A 67 6.67 0.49 8.41
N PHE A 68 5.44 0.20 7.97
CA PHE A 68 4.30 1.08 8.19
C PHE A 68 3.40 0.57 9.31
N GLU A 69 3.62 -0.65 9.81
CA GLU A 69 2.83 -1.18 10.90
C GLU A 69 3.21 -0.52 12.23
N LYS A 70 4.44 -0.01 12.35
CA LYS A 70 4.89 0.60 13.58
C LYS A 70 4.17 1.92 13.87
N TYR A 71 3.64 2.56 12.83
CA TYR A 71 2.87 3.79 12.99
C TYR A 71 1.49 3.52 13.61
N GLY A 72 1.06 2.26 13.60
CA GLY A 72 -0.17 1.86 14.28
C GLY A 72 -0.63 0.49 13.81
N ARG A 73 -1.31 0.46 12.65
CA ARG A 73 -1.75 -0.78 12.03
C ARG A 73 -2.08 -0.57 10.56
N VAL A 74 -2.12 -1.67 9.81
CA VAL A 74 -2.34 -1.67 8.38
C VAL A 74 -3.32 -2.79 8.05
N GLY A 75 -4.19 -2.59 7.04
CA GLY A 75 -5.18 -3.59 6.69
C GLY A 75 -4.55 -4.65 5.79
N ASP A 76 -3.79 -4.20 4.78
CA ASP A 76 -3.08 -5.10 3.88
C ASP A 76 -2.10 -4.32 3.03
N VAL A 77 -1.22 -5.05 2.35
CA VAL A 77 -0.28 -4.51 1.39
C VAL A 77 -0.55 -5.20 0.05
N TYR A 78 -0.27 -4.54 -1.06
CA TYR A 78 -0.65 -5.08 -2.34
C TYR A 78 0.32 -4.68 -3.46
N ILE A 79 0.61 -5.62 -4.37
CA ILE A 79 1.40 -5.38 -5.57
C ILE A 79 0.74 -6.13 -6.72
N PRO A 80 0.12 -5.40 -7.66
CA PRO A 80 -0.66 -5.98 -8.74
C PRO A 80 0.19 -6.64 -9.81
N ARG A 81 1.46 -6.25 -9.89
CA ARG A 81 2.41 -6.70 -10.92
C ARG A 81 1.71 -6.86 -12.27
N ASP A 82 1.44 -8.12 -12.65
CA ASP A 82 0.72 -8.47 -13.86
C ASP A 82 -0.17 -9.67 -13.60
N ARG A 83 -0.33 -10.02 -12.32
CA ARG A 83 -1.10 -11.15 -11.81
C ARG A 83 -0.71 -12.53 -12.39
N TYR A 84 -0.01 -12.61 -13.51
CA TYR A 84 0.35 -13.91 -14.10
C TYR A 84 1.75 -13.95 -14.72
N THR A 85 2.47 -12.81 -14.70
CA THR A 85 3.87 -12.80 -15.11
C THR A 85 4.75 -12.25 -13.98
N LYS A 86 4.15 -11.51 -13.05
CA LYS A 86 4.78 -11.00 -11.84
C LYS A 86 6.13 -10.31 -12.09
N GLU A 87 6.35 -9.81 -13.31
CA GLU A 87 7.62 -9.21 -13.72
C GLU A 87 7.80 -7.77 -13.20
N SER A 88 7.06 -7.38 -12.16
CA SER A 88 7.13 -6.02 -11.64
C SER A 88 7.03 -5.98 -10.11
N ARG A 89 7.32 -4.81 -9.54
CA ARG A 89 7.30 -4.50 -8.12
C ARG A 89 7.59 -3.00 -7.90
N GLY A 90 7.39 -2.16 -8.91
CA GLY A 90 7.79 -0.76 -8.87
C GLY A 90 7.01 0.06 -7.84
N PHE A 91 5.96 -0.54 -7.25
CA PHE A 91 5.13 0.10 -6.24
C PHE A 91 4.39 -0.98 -5.45
N ALA A 92 3.85 -0.61 -4.30
CA ALA A 92 3.08 -1.53 -3.47
C ALA A 92 2.01 -0.73 -2.75
N PHE A 93 0.81 -0.70 -3.33
CA PHE A 93 -0.35 -0.02 -2.77
C PHE A 93 -0.66 -0.64 -1.41
N VAL A 94 -0.17 0.00 -0.35
CA VAL A 94 -0.49 -0.46 1.00
C VAL A 94 -1.70 0.30 1.49
N ARG A 95 -2.52 -0.35 2.33
CA ARG A 95 -3.82 0.18 2.72
C ARG A 95 -3.97 0.24 4.23
N PHE A 96 -4.11 1.45 4.78
CA PHE A 96 -4.32 1.63 6.22
C PHE A 96 -5.80 1.80 6.54
N HIS A 97 -6.12 1.62 7.82
CA HIS A 97 -7.50 1.68 8.31
C HIS A 97 -7.72 2.62 9.48
N ASP A 98 -6.69 2.90 10.27
CA ASP A 98 -6.83 3.90 11.32
C ASP A 98 -6.55 5.28 10.71
N LYS A 99 -7.53 6.19 10.75
CA LYS A 99 -7.35 7.52 10.20
C LYS A 99 -6.17 8.22 10.85
N ARG A 100 -6.10 8.22 12.19
CA ARG A 100 -5.05 8.91 12.91
C ARG A 100 -3.66 8.33 12.60
N ASP A 101 -3.57 7.02 12.34
CA ASP A 101 -2.28 6.39 12.08
C ASP A 101 -1.94 6.48 10.60
N ALA A 102 -2.94 6.77 9.76
CA ALA A 102 -2.77 6.92 8.33
C ALA A 102 -2.24 8.32 8.05
N GLU A 103 -2.88 9.33 8.65
CA GLU A 103 -2.43 10.70 8.44
C GLU A 103 -1.07 10.93 9.07
N ASP A 104 -0.70 10.17 10.12
CA ASP A 104 0.60 10.33 10.73
C ASP A 104 1.68 9.67 9.86
N ALA A 105 1.39 8.50 9.30
CA ALA A 105 2.37 7.80 8.47
C ALA A 105 2.73 8.61 7.23
N MET A 106 1.77 9.36 6.67
CA MET A 106 2.07 10.17 5.50
C MET A 106 2.83 11.42 5.94
N ASP A 107 2.46 11.97 7.09
CA ASP A 107 3.09 13.17 7.64
C ASP A 107 4.43 12.85 8.30
N ALA A 108 4.86 11.57 8.28
CA ALA A 108 6.08 11.18 8.97
C ALA A 108 7.01 10.32 8.11
N MET A 109 6.59 9.95 6.88
CA MET A 109 7.48 9.20 6.01
C MET A 109 7.45 9.66 4.55
N ASP A 110 6.34 10.22 4.06
CA ASP A 110 6.29 10.64 2.68
C ASP A 110 7.32 11.74 2.42
N GLY A 111 8.04 11.60 1.31
CA GLY A 111 9.02 12.60 0.90
C GLY A 111 10.35 12.45 1.62
N ALA A 112 10.55 11.35 2.36
CA ALA A 112 11.77 11.09 3.11
C ALA A 112 12.86 10.51 2.18
N VAL A 113 12.79 10.88 0.91
CA VAL A 113 13.60 10.32 -0.16
C VAL A 113 15.05 10.79 -0.07
N LEU A 114 15.92 10.05 -0.77
CA LEU A 114 17.35 10.30 -0.81
C LEU A 114 18.00 9.68 -2.06
N ASP A 115 17.19 9.32 -3.07
CA ASP A 115 17.68 8.70 -4.29
C ASP A 115 16.85 9.17 -5.51
N GLY A 116 15.92 10.10 -5.31
CA GLY A 116 15.01 10.55 -6.35
C GLY A 116 13.64 9.91 -6.21
N ARG A 117 13.52 8.93 -5.32
CA ARG A 117 12.28 8.20 -5.03
C ARG A 117 12.51 7.30 -3.82
N GLU A 118 11.70 7.48 -2.77
CA GLU A 118 11.67 6.53 -1.66
C GLU A 118 10.22 6.28 -1.22
N LEU A 119 9.43 7.34 -1.03
CA LEU A 119 8.03 7.22 -0.62
C LEU A 119 7.12 8.17 -1.39
N ARG A 120 5.86 7.76 -1.50
CA ARG A 120 4.74 8.57 -1.96
C ARG A 120 3.49 8.08 -1.23
N VAL A 121 2.98 8.86 -0.29
CA VAL A 121 1.83 8.46 0.52
C VAL A 121 0.78 9.56 0.59
N GLN A 122 -0.48 9.15 0.53
CA GLN A 122 -1.66 10.01 0.63
C GLN A 122 -2.89 9.11 0.73
N MET A 123 -4.05 9.73 0.90
CA MET A 123 -5.31 9.00 0.97
C MET A 123 -5.71 8.58 -0.44
N ALA A 124 -6.37 7.42 -0.55
CA ALA A 124 -6.87 6.93 -1.83
C ALA A 124 -8.04 7.80 -2.29
N ARG A 125 -8.16 8.01 -3.61
CA ARG A 125 -9.33 8.65 -4.20
C ARG A 125 -9.78 7.82 -5.40
N TYR A 126 -9.32 6.55 -5.40
CA TYR A 126 -9.64 5.56 -6.40
C TYR A 126 -9.76 4.21 -5.67
N GLY A 127 -10.74 3.39 -6.07
CA GLY A 127 -11.10 2.20 -5.33
C GLY A 127 -10.89 0.93 -6.14
N ARG A 128 -11.47 -0.18 -5.67
CA ARG A 128 -11.40 -1.48 -6.30
C ARG A 128 -11.63 -1.35 -7.81
N PRO A 129 -10.72 -1.89 -8.64
CA PRO A 129 -10.83 -1.80 -10.09
C PRO A 129 -12.02 -2.62 -10.58
N PRO A 130 -12.73 -2.13 -11.60
CA PRO A 130 -13.87 -2.83 -12.18
C PRO A 130 -13.41 -3.99 -13.04
N ASP A 131 -12.26 -3.85 -13.70
CA ASP A 131 -11.67 -4.90 -14.51
C ASP A 131 -10.24 -4.55 -14.90
N SER A 132 -9.36 -5.54 -14.79
CA SER A 132 -7.98 -5.47 -15.26
C SER A 132 -7.47 -6.85 -15.68
N HIS A 133 -8.31 -7.89 -15.57
CA HIS A 133 -7.88 -9.26 -15.80
C HIS A 133 -9.06 -10.11 -16.27
N HIS A 134 -8.88 -10.88 -17.33
CA HIS A 134 -9.94 -11.71 -17.89
C HIS A 134 -9.40 -12.87 -18.72
N SER A 135 -8.07 -13.01 -18.82
CA SER A 135 -7.44 -14.06 -19.61
C SER A 135 -6.06 -14.42 -19.07
N MET A 35 -3.28 -20.25 -0.73
CA MET A 35 -3.20 -19.01 -1.53
C MET A 35 -3.33 -17.79 -0.62
N SER A 36 -2.20 -17.15 -0.31
CA SER A 36 -2.17 -15.97 0.55
C SER A 36 -3.04 -14.86 -0.04
N TYR A 37 -3.80 -14.21 0.85
CA TYR A 37 -4.72 -13.12 0.54
C TYR A 37 -5.56 -13.38 -0.71
N GLY A 38 -5.84 -14.66 -1.01
CA GLY A 38 -6.56 -15.05 -2.19
C GLY A 38 -8.07 -14.84 -2.07
N ARG A 39 -8.48 -13.57 -1.92
CA ARG A 39 -9.86 -13.06 -2.02
C ARG A 39 -10.54 -12.68 -0.69
N PRO A 40 -9.82 -12.40 0.42
CA PRO A 40 -10.47 -12.07 1.67
C PRO A 40 -11.10 -10.67 1.58
N PRO A 41 -12.19 -10.44 2.31
CA PRO A 41 -12.90 -9.17 2.32
C PRO A 41 -12.15 -8.12 3.13
N PRO A 42 -12.20 -6.87 2.68
CA PRO A 42 -11.60 -5.72 3.35
C PRO A 42 -12.54 -5.21 4.46
N ASP A 43 -12.22 -4.03 4.99
CA ASP A 43 -13.03 -3.37 6.01
C ASP A 43 -13.23 -1.91 5.61
N VAL A 44 -12.99 -1.60 4.33
CA VAL A 44 -13.07 -0.27 3.73
C VAL A 44 -14.46 0.33 3.81
N GLU A 45 -15.44 -0.45 4.27
CA GLU A 45 -16.83 -0.02 4.38
C GLU A 45 -17.04 1.08 5.43
N GLY A 46 -15.98 1.51 6.13
CA GLY A 46 -16.13 2.53 7.15
C GLY A 46 -14.80 2.94 7.81
N MET A 47 -13.71 3.01 7.04
CA MET A 47 -12.41 3.35 7.61
C MET A 47 -11.57 4.20 6.65
N THR A 48 -10.51 4.81 7.19
CA THR A 48 -9.62 5.70 6.43
C THR A 48 -8.72 4.90 5.51
N SER A 49 -9.16 4.73 4.27
CA SER A 49 -8.42 4.02 3.23
C SER A 49 -7.21 4.85 2.81
N LEU A 50 -6.09 4.70 3.53
CA LEU A 50 -4.89 5.47 3.22
C LEU A 50 -3.88 4.52 2.59
N LYS A 51 -3.26 4.96 1.49
CA LYS A 51 -2.46 4.06 0.67
C LYS A 51 -1.09 4.63 0.34
N VAL A 52 -0.14 3.73 0.05
CA VAL A 52 1.26 4.12 -0.17
C VAL A 52 1.83 3.46 -1.41
N ASP A 53 2.85 4.08 -2.00
CA ASP A 53 3.51 3.63 -3.22
C ASP A 53 4.97 4.10 -3.25
N ASN A 54 5.63 3.92 -4.39
CA ASN A 54 6.96 4.45 -4.69
C ASN A 54 8.10 3.53 -4.24
N LEU A 55 7.84 2.22 -4.16
CA LEU A 55 8.81 1.22 -3.73
C LEU A 55 10.09 1.37 -4.53
N THR A 56 11.21 1.51 -3.82
CA THR A 56 12.50 1.65 -4.45
C THR A 56 13.00 0.29 -4.95
N TYR A 57 14.11 0.30 -5.70
CA TYR A 57 14.70 -0.88 -6.32
C TYR A 57 15.19 -1.94 -5.32
N ARG A 58 14.92 -1.76 -4.02
CA ARG A 58 15.41 -2.65 -2.98
C ARG A 58 14.32 -3.01 -1.97
N THR A 59 13.05 -2.75 -2.31
CA THR A 59 11.95 -2.88 -1.37
C THR A 59 10.94 -3.94 -1.80
N SER A 60 10.07 -4.35 -0.87
CA SER A 60 9.11 -5.43 -1.05
C SER A 60 7.90 -5.20 -0.14
N PRO A 61 6.79 -5.94 -0.34
CA PRO A 61 5.58 -5.73 0.44
C PRO A 61 5.76 -6.16 1.89
N ASP A 62 6.63 -7.14 2.14
CA ASP A 62 6.86 -7.61 3.50
C ASP A 62 7.56 -6.52 4.31
N THR A 63 8.43 -5.75 3.64
CA THR A 63 9.12 -4.65 4.31
C THR A 63 8.15 -3.49 4.42
N LEU A 64 7.40 -3.19 3.37
CA LEU A 64 6.43 -2.09 3.42
C LEU A 64 5.42 -2.33 4.54
N ARG A 65 5.27 -3.59 4.99
CA ARG A 65 4.33 -3.91 6.06
C ARG A 65 4.96 -3.59 7.39
N ARG A 66 6.13 -4.17 7.69
CA ARG A 66 6.78 -3.95 8.97
C ARG A 66 7.13 -2.48 9.16
N VAL A 67 7.40 -1.78 8.05
CA VAL A 67 7.86 -0.41 8.07
C VAL A 67 6.71 0.55 8.36
N PHE A 68 5.51 0.24 7.85
CA PHE A 68 4.33 1.08 8.03
C PHE A 68 3.43 0.57 9.15
N GLU A 69 3.66 -0.63 9.66
CA GLU A 69 2.87 -1.19 10.75
C GLU A 69 3.21 -0.51 12.08
N LYS A 70 4.43 0.01 12.23
CA LYS A 70 4.87 0.60 13.49
C LYS A 70 4.11 1.89 13.81
N TYR A 71 3.55 2.53 12.78
CA TYR A 71 2.76 3.75 12.95
C TYR A 71 1.39 3.43 13.55
N GLY A 72 0.91 2.20 13.38
CA GLY A 72 -0.34 1.79 13.98
C GLY A 72 -0.80 0.44 13.48
N ARG A 73 -1.39 0.40 12.28
CA ARG A 73 -1.89 -0.84 11.71
C ARG A 73 -2.00 -0.74 10.18
N VAL A 74 -2.14 -1.90 9.55
CA VAL A 74 -2.23 -2.04 8.09
C VAL A 74 -3.32 -3.06 7.80
N GLY A 75 -4.21 -2.76 6.87
CA GLY A 75 -5.28 -3.67 6.51
C GLY A 75 -4.79 -4.65 5.45
N ASP A 76 -3.99 -4.15 4.50
CA ASP A 76 -3.38 -4.95 3.45
C ASP A 76 -2.16 -4.22 2.90
N VAL A 77 -1.29 -4.98 2.24
CA VAL A 77 -0.09 -4.49 1.57
C VAL A 77 0.01 -5.22 0.24
N TYR A 78 -0.87 -4.79 -0.65
CA TYR A 78 -1.19 -5.39 -1.93
C TYR A 78 -0.18 -4.96 -2.99
N ILE A 79 0.17 -5.86 -3.91
CA ILE A 79 0.99 -5.57 -5.07
C ILE A 79 0.41 -6.33 -6.25
N PRO A 80 0.18 -5.67 -7.40
CA PRO A 80 -0.22 -6.34 -8.61
C PRO A 80 0.66 -7.54 -8.92
N ARG A 81 0.09 -8.53 -9.61
CA ARG A 81 0.79 -9.75 -9.99
C ARG A 81 0.46 -10.10 -11.44
N ASP A 82 -0.02 -9.11 -12.19
CA ASP A 82 -0.44 -9.27 -13.58
C ASP A 82 -1.24 -10.55 -13.81
N ARG A 83 -1.91 -11.01 -12.73
CA ARG A 83 -2.75 -12.19 -12.63
C ARG A 83 -2.24 -13.47 -13.33
N TYR A 84 -1.02 -13.44 -13.92
CA TYR A 84 -0.37 -14.60 -14.53
C TYR A 84 1.12 -14.39 -14.81
N THR A 85 1.69 -13.20 -14.59
CA THR A 85 3.13 -12.99 -14.80
C THR A 85 3.85 -12.63 -13.50
N LYS A 86 3.07 -12.20 -12.50
CA LYS A 86 3.54 -11.82 -11.17
C LYS A 86 4.79 -10.94 -11.18
N GLU A 87 4.95 -10.14 -12.24
CA GLU A 87 5.98 -9.13 -12.33
C GLU A 87 5.66 -7.98 -11.37
N SER A 88 6.23 -6.80 -11.60
CA SER A 88 6.10 -5.66 -10.71
C SER A 88 5.88 -4.36 -11.50
N ARG A 89 5.59 -3.27 -10.77
CA ARG A 89 5.28 -1.97 -11.36
C ARG A 89 5.97 -0.83 -10.62
N GLY A 90 6.80 -1.15 -9.61
CA GLY A 90 7.58 -0.14 -8.91
C GLY A 90 6.86 0.39 -7.67
N PHE A 91 5.82 -0.28 -7.19
CA PHE A 91 5.10 0.17 -6.01
C PHE A 91 4.41 -1.00 -5.31
N ALA A 92 3.91 -0.71 -4.10
CA ALA A 92 3.16 -1.67 -3.31
C ALA A 92 2.08 -0.90 -2.56
N PHE A 93 0.85 -0.99 -3.08
CA PHE A 93 -0.31 -0.27 -2.61
C PHE A 93 -0.71 -0.83 -1.24
N VAL A 94 -0.14 -0.24 -0.19
CA VAL A 94 -0.57 -0.57 1.16
C VAL A 94 -1.91 0.12 1.38
N ARG A 95 -2.70 -0.36 2.35
CA ARG A 95 -3.95 0.28 2.68
C ARG A 95 -4.13 0.29 4.21
N PHE A 96 -4.42 1.46 4.78
CA PHE A 96 -4.59 1.68 6.21
C PHE A 96 -6.08 1.87 6.52
N HIS A 97 -6.41 1.95 7.81
CA HIS A 97 -7.79 2.08 8.26
C HIS A 97 -8.01 3.12 9.35
N ASP A 98 -7.08 3.26 10.31
CA ASP A 98 -7.26 4.23 11.37
C ASP A 98 -6.72 5.58 10.90
N LYS A 99 -7.56 6.62 10.96
CA LYS A 99 -7.18 7.94 10.48
C LYS A 99 -5.89 8.41 11.12
N ARG A 100 -5.78 8.32 12.46
CA ARG A 100 -4.64 8.86 13.19
C ARG A 100 -3.29 8.30 12.75
N ASP A 101 -3.26 7.09 12.20
CA ASP A 101 -2.00 6.49 11.76
C ASP A 101 -1.92 6.42 10.24
N ALA A 102 -3.01 6.76 9.57
CA ALA A 102 -3.03 6.95 8.14
C ALA A 102 -2.40 8.32 7.87
N GLU A 103 -2.82 9.34 8.63
CA GLU A 103 -2.28 10.67 8.45
C GLU A 103 -0.91 10.83 9.10
N ASP A 104 -0.61 10.11 10.20
CA ASP A 104 0.70 10.22 10.81
C ASP A 104 1.77 9.56 9.94
N ALA A 105 1.49 8.37 9.41
CA ALA A 105 2.46 7.68 8.56
C ALA A 105 2.76 8.49 7.31
N MET A 106 1.74 9.21 6.81
CA MET A 106 1.89 10.10 5.68
C MET A 106 2.68 11.34 6.07
N ASP A 107 2.39 11.90 7.25
CA ASP A 107 3.03 13.12 7.70
C ASP A 107 4.40 12.82 8.31
N ALA A 108 4.83 11.56 8.28
CA ALA A 108 6.08 11.16 8.92
C ALA A 108 6.98 10.34 8.00
N MET A 109 6.51 9.96 6.80
CA MET A 109 7.35 9.21 5.89
C MET A 109 7.26 9.66 4.42
N ASP A 110 6.15 10.23 3.96
CA ASP A 110 6.12 10.66 2.57
C ASP A 110 7.16 11.76 2.36
N GLY A 111 7.87 11.66 1.23
CA GLY A 111 8.88 12.65 0.84
C GLY A 111 10.15 12.56 1.66
N ALA A 112 10.32 11.50 2.47
CA ALA A 112 11.51 11.32 3.30
C ALA A 112 12.65 10.71 2.47
N VAL A 113 12.67 11.07 1.20
CA VAL A 113 13.54 10.46 0.19
C VAL A 113 15.01 10.85 0.31
N LEU A 114 15.81 10.20 -0.53
CA LEU A 114 17.26 10.47 -0.58
C LEU A 114 17.85 10.17 -1.95
N ASP A 115 17.01 9.81 -2.93
CA ASP A 115 17.46 9.42 -4.25
C ASP A 115 16.54 9.95 -5.35
N GLY A 116 15.43 10.61 -4.98
CA GLY A 116 14.48 11.13 -5.94
C GLY A 116 13.18 10.33 -5.86
N ARG A 117 13.23 9.20 -5.13
CA ARG A 117 12.07 8.38 -4.83
C ARG A 117 12.40 7.49 -3.64
N GLU A 118 11.54 7.52 -2.62
CA GLU A 118 11.59 6.59 -1.51
C GLU A 118 10.16 6.26 -1.07
N LEU A 119 9.33 7.31 -0.87
CA LEU A 119 7.94 7.15 -0.49
C LEU A 119 7.03 8.12 -1.22
N ARG A 120 5.76 7.71 -1.34
CA ARG A 120 4.63 8.54 -1.74
C ARG A 120 3.39 7.93 -1.09
N VAL A 121 2.81 8.65 -0.14
CA VAL A 121 1.61 8.18 0.56
C VAL A 121 0.62 9.31 0.77
N GLN A 122 -0.60 9.07 0.32
CA GLN A 122 -1.74 9.99 0.39
C GLN A 122 -3.02 9.17 0.38
N MET A 123 -4.12 9.81 0.78
CA MET A 123 -5.42 9.19 0.89
C MET A 123 -5.87 8.67 -0.48
N ALA A 124 -6.51 7.50 -0.48
CA ALA A 124 -7.00 6.87 -1.71
C ALA A 124 -8.18 7.67 -2.28
N ARG A 125 -8.40 7.52 -3.59
CA ARG A 125 -9.55 8.09 -4.29
C ARG A 125 -9.97 7.11 -5.40
N TYR A 126 -9.53 5.87 -5.26
CA TYR A 126 -9.72 4.79 -6.21
C TYR A 126 -9.79 3.50 -5.39
N GLY A 127 -10.75 2.62 -5.71
CA GLY A 127 -11.06 1.47 -4.86
C GLY A 127 -10.57 0.14 -5.42
N ARG A 128 -10.77 -0.92 -4.63
CA ARG A 128 -10.31 -2.26 -4.95
C ARG A 128 -10.99 -2.77 -6.22
N PRO A 129 -10.24 -3.39 -7.14
CA PRO A 129 -10.78 -3.92 -8.38
C PRO A 129 -11.74 -5.07 -8.07
N PRO A 130 -12.92 -5.09 -8.70
CA PRO A 130 -13.92 -6.13 -8.51
C PRO A 130 -13.52 -7.42 -9.22
N ASP A 131 -12.65 -7.29 -10.22
CA ASP A 131 -12.09 -8.41 -10.97
C ASP A 131 -10.70 -8.00 -11.45
N SER A 132 -9.83 -8.98 -11.73
CA SER A 132 -8.46 -8.68 -12.09
C SER A 132 -8.32 -7.92 -13.42
N HIS A 133 -9.37 -7.85 -14.25
CA HIS A 133 -9.27 -7.10 -15.50
C HIS A 133 -10.64 -6.77 -16.08
N HIS A 134 -11.66 -6.69 -15.23
CA HIS A 134 -13.02 -6.37 -15.66
C HIS A 134 -13.73 -5.54 -14.59
N SER A 135 -14.89 -4.98 -14.94
CA SER A 135 -15.69 -4.15 -14.04
C SER A 135 -17.16 -4.18 -14.42
N MET A 35 2.74 -17.15 -2.56
CA MET A 35 2.24 -16.29 -1.48
C MET A 35 1.11 -15.42 -2.00
N SER A 36 -0.08 -15.53 -1.40
CA SER A 36 -1.27 -14.81 -1.81
C SER A 36 -2.12 -14.43 -0.60
N TYR A 37 -3.29 -13.84 -0.83
CA TYR A 37 -4.15 -13.34 0.22
C TYR A 37 -5.60 -13.84 0.05
N GLY A 38 -5.99 -14.21 -1.17
CA GLY A 38 -7.32 -14.69 -1.47
C GLY A 38 -8.33 -13.55 -1.59
N ARG A 39 -7.88 -12.37 -2.07
CA ARG A 39 -8.70 -11.17 -2.23
C ARG A 39 -9.77 -11.01 -1.14
N PRO A 40 -9.36 -10.98 0.14
CA PRO A 40 -10.29 -10.95 1.27
C PRO A 40 -11.06 -9.63 1.30
N PRO A 41 -12.28 -9.63 1.81
CA PRO A 41 -13.12 -8.45 1.90
C PRO A 41 -12.59 -7.50 2.98
N PRO A 42 -12.27 -6.25 2.61
CA PRO A 42 -11.82 -5.22 3.54
C PRO A 42 -13.02 -4.58 4.25
N ASP A 43 -12.79 -3.46 4.93
CA ASP A 43 -13.80 -2.75 5.69
C ASP A 43 -13.80 -1.27 5.32
N VAL A 44 -13.41 -0.97 4.07
CA VAL A 44 -13.29 0.39 3.55
C VAL A 44 -14.59 1.18 3.66
N GLU A 45 -15.69 0.49 3.95
CA GLU A 45 -17.01 1.09 4.09
C GLU A 45 -17.14 2.01 5.30
N GLY A 46 -16.08 2.16 6.10
CA GLY A 46 -16.15 2.98 7.30
C GLY A 46 -14.78 3.23 7.93
N MET A 47 -13.70 3.24 7.15
CA MET A 47 -12.37 3.48 7.70
C MET A 47 -11.48 4.28 6.74
N THR A 48 -10.36 4.79 7.25
CA THR A 48 -9.44 5.64 6.50
C THR A 48 -8.48 4.81 5.65
N SER A 49 -8.90 4.55 4.42
CA SER A 49 -8.10 3.81 3.45
C SER A 49 -6.89 4.62 3.03
N LEU A 50 -5.79 4.54 3.79
CA LEU A 50 -4.56 5.18 3.34
C LEU A 50 -4.02 4.41 2.15
N LYS A 51 -3.12 5.03 1.39
CA LYS A 51 -2.38 4.41 0.30
C LYS A 51 -0.90 4.76 0.39
N VAL A 52 -0.04 3.80 0.05
CA VAL A 52 1.41 4.01 -0.06
C VAL A 52 1.89 3.43 -1.39
N ASP A 53 2.92 4.07 -1.97
CA ASP A 53 3.57 3.68 -3.23
C ASP A 53 5.04 4.12 -3.23
N ASN A 54 5.70 4.01 -4.39
CA ASN A 54 7.04 4.54 -4.67
C ASN A 54 8.16 3.60 -4.19
N LEU A 55 7.90 2.30 -4.13
CA LEU A 55 8.86 1.29 -3.68
C LEU A 55 10.15 1.43 -4.46
N THR A 56 11.25 1.62 -3.74
CA THR A 56 12.56 1.75 -4.35
C THR A 56 13.03 0.40 -4.88
N TYR A 57 14.10 0.39 -5.68
CA TYR A 57 14.68 -0.82 -6.28
C TYR A 57 15.25 -1.79 -5.24
N ARG A 58 14.99 -1.55 -3.95
CA ARG A 58 15.56 -2.31 -2.84
C ARG A 58 14.49 -2.65 -1.80
N THR A 59 13.21 -2.57 -2.18
CA THR A 59 12.10 -2.72 -1.25
C THR A 59 11.13 -3.80 -1.72
N SER A 60 10.28 -4.28 -0.80
CA SER A 60 9.34 -5.38 -1.03
C SER A 60 8.10 -5.16 -0.16
N PRO A 61 6.98 -5.84 -0.44
CA PRO A 61 5.73 -5.62 0.28
C PRO A 61 5.82 -6.10 1.73
N ASP A 62 6.62 -7.14 1.99
CA ASP A 62 6.76 -7.64 3.35
C ASP A 62 7.45 -6.59 4.22
N THR A 63 8.39 -5.84 3.63
CA THR A 63 9.07 -4.78 4.34
C THR A 63 8.12 -3.60 4.47
N LEU A 64 7.40 -3.25 3.41
CA LEU A 64 6.44 -2.16 3.47
C LEU A 64 5.43 -2.40 4.58
N ARG A 65 5.24 -3.65 4.98
CA ARG A 65 4.28 -4.01 6.02
C ARG A 65 4.89 -3.70 7.37
N ARG A 66 6.05 -4.30 7.67
CA ARG A 66 6.70 -4.10 8.97
C ARG A 66 7.06 -2.64 9.18
N VAL A 67 7.37 -1.95 8.08
CA VAL A 67 7.86 -0.57 8.12
C VAL A 67 6.71 0.39 8.40
N PHE A 68 5.50 0.07 7.93
CA PHE A 68 4.33 0.92 8.14
C PHE A 68 3.43 0.40 9.26
N GLU A 69 3.65 -0.82 9.75
CA GLU A 69 2.86 -1.40 10.82
C GLU A 69 3.16 -0.68 12.14
N LYS A 70 4.36 -0.11 12.28
CA LYS A 70 4.77 0.57 13.51
C LYS A 70 3.97 1.84 13.75
N TYR A 71 3.42 2.43 12.68
CA TYR A 71 2.61 3.65 12.79
C TYR A 71 1.21 3.35 13.33
N GLY A 72 0.79 2.09 13.30
CA GLY A 72 -0.49 1.69 13.88
C GLY A 72 -0.90 0.30 13.42
N ARG A 73 -1.49 0.21 12.22
CA ARG A 73 -1.89 -1.06 11.63
C ARG A 73 -2.05 -0.93 10.12
N VAL A 74 -2.11 -2.08 9.45
CA VAL A 74 -2.18 -2.18 8.00
C VAL A 74 -3.30 -3.16 7.65
N GLY A 75 -4.27 -2.70 6.85
CA GLY A 75 -5.37 -3.55 6.43
C GLY A 75 -4.98 -4.37 5.22
N ASP A 76 -3.98 -3.90 4.46
CA ASP A 76 -3.45 -4.63 3.33
C ASP A 76 -2.11 -4.05 2.89
N VAL A 77 -1.30 -4.89 2.25
CA VAL A 77 -0.03 -4.53 1.66
C VAL A 77 0.13 -5.42 0.43
N TYR A 78 0.35 -4.84 -0.74
CA TYR A 78 0.24 -5.60 -1.97
C TYR A 78 0.99 -4.95 -3.11
N ILE A 79 1.34 -5.75 -4.13
CA ILE A 79 2.02 -5.30 -5.33
C ILE A 79 1.21 -5.80 -6.51
N PRO A 80 0.23 -4.99 -6.95
CA PRO A 80 -0.62 -5.27 -8.09
C PRO A 80 0.21 -5.61 -9.32
N ARG A 81 -0.40 -6.30 -10.29
CA ARG A 81 0.26 -6.70 -11.51
C ARG A 81 -0.75 -6.66 -12.65
N ASP A 82 -0.24 -6.53 -13.87
CA ASP A 82 -1.09 -6.67 -15.06
C ASP A 82 -1.57 -8.11 -15.19
N ARG A 83 -1.22 -8.93 -14.20
CA ARG A 83 -1.68 -10.28 -14.04
C ARG A 83 -1.31 -11.23 -15.18
N TYR A 84 -0.64 -10.71 -16.22
CA TYR A 84 -0.08 -11.52 -17.29
C TYR A 84 1.18 -10.91 -17.91
N THR A 85 1.64 -9.74 -17.42
CA THR A 85 2.92 -9.18 -17.84
C THR A 85 3.79 -8.84 -16.62
N LYS A 86 3.15 -8.64 -15.45
CA LYS A 86 3.77 -8.36 -14.16
C LYS A 86 4.92 -7.35 -14.20
N GLU A 87 4.95 -6.47 -15.20
CA GLU A 87 5.97 -5.44 -15.32
C GLU A 87 5.70 -4.26 -14.36
N SER A 88 4.69 -4.40 -13.50
CA SER A 88 4.24 -3.36 -12.58
C SER A 88 5.26 -3.00 -11.50
N ARG A 89 6.18 -3.92 -11.18
CA ARG A 89 7.26 -3.73 -10.21
C ARG A 89 7.77 -2.30 -10.19
N GLY A 90 7.58 -1.66 -9.04
CA GLY A 90 7.96 -0.27 -8.80
C GLY A 90 7.12 0.39 -7.70
N PHE A 91 6.10 -0.30 -7.20
CA PHE A 91 5.23 0.19 -6.14
C PHE A 91 4.69 -0.97 -5.32
N ALA A 92 4.02 -0.65 -4.21
CA ALA A 92 3.31 -1.61 -3.39
C ALA A 92 2.15 -0.87 -2.74
N PHE A 93 0.98 -0.94 -3.37
CA PHE A 93 -0.21 -0.28 -2.86
C PHE A 93 -0.55 -0.94 -1.52
N VAL A 94 -0.35 -0.21 -0.42
CA VAL A 94 -0.73 -0.71 0.90
C VAL A 94 -1.85 0.17 1.42
N ARG A 95 -2.62 -0.32 2.40
CA ARG A 95 -3.77 0.42 2.86
C ARG A 95 -3.88 0.41 4.39
N PHE A 96 -4.35 1.53 4.95
CA PHE A 96 -4.58 1.65 6.40
C PHE A 96 -6.07 1.82 6.67
N HIS A 97 -6.43 1.90 7.97
CA HIS A 97 -7.81 2.05 8.40
C HIS A 97 -7.98 3.10 9.50
N ASP A 98 -7.00 3.27 10.37
CA ASP A 98 -7.06 4.30 11.39
C ASP A 98 -6.74 5.67 10.79
N LYS A 99 -7.61 6.65 11.00
CA LYS A 99 -7.35 8.00 10.51
C LYS A 99 -6.07 8.55 11.11
N ARG A 100 -5.97 8.59 12.45
CA ARG A 100 -4.83 9.18 13.12
C ARG A 100 -3.51 8.53 12.71
N ASP A 101 -3.52 7.22 12.43
CA ASP A 101 -2.30 6.52 12.06
C ASP A 101 -2.04 6.67 10.56
N ALA A 102 -3.08 6.93 9.77
CA ALA A 102 -2.96 7.10 8.35
C ALA A 102 -2.39 8.49 8.03
N GLU A 103 -2.89 9.52 8.70
CA GLU A 103 -2.38 10.87 8.47
C GLU A 103 -1.02 11.08 9.15
N ASP A 104 -0.67 10.25 10.13
CA ASP A 104 0.65 10.35 10.72
C ASP A 104 1.69 9.68 9.84
N ALA A 105 1.35 8.53 9.25
CA ALA A 105 2.31 7.81 8.41
C ALA A 105 2.69 8.64 7.18
N MET A 106 1.76 9.43 6.64
CA MET A 106 2.09 10.27 5.50
C MET A 106 2.90 11.47 5.97
N ASP A 107 2.55 12.02 7.13
CA ASP A 107 3.21 13.16 7.72
C ASP A 107 4.54 12.78 8.37
N ALA A 108 4.93 11.50 8.31
CA ALA A 108 6.14 11.04 8.98
C ALA A 108 7.05 10.21 8.08
N MET A 109 6.63 9.88 6.86
CA MET A 109 7.51 9.12 5.96
C MET A 109 7.47 9.61 4.51
N ASP A 110 6.37 10.21 4.06
CA ASP A 110 6.29 10.65 2.67
C ASP A 110 7.30 11.75 2.41
N GLY A 111 7.97 11.67 1.25
CA GLY A 111 8.91 12.69 0.83
C GLY A 111 10.27 12.57 1.51
N ALA A 112 10.51 11.47 2.23
CA ALA A 112 11.76 11.25 2.94
C ALA A 112 12.81 10.68 1.98
N VAL A 113 12.71 11.07 0.71
CA VAL A 113 13.49 10.51 -0.38
C VAL A 113 14.93 11.00 -0.37
N LEU A 114 15.79 10.30 -1.12
CA LEU A 114 17.19 10.68 -1.27
C LEU A 114 17.80 10.15 -2.58
N ASP A 115 16.96 9.63 -3.48
CA ASP A 115 17.40 9.01 -4.72
C ASP A 115 16.51 9.41 -5.90
N GLY A 116 15.56 10.32 -5.66
CA GLY A 116 14.60 10.73 -6.66
C GLY A 116 13.25 10.03 -6.45
N ARG A 117 13.21 9.05 -5.53
CA ARG A 117 12.01 8.30 -5.19
C ARG A 117 12.32 7.42 -3.98
N GLU A 118 11.55 7.57 -2.90
CA GLU A 118 11.60 6.64 -1.78
C GLU A 118 10.19 6.34 -1.30
N LEU A 119 9.36 7.37 -1.09
CA LEU A 119 7.98 7.20 -0.63
C LEU A 119 7.02 8.12 -1.38
N ARG A 120 5.77 7.67 -1.45
CA ARG A 120 4.61 8.45 -1.88
C ARG A 120 3.42 7.91 -1.10
N VAL A 121 2.91 8.70 -0.15
CA VAL A 121 1.82 8.29 0.71
C VAL A 121 0.74 9.37 0.72
N GLN A 122 -0.52 8.93 0.59
CA GLN A 122 -1.67 9.82 0.54
C GLN A 122 -2.93 8.97 0.68
N MET A 123 -4.08 9.63 0.81
CA MET A 123 -5.35 8.96 1.01
C MET A 123 -5.85 8.36 -0.30
N ALA A 124 -6.42 7.16 -0.22
CA ALA A 124 -7.00 6.50 -1.38
C ALA A 124 -8.31 7.17 -1.80
N ARG A 125 -8.75 6.91 -3.04
CA ARG A 125 -10.02 7.40 -3.56
C ARG A 125 -10.61 6.33 -4.49
N TYR A 126 -10.07 5.11 -4.39
CA TYR A 126 -10.45 3.98 -5.23
C TYR A 126 -10.60 2.74 -4.34
N GLY A 127 -11.21 1.67 -4.85
CA GLY A 127 -11.52 0.49 -4.06
C GLY A 127 -10.88 -0.78 -4.60
N ARG A 128 -10.93 -1.84 -3.78
CA ARG A 128 -10.36 -3.15 -4.10
C ARG A 128 -10.95 -3.72 -5.39
N PRO A 129 -10.24 -4.66 -6.06
CA PRO A 129 -10.59 -5.27 -7.33
C PRO A 129 -12.09 -5.47 -7.58
N PRO A 130 -12.74 -4.54 -8.31
CA PRO A 130 -14.11 -4.70 -8.72
C PRO A 130 -14.19 -5.66 -9.90
N ASP A 131 -13.45 -5.34 -10.97
CA ASP A 131 -13.28 -6.19 -12.13
C ASP A 131 -12.31 -5.54 -13.12
N SER A 132 -11.25 -6.29 -13.43
CA SER A 132 -10.22 -5.88 -14.39
C SER A 132 -9.51 -7.09 -14.97
N HIS A 133 -10.01 -8.30 -14.67
CA HIS A 133 -9.29 -9.54 -14.92
C HIS A 133 -10.20 -10.69 -15.34
N HIS A 134 -11.42 -10.37 -15.79
CA HIS A 134 -12.37 -11.36 -16.27
C HIS A 134 -11.85 -12.12 -17.49
N SER A 135 -12.53 -13.20 -17.86
CA SER A 135 -12.18 -14.04 -19.00
C SER A 135 -13.45 -14.58 -19.66
#